data_8G4O
#
_entry.id   8G4O
#
_cell.length_a   1.00
_cell.length_b   1.00
_cell.length_c   1.00
_cell.angle_alpha   90.00
_cell.angle_beta   90.00
_cell.angle_gamma   90.00
#
_symmetry.space_group_name_H-M   'P 1'
#
loop_
_entity.id
_entity.type
_entity.pdbx_description
1 polymer 'Gamma-aminobutyric acid receptor subunit alpha-1'
2 polymer 'Gamma-aminobutyric acid receptor subunit beta-2'
3 polymer 'Gamma-aminobutyric acid receptor subunit gamma-2'
4 polymer 'Heavy Chain of 8E3 Fab'
5 polymer 'Light Chain of 8E3 Fab'
6 branched alpha-D-mannopyranose-(1-2)-alpha-D-mannopyranose-(1-3)-[alpha-D-mannopyranose-(1-3)-alpha-D-mannopyranose-(1-6)]beta-D-mannopyranose-(1-4)-2-acetamido-2-deoxy-beta-D-glucopyranose-(1-4)-2-acetamido-2-deoxy-beta-D-glucopyranose
7 branched alpha-D-mannopyranose-(1-3)-[alpha-D-mannopyranose-(1-6)]beta-D-mannopyranose-(1-4)-2-acetamido-2-deoxy-beta-D-glucopyranose-(1-4)-2-acetamido-2-deoxy-beta-D-glucopyranose
8 branched beta-D-mannopyranose-(1-4)-2-acetamido-2-deoxy-beta-D-glucopyranose-(1-4)-2-acetamido-2-deoxy-beta-D-glucopyranose
9 non-polymer 'GAMMA-AMINO-BUTANOIC ACID'
10 non-polymer (5M)-1-(2-aminoethyl)-7-chloro-5-(2-fluorophenyl)-1,3-dihydro-2H-1,4-benzodiazepin-2-one
11 non-polymer 2-acetamido-2-deoxy-beta-D-glucopyranose
#
loop_
_entity_poly.entity_id
_entity_poly.type
_entity_poly.pdbx_seq_one_letter_code
_entity_poly.pdbx_strand_id
1 'polypeptide(L)'
;MKKSRGLSDYLWAWTLILSTLSGRSYGQPSQDELKDNTTVFTRILDRLLDGYDNRLRPGLGERVTEVKTDIFVTSFGPVS
DHDMEYTIDVFFRQSWKDERLKFKGPMTVLRLNNLMASKIWTPDTFFHNGKKSVAHNMTMPNKLLRITEDGTLLYTMRLT
VRAECPMHLEDFPMDAHACPLKFGSYAYTRAEVVYEWTREPARSVVVAEDGSRLNQYDLLGQTVDSGIVQSSTGEYVVMT
THFHLKRKIGYFVIQTYLPCIMTVILSQVSFWLNRESVPARTVFGVTTVLTMTTLSISARNSLPKVAYATAMDWFIAVCY
AFVFSALIEFATVNYFTKRGYAWDGKSVVPEKPKKVKDPLIKKNNTYAPTATSYTPNLARGDPGLATIAKSATIEPKEVK
PETKPPEPKKTFNSVSKIDRLSRIAFPLLFGIFNLVYWATYLNREPQLKAPTPHQ
;
A,C
2 'polypeptide(L)'
;MWRVRKRGYFGIWSFPLIIAAVCAQSVNDPSNMSLVKETVDRLLKGYDIRLRPDFGGPPVAVGMNIDIASIDMVSEVNMD
YTLTMYFQQAWRDKRLSYNVIPLNLTLDNRVADQLWVPDTYFLNDKKSFVHGVTVKNRMIRLHPDGTVLYGLRITTTAAC
MMDLRRYPLDEQNCTLEIESYGYTTDDIEFYWRGDDNAVTGVTKIELPQFSIVDYKLITKKVVFSTGSYPRLSLSFKLKR
NIGYFILQTYMPSILITILSWVSFWINYDASAARVALGITTVLTMTTINTHLRETLPKIPYVKAIDMYLMGCFVFVFMAL
LEYALVNYIFFGRGPQRQKKAAEKAANANNEKMRLDVNKMFYKDIKQNGTQYRSLWDPTGDLSPTRRTTNYDFSLYTMDP
HENILLSTLEIKNEMATSEAVMGLGDPRSTMLAYDASSIQYRKAGLPRHSFGRNALERHVAQKKSRLRRRASQLKITIPD
LTDVNAIDRWSRIFFPVVFSFFNIVYWLYYVN
;
B,E
3 'polypeptide(L)'
;MSSPNTWSIGSSVYSPVFSQKMTLWILLLLSLYPGFTSQKSDDDYEDYASNKTWVLTPKVPEGDVTVILNNLLEGYDNKL
RPDIGVKPTLIHTDMYVNSIGPVNAINMEYTIDIFFAQTWYDRRLKFNSTIKVLRLNSNMVGKIWIPDTFFRNSKKADAH
WITTPNRMLRIWNDGRVLYTLRLTIDAECQLQLHNFPMDEHSCPLEFSSYGYPREEIVYQWKRSSVEVGDTRSWRLYQFS
FVGLRNTTEVVKTTSGDYVVMSVYFDLSRRMGYFTIQTYIPCTLIVVLSWVSFWINKDAVPARTSLGITTVLTMTTLSTI
ARKSLPKVSYVTAMDLFVSVCFIFVFSALVEYGTLHYFVSNRKPSKDKDKKKKNPLLRMFSFKAPTIDIRPRSATIQMNN
ATHLQERDEEYGYECLDGKDCASFFCCFEDCRTGAWRHGRIHIRIAKMDSYARIFFPTAFCLFNLVYWVSYLYL
;
D
4 'polypeptide(L)'
;EIQLQQSGPELVKPGTSVKVSCKASGYSFTDYNMYWVKQSHGKSLEWIGYIDPYNADTTYNREFKGKATLTVDKSSSTAF
MHLNSLTSEDSAVYYCARKRNNFYFDYWGQGTPLTVSSAKTTPPSVYPLAPGCGDTTGSSVTLGCLVKGYFPESVTVTWN
SGSLSSSVHTFPALLQSGLYTMSSSVTVPSSTWPSQTVTCSVAHPASSTTVDKKSAALEVLFQ
;
H,J
5 'polypeptide(L)'
;YIVMTQSPKSMSMSLGERVTLSCRASEYVGSYVSWYQQKPEQSPKLLIYGASNRYTGVPDRFAGSGSATDFTLTITSVQA
EDLADYHCGQTYNYPTFGGGTKLEIKRADAAPTVSIFPPSSEQLTSGGASVVCFLNNFYPKDINVKWKIDGSERQNGVLN
SWTDQDSKDSTYSMSSTLTLTKDEYERHNSYTCEATHKTSTSPIVKSFNRNEC
;
K,L
#
# COMPACT_ATOMS: atom_id res chain seq x y z
N ASP A 36 -14.02 50.34 -10.55
CA ASP A 36 -12.89 50.62 -11.43
C ASP A 36 -11.59 50.00 -10.88
N ASN A 37 -11.56 49.78 -9.57
CA ASN A 37 -10.37 49.18 -8.97
C ASN A 37 -10.11 47.80 -9.54
N THR A 38 -11.16 47.00 -9.73
CA THR A 38 -10.99 45.66 -10.27
C THR A 38 -10.42 45.70 -11.67
N THR A 39 -10.83 46.67 -12.48
CA THR A 39 -10.36 46.76 -13.86
C THR A 39 -8.84 46.91 -13.90
N VAL A 40 -8.29 47.78 -13.05
CA VAL A 40 -6.84 47.93 -12.97
C VAL A 40 -6.21 46.63 -12.52
N PHE A 41 -6.79 46.00 -11.49
CA PHE A 41 -6.21 44.76 -10.95
C PHE A 41 -6.22 43.65 -11.98
N THR A 42 -7.34 43.46 -12.68
CA THR A 42 -7.41 42.40 -13.67
C THR A 42 -6.51 42.70 -14.86
N ARG A 43 -6.36 43.97 -15.24
CA ARG A 43 -5.44 44.28 -16.32
C ARG A 43 -4.00 43.99 -15.92
N ILE A 44 -3.64 44.26 -14.67
CA ILE A 44 -2.30 43.94 -14.20
C ILE A 44 -2.07 42.43 -14.26
N LEU A 45 -3.05 41.66 -13.79
CA LEU A 45 -2.91 40.20 -13.83
C LEU A 45 -2.80 39.71 -15.27
N ASP A 46 -3.55 40.32 -16.19
CA ASP A 46 -3.46 39.94 -17.59
C ASP A 46 -2.06 40.21 -18.15
N ARG A 47 -1.49 41.37 -17.81
CA ARG A 47 -0.21 41.76 -18.40
C ARG A 47 0.99 41.08 -17.73
N LEU A 48 0.81 40.50 -16.55
CA LEU A 48 1.96 39.87 -15.88
C LEU A 48 2.59 38.79 -16.74
N LEU A 49 1.78 37.83 -17.19
CA LEU A 49 2.32 36.66 -17.89
C LEU A 49 2.74 36.94 -19.32
N ASP A 50 2.44 38.14 -19.85
CA ASP A 50 2.80 38.46 -21.21
C ASP A 50 4.31 38.46 -21.38
N GLY A 51 4.80 37.64 -22.30
CA GLY A 51 6.22 37.54 -22.56
C GLY A 51 7.00 36.70 -21.56
N TYR A 52 6.31 36.05 -20.62
CA TYR A 52 6.96 35.23 -19.61
C TYR A 52 7.07 33.80 -20.09
N ASP A 53 8.27 33.24 -20.06
CA ASP A 53 8.53 31.86 -20.45
C ASP A 53 8.92 31.09 -19.20
N ASN A 54 7.99 30.30 -18.66
CA ASN A 54 8.24 29.62 -17.41
C ASN A 54 9.28 28.50 -17.52
N ARG A 55 9.70 28.14 -18.73
CA ARG A 55 10.69 27.08 -18.86
C ARG A 55 12.04 27.50 -18.31
N LEU A 56 12.34 28.80 -18.30
CA LEU A 56 13.64 29.31 -17.89
C LEU A 56 13.54 29.99 -16.53
N ARG A 57 14.50 29.69 -15.67
CA ARG A 57 14.53 30.34 -14.37
C ARG A 57 14.87 31.82 -14.52
N PRO A 58 14.55 32.64 -13.52
CA PRO A 58 14.87 34.07 -13.63
C PRO A 58 16.36 34.28 -13.81
N GLY A 59 16.70 35.22 -14.68
CA GLY A 59 18.08 35.59 -14.89
C GLY A 59 18.96 34.42 -15.30
N LEU A 60 18.48 33.61 -16.24
CA LEU A 60 19.29 32.50 -16.74
C LEU A 60 20.44 33.05 -17.58
N GLY A 61 21.65 32.57 -17.31
CA GLY A 61 22.82 33.03 -18.03
C GLY A 61 23.36 34.36 -17.56
N GLU A 62 22.75 34.98 -16.55
CA GLU A 62 23.19 36.26 -16.02
C GLU A 62 23.63 36.17 -14.57
N ARG A 63 22.80 35.59 -13.71
CA ARG A 63 23.11 35.48 -12.29
C ARG A 63 22.39 34.29 -11.71
N VAL A 64 22.84 33.87 -10.53
CA VAL A 64 22.18 32.79 -9.83
C VAL A 64 20.83 33.28 -9.31
N THR A 65 19.88 32.35 -9.22
CA THR A 65 18.55 32.65 -8.70
C THR A 65 18.51 32.22 -7.24
N GLU A 66 18.86 33.15 -6.36
CA GLU A 66 18.81 32.89 -4.93
C GLU A 66 17.37 32.67 -4.50
N VAL A 67 17.18 31.77 -3.53
CA VAL A 67 15.86 31.37 -3.05
C VAL A 67 15.88 31.45 -1.53
N LYS A 68 15.33 32.51 -0.97
CA LYS A 68 15.13 32.57 0.47
C LYS A 68 14.06 31.56 0.87
N THR A 69 14.23 30.97 2.06
CA THR A 69 13.39 29.86 2.46
C THR A 69 13.19 29.89 3.97
N ASP A 70 12.09 29.28 4.41
CA ASP A 70 11.85 29.03 5.82
C ASP A 70 10.68 28.05 5.93
N ILE A 71 10.58 27.41 7.08
CA ILE A 71 9.60 26.35 7.31
C ILE A 71 8.91 26.62 8.63
N PHE A 72 7.59 26.42 8.65
CA PHE A 72 6.78 26.49 9.86
C PHE A 72 6.11 25.14 10.02
N VAL A 73 6.60 24.33 10.96
CA VAL A 73 6.08 22.98 11.17
C VAL A 73 4.81 23.08 11.99
N THR A 74 3.66 22.78 11.37
CA THR A 74 2.41 22.76 12.11
C THR A 74 2.42 21.66 13.16
N SER A 75 2.95 20.50 12.82
CA SER A 75 2.98 19.38 13.75
C SER A 75 3.94 18.30 13.29
N PHE A 76 4.82 17.87 14.17
CA PHE A 76 5.78 16.82 13.89
C PHE A 76 5.05 15.48 13.97
N GLY A 77 4.71 14.91 12.82
CA GLY A 77 3.92 13.71 12.77
C GLY A 77 4.55 12.53 13.47
N PRO A 78 3.88 11.39 13.45
CA PRO A 78 4.40 10.22 14.15
C PRO A 78 5.70 9.72 13.55
N VAL A 79 6.53 9.14 14.40
CA VAL A 79 7.82 8.58 14.02
C VAL A 79 7.64 7.07 13.90
N SER A 80 7.62 6.57 12.67
CA SER A 80 7.41 5.14 12.41
C SER A 80 8.78 4.47 12.40
N ASP A 81 9.22 4.02 13.57
CA ASP A 81 10.51 3.36 13.68
C ASP A 81 10.55 2.08 12.85
N HIS A 82 9.40 1.41 12.70
CA HIS A 82 9.38 0.17 11.94
C HIS A 82 9.80 0.41 10.50
N ASP A 83 9.29 1.48 9.88
CA ASP A 83 9.68 1.86 8.53
C ASP A 83 10.79 2.89 8.49
N MET A 84 11.31 3.31 9.64
CA MET A 84 12.36 4.31 9.72
C MET A 84 11.96 5.57 8.95
N GLU A 85 10.88 6.19 9.40
CA GLU A 85 10.38 7.39 8.76
C GLU A 85 9.56 8.19 9.77
N TYR A 86 9.38 9.46 9.46
CA TYR A 86 8.57 10.36 10.28
C TYR A 86 7.75 11.24 9.36
N THR A 87 6.52 11.51 9.77
CA THR A 87 5.65 12.42 9.03
C THR A 87 5.75 13.81 9.62
N ILE A 88 5.60 14.82 8.77
CA ILE A 88 5.72 16.20 9.19
C ILE A 88 4.85 17.06 8.28
N ASP A 89 4.02 17.91 8.89
CA ASP A 89 3.14 18.83 8.17
C ASP A 89 3.72 20.22 8.29
N VAL A 90 4.05 20.83 7.15
CA VAL A 90 4.82 22.06 7.13
C VAL A 90 4.15 23.10 6.26
N PHE A 91 4.38 24.37 6.59
CA PHE A 91 4.02 25.48 5.71
C PHE A 91 5.29 25.90 4.97
N PHE A 92 5.64 25.11 3.96
CA PHE A 92 6.85 25.37 3.20
C PHE A 92 6.76 26.72 2.50
N ARG A 93 7.54 27.69 2.95
CA ARG A 93 7.61 29.00 2.34
C ARG A 93 8.92 29.14 1.56
N GLN A 94 8.90 29.97 0.54
CA GLN A 94 10.11 30.19 -0.24
C GLN A 94 9.95 31.41 -1.14
N SER A 95 10.91 32.32 -1.08
CA SER A 95 10.88 33.57 -1.83
C SER A 95 12.08 33.65 -2.76
N TRP A 96 11.85 34.14 -3.98
CA TRP A 96 12.91 34.30 -4.95
C TRP A 96 12.67 35.56 -5.76
N LYS A 97 13.73 36.30 -6.02
CA LYS A 97 13.62 37.52 -6.82
C LYS A 97 13.42 37.14 -8.28
N ASP A 98 12.40 37.72 -8.91
CA ASP A 98 12.17 37.58 -10.34
C ASP A 98 11.95 38.96 -10.93
N GLU A 99 12.75 39.31 -11.94
CA GLU A 99 12.63 40.64 -12.52
C GLU A 99 11.50 40.72 -13.53
N ARG A 100 11.14 39.60 -14.15
CA ARG A 100 10.11 39.64 -15.18
C ARG A 100 8.75 40.02 -14.61
N LEU A 101 8.46 39.57 -13.39
CA LEU A 101 7.16 39.81 -12.76
C LEU A 101 7.19 41.13 -11.98
N LYS A 102 7.45 42.21 -12.69
CA LYS A 102 7.41 43.55 -12.13
C LYS A 102 6.14 44.26 -12.56
N PHE A 103 5.45 44.85 -11.60
CA PHE A 103 4.22 45.58 -11.86
C PHE A 103 4.21 46.84 -11.02
N LYS A 104 3.50 47.86 -11.51
CA LYS A 104 3.33 49.12 -10.80
C LYS A 104 1.85 49.46 -10.79
N GLY A 105 1.31 49.66 -9.58
CA GLY A 105 -0.09 49.96 -9.43
C GLY A 105 -0.46 50.26 -7.99
N PRO A 106 -1.74 50.54 -7.74
CA PRO A 106 -2.15 50.87 -6.37
C PRO A 106 -1.82 49.80 -5.35
N MET A 107 -1.94 48.53 -5.73
CA MET A 107 -1.70 47.44 -4.80
C MET A 107 -0.21 47.11 -4.73
N THR A 108 0.32 47.04 -3.52
CA THR A 108 1.72 46.65 -3.35
C THR A 108 1.92 45.16 -3.50
N VAL A 109 0.93 44.35 -3.10
CA VAL A 109 1.01 42.91 -3.15
C VAL A 109 -0.16 42.39 -3.97
N LEU A 110 0.14 41.50 -4.91
CA LEU A 110 -0.88 40.80 -5.69
C LEU A 110 -1.16 39.44 -5.08
N ARG A 111 -2.35 38.92 -5.39
CA ARG A 111 -2.74 37.57 -5.03
C ARG A 111 -2.95 36.79 -6.31
N LEU A 112 -2.27 35.65 -6.43
CA LEU A 112 -2.38 34.78 -7.60
C LEU A 112 -3.00 33.45 -7.18
N ASN A 113 -4.06 33.06 -7.87
CA ASN A 113 -4.70 31.78 -7.59
C ASN A 113 -3.80 30.64 -8.03
N ASN A 114 -4.12 29.44 -7.55
CA ASN A 114 -3.31 28.27 -7.86
C ASN A 114 -3.22 28.03 -9.37
N LEU A 115 -4.22 28.49 -10.14
CA LEU A 115 -4.14 28.35 -11.58
C LEU A 115 -2.99 29.18 -12.14
N MET A 116 -2.87 30.43 -11.69
CA MET A 116 -1.79 31.28 -12.18
C MET A 116 -0.44 30.80 -11.68
N ALA A 117 -0.40 30.18 -10.49
CA ALA A 117 0.87 29.71 -9.93
C ALA A 117 1.52 28.63 -10.80
N SER A 118 0.76 28.00 -11.68
CA SER A 118 1.31 26.99 -12.58
C SER A 118 1.80 27.57 -13.90
N LYS A 119 1.69 28.88 -14.10
CA LYS A 119 2.18 29.54 -15.29
C LYS A 119 3.41 30.41 -15.03
N ILE A 120 4.02 30.32 -13.85
CA ILE A 120 5.24 31.04 -13.54
C ILE A 120 6.27 30.06 -13.00
N TRP A 121 7.53 30.43 -13.10
CA TRP A 121 8.63 29.57 -12.70
C TRP A 121 8.63 29.44 -11.18
N THR A 122 8.12 28.34 -10.68
CA THR A 122 8.29 28.00 -9.27
C THR A 122 9.49 27.08 -9.12
N PRO A 123 10.38 27.31 -8.15
CA PRO A 123 11.55 26.44 -8.04
C PRO A 123 11.14 24.99 -7.80
N ASP A 124 11.85 24.09 -8.47
CA ASP A 124 11.50 22.68 -8.42
C ASP A 124 12.06 22.01 -7.18
N THR A 125 11.79 22.58 -6.02
CA THR A 125 12.33 22.04 -4.78
C THR A 125 11.75 20.66 -4.50
N PHE A 126 12.58 19.79 -3.94
CA PHE A 126 12.15 18.46 -3.55
C PHE A 126 12.92 18.06 -2.31
N PHE A 127 12.52 16.94 -1.72
CA PHE A 127 13.08 16.47 -0.46
C PHE A 127 13.91 15.23 -0.70
N HIS A 128 15.22 15.35 -0.44
CA HIS A 128 16.15 14.28 -0.77
C HIS A 128 15.86 12.99 -0.04
N ASN A 129 15.13 13.05 1.07
CA ASN A 129 14.77 11.85 1.83
C ASN A 129 13.25 11.74 1.96
N GLY A 130 12.51 12.20 0.95
CA GLY A 130 11.07 12.13 0.98
C GLY A 130 10.52 10.87 0.36
N LYS A 131 10.21 9.88 1.18
CA LYS A 131 9.63 8.64 0.67
C LYS A 131 8.28 8.90 0.02
N LYS A 132 7.45 9.72 0.64
CA LYS A 132 6.16 10.08 0.07
C LYS A 132 5.73 11.40 0.68
N SER A 133 5.05 12.21 -0.13
CA SER A 133 4.62 13.53 0.31
C SER A 133 3.34 13.89 -0.44
N VAL A 134 2.43 14.55 0.26
CA VAL A 134 1.13 14.93 -0.26
C VAL A 134 1.01 16.44 -0.21
N ALA A 135 0.65 17.05 -1.33
CA ALA A 135 0.37 18.48 -1.37
C ALA A 135 -1.13 18.64 -1.16
N HIS A 136 -1.54 18.93 0.07
CA HIS A 136 -2.95 19.00 0.40
C HIS A 136 -3.65 20.03 -0.48
N ASN A 137 -4.83 19.65 -0.99
CA ASN A 137 -5.55 20.51 -1.91
C ASN A 137 -7.06 20.54 -1.64
N MET A 138 -7.50 20.18 -0.44
CA MET A 138 -8.89 20.30 -0.06
C MET A 138 -9.05 21.50 0.85
N THR A 139 -10.05 22.35 0.58
CA THR A 139 -11.04 22.32 -0.49
C THR A 139 -10.44 22.69 -1.82
N MET A 140 -9.45 23.58 -1.78
CA MET A 140 -8.75 24.05 -2.96
C MET A 140 -7.26 23.81 -2.76
N PRO A 141 -6.44 23.88 -3.82
CA PRO A 141 -5.00 23.72 -3.65
C PRO A 141 -4.42 24.62 -2.57
N ASN A 142 -3.88 24.03 -1.51
CA ASN A 142 -3.28 24.82 -0.43
C ASN A 142 -1.98 25.43 -0.90
N LYS A 143 -2.07 26.39 -1.81
CA LYS A 143 -0.93 27.11 -2.33
C LYS A 143 -1.25 28.59 -2.34
N LEU A 144 -0.30 29.41 -1.91
CA LEU A 144 -0.46 30.86 -1.92
C LEU A 144 0.74 31.45 -2.63
N LEU A 145 0.48 32.24 -3.68
CA LEU A 145 1.51 32.92 -4.44
C LEU A 145 1.23 34.40 -4.39
N ARG A 146 2.22 35.19 -3.98
CA ARG A 146 2.12 36.64 -3.93
C ARG A 146 3.31 37.25 -4.65
N ILE A 147 3.09 38.43 -5.23
CA ILE A 147 4.10 39.11 -6.03
C ILE A 147 4.11 40.57 -5.61
N THR A 148 5.20 41.00 -4.99
CA THR A 148 5.34 42.40 -4.62
C THR A 148 5.70 43.23 -5.85
N GLU A 149 5.67 44.55 -5.67
CA GLU A 149 5.90 45.44 -6.81
C GLU A 149 7.32 45.27 -7.36
N ASP A 150 8.31 45.09 -6.48
CA ASP A 150 9.69 44.98 -6.93
C ASP A 150 9.94 43.72 -7.74
N GLY A 151 9.05 42.73 -7.66
CA GLY A 151 9.24 41.45 -8.33
C GLY A 151 9.48 40.30 -7.38
N THR A 152 9.66 40.56 -6.09
CA THR A 152 9.82 39.48 -5.14
C THR A 152 8.56 38.63 -5.10
N LEU A 153 8.74 37.33 -4.87
CA LEU A 153 7.63 36.39 -4.79
C LEU A 153 7.66 35.66 -3.45
N LEU A 154 6.50 35.17 -3.05
CA LEU A 154 6.34 34.37 -1.85
C LEU A 154 5.40 33.22 -2.19
N TYR A 155 5.84 32.00 -1.95
CA TYR A 155 5.14 30.80 -2.42
C TYR A 155 4.87 29.86 -1.26
N THR A 156 4.25 30.36 -0.20
CA THR A 156 3.89 29.50 0.92
C THR A 156 2.95 28.42 0.43
N MET A 157 3.21 27.18 0.84
CA MET A 157 2.35 26.07 0.50
C MET A 157 2.37 25.08 1.66
N ARG A 158 1.33 24.25 1.72
CA ARG A 158 1.16 23.29 2.79
C ARG A 158 1.45 21.90 2.26
N LEU A 159 2.28 21.16 2.99
CA LEU A 159 2.73 19.85 2.56
C LEU A 159 2.75 18.90 3.75
N THR A 160 2.71 17.61 3.45
CA THR A 160 2.76 16.55 4.46
C THR A 160 3.84 15.57 4.03
N VAL A 161 5.07 15.83 4.44
CA VAL A 161 6.22 15.04 3.99
C VAL A 161 6.41 13.86 4.93
N ARG A 162 6.44 12.65 4.37
CA ARG A 162 6.80 11.45 5.11
C ARG A 162 8.25 11.13 4.78
N ALA A 163 9.15 11.91 5.36
CA ALA A 163 10.57 11.80 5.02
C ALA A 163 11.15 10.51 5.62
N GLU A 164 12.39 10.22 5.21
CA GLU A 164 13.10 9.03 5.64
C GLU A 164 14.14 9.41 6.69
N CYS A 165 14.08 8.73 7.83
CA CYS A 165 15.01 8.97 8.94
C CYS A 165 15.82 7.70 9.19
N PRO A 166 17.06 7.61 8.70
CA PRO A 166 17.84 6.40 8.97
C PRO A 166 18.17 6.27 10.45
N MET A 167 17.58 5.27 11.10
CA MET A 167 17.69 5.11 12.54
C MET A 167 18.68 4.00 12.84
N HIS A 168 19.84 4.37 13.40
CA HIS A 168 20.83 3.40 13.86
C HIS A 168 20.45 3.01 15.28
N LEU A 169 19.45 2.15 15.39
CA LEU A 169 18.86 1.81 16.68
C LEU A 169 19.80 0.90 17.47
N GLU A 170 20.96 1.42 17.86
CA GLU A 170 21.92 0.64 18.64
C GLU A 170 21.62 0.73 20.14
N ASP A 171 21.19 1.91 20.61
CA ASP A 171 20.91 2.12 22.02
C ASP A 171 19.41 2.11 22.31
N PHE A 172 18.60 1.59 21.40
CA PHE A 172 17.17 1.53 21.63
C PHE A 172 16.88 0.70 22.87
N PRO A 173 15.91 1.11 23.71
CA PRO A 173 15.01 2.27 23.62
C PRO A 173 15.68 3.59 23.94
N MET A 174 16.64 3.62 24.87
CA MET A 174 17.28 4.89 25.26
C MET A 174 18.22 5.33 24.15
N ASP A 175 17.64 5.95 23.12
CA ASP A 175 18.40 6.44 21.99
C ASP A 175 17.82 7.75 21.51
N ALA A 176 18.65 8.54 20.83
CA ALA A 176 18.25 9.82 20.26
C ALA A 176 18.60 9.80 18.77
N HIS A 177 17.69 10.32 17.96
CA HIS A 177 17.84 10.32 16.51
C HIS A 177 17.61 11.72 15.98
N ALA A 178 18.54 12.19 15.14
CA ALA A 178 18.45 13.52 14.54
C ALA A 178 17.95 13.35 13.10
N CYS A 179 16.64 13.23 12.97
CA CYS A 179 16.04 12.97 11.67
C CYS A 179 16.18 14.20 10.77
N PRO A 180 16.73 14.08 9.56
CA PRO A 180 16.92 15.25 8.70
C PRO A 180 15.73 15.49 7.77
N LEU A 181 15.74 16.67 7.15
CA LEU A 181 14.74 17.05 6.16
C LEU A 181 15.44 17.74 4.99
N LYS A 182 16.49 17.10 4.47
CA LYS A 182 17.25 17.70 3.38
C LYS A 182 16.35 17.98 2.19
N PHE A 183 16.48 19.18 1.64
CA PHE A 183 15.71 19.56 0.46
C PHE A 183 16.52 20.52 -0.38
N GLY A 184 16.25 20.53 -1.67
CA GLY A 184 16.96 21.41 -2.57
C GLY A 184 16.46 21.19 -3.98
N SER A 185 17.03 21.95 -4.91
CA SER A 185 16.60 21.85 -6.29
C SER A 185 16.89 20.45 -6.82
N TYR A 186 16.11 20.03 -7.81
CA TYR A 186 16.28 18.72 -8.43
C TYR A 186 17.09 18.77 -9.71
N ALA A 187 16.92 19.81 -10.52
CA ALA A 187 17.60 19.92 -11.81
C ALA A 187 18.66 21.00 -11.84
N TYR A 188 18.47 22.10 -11.12
CA TYR A 188 19.36 23.24 -11.22
C TYR A 188 20.57 23.04 -10.32
N THR A 189 21.75 23.09 -10.92
CA THR A 189 22.99 22.93 -10.18
C THR A 189 23.24 24.13 -9.28
N ARG A 190 24.28 24.02 -8.45
CA ARG A 190 24.63 25.10 -7.54
C ARG A 190 24.96 26.39 -8.28
N ALA A 191 25.32 26.31 -9.55
CA ALA A 191 25.60 27.50 -10.35
C ALA A 191 24.35 28.12 -10.94
N GLU A 192 23.17 27.56 -10.66
CA GLU A 192 21.92 28.03 -11.24
C GLU A 192 20.91 28.51 -10.22
N VAL A 193 20.74 27.81 -9.11
CA VAL A 193 19.89 28.26 -8.01
C VAL A 193 20.57 27.88 -6.69
N VAL A 194 20.56 28.82 -5.75
CA VAL A 194 21.14 28.60 -4.42
C VAL A 194 20.06 28.86 -3.39
N TYR A 195 19.99 28.01 -2.38
CA TYR A 195 18.97 28.10 -1.34
C TYR A 195 19.58 28.69 -0.08
N GLU A 196 18.91 29.69 0.47
CA GLU A 196 19.32 30.33 1.71
C GLU A 196 18.09 30.54 2.58
N TRP A 197 18.33 30.67 3.88
CA TRP A 197 17.24 30.89 4.81
C TRP A 197 16.89 32.36 4.86
N THR A 198 15.59 32.67 4.80
CA THR A 198 15.16 34.06 4.69
C THR A 198 15.58 34.88 5.91
N ARG A 199 15.42 34.32 7.10
CA ARG A 199 15.85 34.95 8.34
C ARG A 199 17.15 34.31 8.79
N GLU A 200 17.58 34.61 10.01
CA GLU A 200 18.75 33.94 10.56
C GLU A 200 18.48 32.43 10.58
N PRO A 201 19.51 31.60 10.40
CA PRO A 201 19.27 30.15 10.35
C PRO A 201 18.56 29.62 11.57
N ALA A 202 18.79 30.19 12.75
CA ALA A 202 18.06 29.75 13.93
C ALA A 202 16.60 30.15 13.86
N ARG A 203 16.30 31.31 13.29
CA ARG A 203 14.96 31.86 13.26
C ARG A 203 14.14 31.42 12.06
N SER A 204 14.72 30.65 11.14
CA SER A 204 14.06 30.33 9.88
C SER A 204 13.35 28.99 9.90
N VAL A 205 13.41 28.24 10.99
CA VAL A 205 12.63 27.02 11.16
C VAL A 205 11.85 27.15 12.46
N VAL A 206 10.53 27.19 12.37
CA VAL A 206 9.67 27.42 13.51
C VAL A 206 8.76 26.21 13.68
N VAL A 207 8.59 25.76 14.92
CA VAL A 207 7.71 24.67 15.26
C VAL A 207 6.54 25.22 16.05
N ALA A 208 5.32 24.88 15.63
CA ALA A 208 4.13 25.34 16.34
C ALA A 208 4.17 24.83 17.77
N GLU A 209 3.67 25.65 18.70
CA GLU A 209 3.79 25.33 20.12
C GLU A 209 3.12 24.01 20.45
N ASP A 210 1.93 23.78 19.92
CA ASP A 210 1.20 22.54 20.16
C ASP A 210 1.53 21.45 19.14
N GLY A 211 2.42 21.72 18.20
CA GLY A 211 2.72 20.78 17.14
C GLY A 211 3.72 19.72 17.52
N SER A 212 3.28 18.74 18.32
CA SER A 212 4.14 17.61 18.69
C SER A 212 3.24 16.40 18.84
N ARG A 213 3.12 15.62 17.75
CA ARG A 213 2.27 14.44 17.71
C ARG A 213 3.05 13.16 17.94
N LEU A 214 4.11 13.22 18.74
CA LEU A 214 4.95 12.07 19.00
C LEU A 214 4.36 11.23 20.13
N ASN A 215 4.16 9.94 19.87
CA ASN A 215 3.69 9.05 20.93
C ASN A 215 4.78 8.81 21.97
N GLN A 216 6.00 8.52 21.52
CA GLN A 216 7.09 8.16 22.42
C GLN A 216 8.38 8.91 22.07
N TYR A 217 8.25 10.13 21.53
CA TYR A 217 9.38 10.95 21.18
C TYR A 217 9.15 12.37 21.66
N ASP A 218 10.25 13.10 21.86
CA ASP A 218 10.21 14.49 22.27
C ASP A 218 11.06 15.30 21.30
N LEU A 219 10.42 16.24 20.62
CA LEU A 219 11.11 17.11 19.66
C LEU A 219 11.94 18.11 20.44
N LEU A 220 13.16 17.70 20.81
CA LEU A 220 13.99 18.54 21.67
C LEU A 220 14.30 19.87 21.01
N GLY A 221 14.64 19.84 19.73
CA GLY A 221 14.97 21.09 19.05
C GLY A 221 15.27 20.82 17.59
N GLN A 222 15.48 21.92 16.86
CA GLN A 222 15.73 21.88 15.43
C GLN A 222 17.00 22.64 15.13
N THR A 223 17.81 22.08 14.23
CA THR A 223 19.04 22.72 13.77
C THR A 223 19.10 22.63 12.25
N VAL A 224 19.77 23.61 11.65
CA VAL A 224 19.80 23.77 10.21
C VAL A 224 21.24 23.89 9.74
N ASP A 225 21.44 23.59 8.46
CA ASP A 225 22.75 23.75 7.83
C ASP A 225 22.54 23.73 6.32
N SER A 226 23.52 24.28 5.61
CA SER A 226 23.48 24.35 4.15
C SER A 226 24.84 23.96 3.61
N GLY A 227 24.88 22.88 2.84
CA GLY A 227 26.14 22.40 2.28
C GLY A 227 25.92 21.81 0.90
N ILE A 228 27.00 21.81 0.13
CA ILE A 228 26.96 21.28 -1.24
C ILE A 228 26.95 19.76 -1.19
N VAL A 229 26.35 19.15 -2.21
CA VAL A 229 26.33 17.70 -2.37
C VAL A 229 26.80 17.38 -3.79
N GLN A 230 27.69 16.41 -3.91
CA GLN A 230 28.21 15.99 -5.21
C GLN A 230 27.35 14.86 -5.76
N SER A 231 26.91 15.00 -7.00
CA SER A 231 26.04 14.03 -7.65
C SER A 231 26.57 13.74 -9.05
N SER A 232 25.98 12.74 -9.69
CA SER A 232 26.38 12.38 -11.05
C SER A 232 26.15 13.55 -11.99
N THR A 233 25.05 14.27 -11.83
CA THR A 233 24.72 15.37 -12.73
C THR A 233 25.53 16.62 -12.43
N GLY A 234 25.87 16.86 -11.18
CA GLY A 234 26.61 18.06 -10.81
C GLY A 234 26.61 18.27 -9.32
N GLU A 235 26.81 19.52 -8.92
CA GLU A 235 26.81 19.92 -7.53
C GLU A 235 25.54 20.70 -7.21
N TYR A 236 24.90 20.37 -6.09
CA TYR A 236 23.64 20.96 -5.70
C TYR A 236 23.71 21.43 -4.26
N VAL A 237 22.95 22.48 -3.95
CA VAL A 237 22.87 23.01 -2.60
C VAL A 237 21.76 22.28 -1.86
N VAL A 238 22.08 21.76 -0.68
CA VAL A 238 21.16 20.98 0.13
C VAL A 238 20.95 21.68 1.45
N MET A 239 19.68 21.93 1.79
CA MET A 239 19.34 22.67 3.00
C MET A 239 18.91 21.67 4.07
N THR A 240 19.89 21.11 4.75
CA THR A 240 19.61 20.13 5.79
C THR A 240 18.85 20.78 6.94
N THR A 241 18.06 19.98 7.63
CA THR A 241 17.36 20.43 8.84
C THR A 241 17.21 19.22 9.76
N HIS A 242 18.04 19.16 10.78
CA HIS A 242 18.07 18.02 11.69
C HIS A 242 17.08 18.27 12.83
N PHE A 243 16.00 17.50 12.86
CA PHE A 243 15.05 17.54 13.97
C PHE A 243 15.54 16.58 15.05
N HIS A 244 16.03 17.14 16.15
CA HIS A 244 16.62 16.32 17.21
C HIS A 244 15.52 15.70 18.06
N LEU A 245 15.48 14.37 18.10
CA LEU A 245 14.47 13.63 18.84
C LEU A 245 15.15 12.68 19.81
N LYS A 246 14.52 12.49 20.96
CA LYS A 246 14.94 11.47 21.92
C LYS A 246 13.73 10.62 22.27
N ARG A 247 13.90 9.30 22.22
CA ARG A 247 12.80 8.40 22.48
C ARG A 247 12.43 8.43 23.95
N LYS A 248 11.15 8.58 24.24
CA LYS A 248 10.65 8.44 25.60
C LYS A 248 10.57 6.97 25.96
N ILE A 249 10.99 6.65 27.18
CA ILE A 249 11.34 5.28 27.55
C ILE A 249 10.42 4.71 28.63
N GLY A 250 9.46 5.48 29.13
CA GLY A 250 8.62 4.98 30.21
C GLY A 250 7.77 3.80 29.78
N TYR A 251 7.16 3.88 28.61
CA TYR A 251 6.31 2.78 28.15
C TYR A 251 7.07 1.48 28.09
N PHE A 252 8.29 1.52 27.53
CA PHE A 252 9.10 0.31 27.47
C PHE A 252 9.48 -0.15 28.87
N VAL A 253 9.72 0.79 29.79
CA VAL A 253 10.09 0.39 31.15
C VAL A 253 8.97 -0.41 31.78
N ILE A 254 7.74 0.09 31.69
CA ILE A 254 6.64 -0.61 32.36
C ILE A 254 6.25 -1.87 31.61
N GLN A 255 6.23 -1.81 30.27
CA GLN A 255 5.70 -2.92 29.49
C GLN A 255 6.69 -4.07 29.35
N THR A 256 7.97 -3.76 29.22
CA THR A 256 9.00 -4.74 28.89
C THR A 256 10.00 -4.96 30.01
N TYR A 257 10.69 -3.90 30.45
CA TYR A 257 11.75 -4.07 31.43
C TYR A 257 11.22 -4.57 32.77
N LEU A 258 10.11 -3.99 33.24
CA LEU A 258 9.59 -4.39 34.55
C LEU A 258 9.19 -5.85 34.59
N PRO A 259 8.40 -6.37 33.64
CA PRO A 259 8.12 -7.82 33.66
C PRO A 259 9.38 -8.67 33.59
N CYS A 260 10.37 -8.27 32.80
CA CYS A 260 11.59 -9.06 32.69
C CYS A 260 12.33 -9.12 34.02
N ILE A 261 12.52 -7.95 34.64
CA ILE A 261 13.22 -7.90 35.92
C ILE A 261 12.44 -8.67 36.98
N MET A 262 11.12 -8.51 36.99
CA MET A 262 10.31 -9.21 37.97
C MET A 262 10.40 -10.72 37.77
N THR A 263 10.36 -11.17 36.51
CA THR A 263 10.49 -12.60 36.23
C THR A 263 11.84 -13.12 36.68
N VAL A 264 12.90 -12.36 36.44
CA VAL A 264 14.22 -12.78 36.87
C VAL A 264 14.25 -12.94 38.39
N ILE A 265 13.68 -11.96 39.11
CA ILE A 265 13.64 -12.05 40.57
C ILE A 265 12.88 -13.29 40.98
N LEU A 266 11.77 -13.59 40.29
CA LEU A 266 11.03 -14.81 40.59
C LEU A 266 11.91 -16.04 40.38
N SER A 267 12.79 -15.99 39.37
CA SER A 267 13.71 -17.11 39.17
C SER A 267 14.61 -17.30 40.39
N GLN A 268 15.11 -16.20 40.94
CA GLN A 268 15.96 -16.30 42.12
C GLN A 268 15.19 -16.90 43.30
N VAL A 269 13.94 -16.48 43.50
CA VAL A 269 13.17 -16.97 44.63
C VAL A 269 12.96 -18.47 44.54
N SER A 270 12.99 -19.02 43.32
CA SER A 270 12.95 -20.48 43.17
C SER A 270 14.07 -21.15 43.94
N PHE A 271 15.23 -20.50 44.02
CA PHE A 271 16.30 -21.02 44.86
C PHE A 271 15.89 -21.04 46.32
N TRP A 272 15.20 -19.99 46.77
CA TRP A 272 14.87 -19.85 48.18
C TRP A 272 13.92 -20.94 48.65
N LEU A 273 13.11 -21.51 47.75
CA LEU A 273 11.99 -22.35 48.17
C LEU A 273 12.45 -23.56 48.96
N ASN A 274 13.11 -24.51 48.31
CA ASN A 274 13.60 -25.72 48.95
C ASN A 274 14.31 -26.54 47.88
N ARG A 275 15.01 -27.58 48.32
CA ARG A 275 15.62 -28.55 47.42
C ARG A 275 14.94 -29.91 47.45
N GLU A 276 14.30 -30.26 48.57
CA GLU A 276 13.66 -31.57 48.68
C GLU A 276 12.39 -31.65 47.84
N SER A 277 11.75 -30.52 47.58
CA SER A 277 10.50 -30.48 46.80
C SER A 277 10.85 -30.34 45.32
N VAL A 278 11.18 -31.47 44.70
CA VAL A 278 11.57 -31.47 43.30
C VAL A 278 10.45 -30.95 42.39
N PRO A 279 9.21 -31.43 42.49
CA PRO A 279 8.17 -30.97 41.55
C PRO A 279 7.96 -29.47 41.58
N ALA A 280 7.98 -28.87 42.77
CA ALA A 280 7.75 -27.43 42.87
C ALA A 280 8.83 -26.65 42.14
N ARG A 281 10.08 -27.00 42.38
CA ARG A 281 11.19 -26.36 41.69
C ARG A 281 11.05 -26.51 40.19
N THR A 282 10.72 -27.72 39.75
CA THR A 282 10.59 -27.98 38.31
C THR A 282 9.53 -27.08 37.69
N VAL A 283 8.35 -27.03 38.32
CA VAL A 283 7.24 -26.24 37.80
C VAL A 283 7.64 -24.77 37.74
N PHE A 284 8.22 -24.26 38.83
CA PHE A 284 8.59 -22.85 38.87
C PHE A 284 9.57 -22.52 37.75
N GLY A 285 10.61 -23.34 37.59
CA GLY A 285 11.61 -23.05 36.58
C GLY A 285 11.02 -23.08 35.17
N VAL A 286 10.23 -24.10 34.87
CA VAL A 286 9.75 -24.23 33.50
C VAL A 286 8.82 -23.07 33.15
N THR A 287 7.92 -22.69 34.07
CA THR A 287 7.03 -21.56 33.78
C THR A 287 7.82 -20.26 33.66
N THR A 288 8.83 -20.07 34.51
CA THR A 288 9.67 -18.88 34.41
C THR A 288 10.29 -18.79 33.02
N VAL A 289 10.79 -19.91 32.50
CA VAL A 289 11.35 -19.88 31.15
C VAL A 289 10.25 -19.56 30.14
N LEU A 290 9.05 -20.10 30.34
CA LEU A 290 7.99 -19.89 29.36
C LEU A 290 7.68 -18.42 29.17
N THR A 291 7.65 -17.65 30.27
CA THR A 291 7.22 -16.25 30.17
C THR A 291 8.11 -15.44 29.22
N MET A 292 9.42 -15.65 29.30
CA MET A 292 10.35 -14.81 28.55
C MET A 292 10.16 -14.92 27.05
N THR A 293 9.61 -16.03 26.56
CA THR A 293 9.38 -16.15 25.13
C THR A 293 8.38 -15.11 24.65
N THR A 294 7.23 -15.03 25.31
CA THR A 294 6.25 -14.01 24.97
C THR A 294 6.85 -12.62 25.15
N LEU A 295 7.57 -12.40 26.24
CA LEU A 295 8.14 -11.08 26.47
C LEU A 295 9.07 -10.66 25.34
N SER A 296 9.93 -11.59 24.91
CA SER A 296 10.86 -11.28 23.82
C SER A 296 10.12 -11.03 22.53
N ILE A 297 9.11 -11.84 22.23
CA ILE A 297 8.40 -11.69 20.97
C ILE A 297 7.71 -10.34 20.91
N SER A 298 7.09 -9.92 22.02
CA SER A 298 6.36 -8.67 22.01
C SER A 298 7.26 -7.49 21.70
N ALA A 299 8.47 -7.45 22.28
CA ALA A 299 9.34 -6.30 22.09
C ALA A 299 9.75 -6.14 20.63
N ARG A 300 10.05 -7.25 19.95
CA ARG A 300 10.62 -7.16 18.62
C ARG A 300 9.60 -6.76 17.55
N ASN A 301 8.30 -6.87 17.83
CA ASN A 301 7.31 -6.64 16.79
C ASN A 301 7.33 -5.20 16.29
N SER A 302 7.60 -4.23 17.18
CA SER A 302 7.57 -2.84 16.78
C SER A 302 8.78 -2.47 15.93
N LEU A 303 9.96 -2.99 16.29
CA LEU A 303 11.19 -2.59 15.64
C LEU A 303 11.30 -3.21 14.26
N PRO A 304 12.13 -2.63 13.38
CA PRO A 304 12.54 -3.34 12.17
C PRO A 304 13.56 -4.42 12.50
N LYS A 305 13.69 -5.38 11.59
CA LYS A 305 14.53 -6.55 11.82
C LYS A 305 16.00 -6.24 11.54
N VAL A 306 16.54 -5.30 12.31
CA VAL A 306 17.96 -4.96 12.19
C VAL A 306 18.79 -6.11 12.77
N ALA A 307 19.86 -6.46 12.06
CA ALA A 307 20.67 -7.60 12.46
C ALA A 307 21.27 -7.39 13.84
N TYR A 308 21.93 -6.25 14.05
CA TYR A 308 22.56 -5.99 15.34
C TYR A 308 21.51 -5.91 16.43
N ALA A 309 21.87 -6.44 17.60
CA ALA A 309 21.01 -6.28 18.77
C ALA A 309 20.86 -4.80 19.10
N THR A 310 19.63 -4.38 19.34
CA THR A 310 19.32 -2.96 19.51
C THR A 310 19.50 -2.47 20.93
N ALA A 311 20.14 -3.27 21.79
CA ALA A 311 20.36 -3.04 23.22
C ALA A 311 19.09 -3.30 24.04
N MET A 312 17.95 -3.54 23.42
CA MET A 312 16.78 -4.03 24.13
C MET A 312 16.73 -5.55 24.08
N ASP A 313 16.91 -6.11 22.88
CA ASP A 313 17.10 -7.54 22.77
C ASP A 313 18.32 -7.99 23.55
N TRP A 314 19.31 -7.11 23.71
CA TRP A 314 20.47 -7.46 24.53
C TRP A 314 20.06 -7.70 25.98
N PHE A 315 19.31 -6.76 26.56
CA PHE A 315 18.85 -6.94 27.93
C PHE A 315 17.93 -8.14 28.05
N ILE A 316 17.02 -8.31 27.09
CA ILE A 316 16.10 -9.44 27.13
C ILE A 316 16.87 -10.75 27.07
N ALA A 317 17.89 -10.81 26.21
CA ALA A 317 18.68 -12.03 26.08
C ALA A 317 19.49 -12.31 27.33
N VAL A 318 20.04 -11.27 27.95
CA VAL A 318 20.78 -11.49 29.20
C VAL A 318 19.85 -12.01 30.28
N CYS A 319 18.65 -11.45 30.39
CA CYS A 319 17.68 -11.95 31.35
C CYS A 319 17.27 -13.39 31.02
N TYR A 320 17.11 -13.68 29.74
CA TYR A 320 16.78 -15.04 29.32
C TYR A 320 17.87 -16.01 29.74
N ALA A 321 19.13 -15.62 29.52
CA ALA A 321 20.24 -16.44 29.97
C ALA A 321 20.26 -16.57 31.47
N PHE A 322 19.86 -15.51 32.19
CA PHE A 322 19.86 -15.57 33.65
C PHE A 322 18.83 -16.59 34.15
N VAL A 323 17.61 -16.54 33.61
CA VAL A 323 16.59 -17.48 34.04
C VAL A 323 16.93 -18.90 33.61
N PHE A 324 17.48 -19.04 32.40
CA PHE A 324 17.92 -20.35 31.94
C PHE A 324 19.03 -20.90 32.83
N SER A 325 19.95 -20.03 33.26
CA SER A 325 20.99 -20.43 34.20
C SER A 325 20.39 -20.83 35.54
N ALA A 326 19.31 -20.15 35.95
CA ALA A 326 18.62 -20.57 37.16
C ALA A 326 18.10 -21.99 37.01
N LEU A 327 17.54 -22.31 35.84
CA LEU A 327 17.13 -23.69 35.58
C LEU A 327 18.32 -24.63 35.62
N ILE A 328 19.44 -24.22 35.04
CA ILE A 328 20.63 -25.07 35.02
C ILE A 328 21.09 -25.38 36.44
N GLU A 329 21.16 -24.35 37.27
CA GLU A 329 21.56 -24.53 38.67
C GLU A 329 20.55 -25.41 39.40
N PHE A 330 19.27 -25.23 39.11
CA PHE A 330 18.24 -26.05 39.73
C PHE A 330 18.44 -27.53 39.37
N ALA A 331 18.74 -27.81 38.12
CA ALA A 331 19.02 -29.19 37.71
C ALA A 331 20.27 -29.71 38.41
N THR A 332 21.31 -28.88 38.52
CA THR A 332 22.54 -29.31 39.14
C THR A 332 22.31 -29.70 40.59
N VAL A 333 21.57 -28.88 41.34
CA VAL A 333 21.26 -29.24 42.72
C VAL A 333 20.35 -30.45 42.77
N ASN A 334 19.45 -30.59 41.80
CA ASN A 334 18.54 -31.74 41.79
C ASN A 334 19.32 -33.04 41.67
N TYR A 335 20.42 -33.03 40.92
CA TYR A 335 21.19 -34.27 40.76
C TYR A 335 21.63 -34.82 42.11
N PHE A 336 22.19 -33.96 42.97
CA PHE A 336 22.71 -34.42 44.25
C PHE A 336 21.60 -34.98 45.13
N THR A 337 20.45 -34.30 45.18
CA THR A 337 19.32 -34.75 45.99
C THR A 337 19.71 -34.87 47.45
N VAL A 415 22.23 -29.43 54.44
CA VAL A 415 21.04 -29.17 53.66
C VAL A 415 21.21 -27.85 52.89
N SER A 416 20.85 -27.89 51.60
CA SER A 416 20.95 -26.71 50.74
C SER A 416 22.38 -26.19 50.64
N LYS A 417 23.36 -27.09 50.79
CA LYS A 417 24.75 -26.68 50.69
C LYS A 417 25.09 -26.16 49.31
N ILE A 418 24.62 -26.85 48.26
CA ILE A 418 24.93 -26.44 46.90
C ILE A 418 24.26 -25.10 46.58
N ASP A 419 23.05 -24.90 47.08
CA ASP A 419 22.23 -23.77 46.68
C ASP A 419 22.52 -22.49 47.45
N ARG A 420 23.27 -22.53 48.56
CA ARG A 420 23.56 -21.30 49.27
C ARG A 420 24.43 -20.38 48.41
N LEU A 421 25.41 -20.96 47.71
CA LEU A 421 26.27 -20.19 46.83
C LEU A 421 25.45 -19.52 45.74
N SER A 422 24.50 -20.24 45.14
CA SER A 422 23.64 -19.64 44.13
C SER A 422 22.73 -18.58 44.74
N ARG A 423 22.19 -18.84 45.92
CA ARG A 423 21.31 -17.89 46.58
C ARG A 423 21.99 -16.54 46.75
N ILE A 424 23.27 -16.55 47.12
CA ILE A 424 23.96 -15.28 47.27
C ILE A 424 24.47 -14.76 45.92
N ALA A 425 24.86 -15.66 45.01
CA ALA A 425 25.52 -15.24 43.78
C ALA A 425 24.54 -14.58 42.82
N PHE A 426 23.41 -15.24 42.57
CA PHE A 426 22.49 -14.74 41.55
C PHE A 426 22.02 -13.32 41.84
N PRO A 427 21.56 -12.98 43.05
CA PRO A 427 21.24 -11.58 43.32
C PRO A 427 22.42 -10.65 43.09
N LEU A 428 23.62 -11.04 43.52
CA LEU A 428 24.78 -10.18 43.36
C LEU A 428 25.13 -10.00 41.88
N LEU A 429 25.23 -11.10 41.14
CA LEU A 429 25.58 -11.02 39.73
C LEU A 429 24.52 -10.24 38.95
N PHE A 430 23.25 -10.49 39.25
CA PHE A 430 22.17 -9.79 38.56
C PHE A 430 22.19 -8.30 38.87
N GLY A 431 22.44 -7.94 40.13
CA GLY A 431 22.57 -6.53 40.46
C GLY A 431 23.73 -5.87 39.75
N ILE A 432 24.86 -6.59 39.66
CA ILE A 432 26.00 -6.08 38.90
C ILE A 432 25.58 -5.81 37.46
N PHE A 433 24.92 -6.78 36.84
CA PHE A 433 24.52 -6.61 35.44
C PHE A 433 23.56 -5.43 35.30
N ASN A 434 22.58 -5.32 36.19
CA ASN A 434 21.59 -4.26 36.10
C ASN A 434 22.24 -2.90 36.23
N LEU A 435 23.07 -2.72 37.27
CA LEU A 435 23.73 -1.45 37.49
C LEU A 435 24.63 -1.10 36.32
N VAL A 436 25.42 -2.06 35.84
CA VAL A 436 26.33 -1.80 34.72
C VAL A 436 25.52 -1.40 33.49
N TYR A 437 24.44 -2.12 33.20
CA TYR A 437 23.65 -1.84 32.02
C TYR A 437 23.07 -0.44 32.06
N TRP A 438 22.42 -0.08 33.18
CA TRP A 438 21.79 1.22 33.25
C TRP A 438 22.83 2.33 33.19
N ALA A 439 23.94 2.18 33.91
CA ALA A 439 24.97 3.22 33.88
C ALA A 439 25.55 3.39 32.49
N THR A 440 25.80 2.27 31.80
CA THR A 440 26.40 2.35 30.47
C THR A 440 25.46 3.03 29.49
N TYR A 441 24.21 2.58 29.41
CA TYR A 441 23.35 3.09 28.35
C TYR A 441 22.80 4.48 28.67
N LEU A 442 22.44 4.74 29.92
CA LEU A 442 21.85 6.04 30.25
C LEU A 442 22.86 7.17 30.07
N ASN A 443 24.11 6.95 30.50
CA ASN A 443 25.13 7.98 30.36
C ASN A 443 25.50 8.20 28.91
N ARG A 444 25.48 7.15 28.09
CA ARG A 444 25.84 7.29 26.68
C ARG A 444 24.92 8.29 26.00
N GLU A 445 25.52 9.22 25.25
CA GLU A 445 24.77 10.27 24.58
C GLU A 445 24.62 9.95 23.09
N PRO B 30 18.86 42.04 -20.06
CA PRO B 30 18.03 40.89 -20.41
C PRO B 30 18.36 40.30 -21.78
N SER B 31 19.43 40.79 -22.41
CA SER B 31 19.80 40.29 -23.72
C SER B 31 20.14 38.79 -23.68
N ASN B 32 20.89 38.37 -22.66
CA ASN B 32 21.29 36.97 -22.58
C ASN B 32 20.08 36.06 -22.42
N MET B 33 19.20 36.38 -21.46
CA MET B 33 18.03 35.54 -21.22
C MET B 33 17.07 35.57 -22.41
N SER B 34 16.90 36.74 -23.02
CA SER B 34 16.04 36.81 -24.21
C SER B 34 16.60 35.96 -25.33
N LEU B 35 17.92 35.99 -25.53
CA LEU B 35 18.55 35.15 -26.55
C LEU B 35 18.34 33.68 -26.24
N VAL B 36 18.46 33.30 -24.97
CA VAL B 36 18.24 31.90 -24.59
C VAL B 36 16.80 31.51 -24.85
N LYS B 37 15.86 32.43 -24.58
CA LYS B 37 14.46 32.15 -24.87
C LYS B 37 14.25 31.92 -26.36
N GLU B 38 14.88 32.75 -27.19
CA GLU B 38 14.78 32.55 -28.64
C GLU B 38 15.32 31.19 -29.03
N THR B 39 16.45 30.79 -28.44
CA THR B 39 17.06 29.50 -28.78
C THR B 39 16.13 28.35 -28.41
N VAL B 40 15.55 28.40 -27.20
CA VAL B 40 14.66 27.32 -26.77
C VAL B 40 13.42 27.28 -27.65
N ASP B 41 12.88 28.45 -27.99
CA ASP B 41 11.72 28.49 -28.88
C ASP B 41 12.06 27.88 -30.23
N ARG B 42 13.25 28.18 -30.75
CA ARG B 42 13.68 27.57 -32.00
C ARG B 42 13.74 26.06 -31.88
N LEU B 43 14.30 25.56 -30.77
CA LEU B 43 14.42 24.11 -30.61
C LEU B 43 13.05 23.45 -30.59
N LEU B 44 12.14 23.96 -29.76
CA LEU B 44 10.82 23.33 -29.68
C LEU B 44 9.93 23.65 -30.88
N LYS B 45 10.36 24.55 -31.76
CA LYS B 45 9.59 24.83 -32.97
C LYS B 45 9.66 23.64 -33.92
N GLY B 46 8.50 23.17 -34.35
CA GLY B 46 8.44 22.07 -35.30
C GLY B 46 9.09 20.80 -34.80
N TYR B 47 8.94 20.50 -33.51
CA TYR B 47 9.52 19.30 -32.91
C TYR B 47 8.41 18.27 -32.76
N ASP B 48 8.53 17.16 -33.49
CA ASP B 48 7.51 16.12 -33.52
C ASP B 48 7.85 15.08 -32.46
N ILE B 49 7.09 15.08 -31.36
CA ILE B 49 7.32 14.12 -30.29
C ILE B 49 7.06 12.69 -30.75
N ARG B 50 6.28 12.50 -31.82
CA ARG B 50 5.90 11.17 -32.24
C ARG B 50 7.06 10.39 -32.86
N LEU B 51 8.14 11.06 -33.25
CA LEU B 51 9.25 10.44 -33.96
C LEU B 51 10.45 10.31 -33.03
N ARG B 52 11.04 9.12 -33.01
CA ARG B 52 12.26 8.91 -32.25
C ARG B 52 13.43 9.63 -32.93
N PRO B 53 14.52 9.88 -32.22
CA PRO B 53 15.65 10.57 -32.84
C PRO B 53 16.18 9.80 -34.04
N ASP B 54 16.53 10.54 -35.08
CA ASP B 54 17.08 9.96 -36.30
C ASP B 54 16.17 8.87 -36.84
N PHE B 55 14.89 9.22 -37.02
CA PHE B 55 13.95 8.26 -37.59
C PHE B 55 14.36 7.90 -39.01
N GLY B 56 14.14 6.65 -39.37
CA GLY B 56 14.67 6.16 -40.64
C GLY B 56 16.18 6.17 -40.65
N GLY B 57 16.81 5.75 -39.56
CA GLY B 57 18.24 5.78 -39.43
C GLY B 57 18.73 4.75 -38.43
N PRO B 58 19.99 4.85 -38.04
CA PRO B 58 20.55 3.85 -37.12
C PRO B 58 19.91 3.95 -35.75
N PRO B 59 19.99 2.89 -34.95
CA PRO B 59 19.39 2.95 -33.62
C PRO B 59 20.02 4.05 -32.78
N VAL B 60 19.20 4.69 -31.96
CA VAL B 60 19.67 5.75 -31.08
C VAL B 60 20.20 5.13 -29.80
N ALA B 61 21.43 5.47 -29.45
CA ALA B 61 22.08 4.91 -28.27
C ALA B 61 21.61 5.68 -27.04
N VAL B 62 20.81 5.03 -26.20
CA VAL B 62 20.24 5.68 -25.03
C VAL B 62 20.98 5.21 -23.79
N GLY B 63 22.01 5.96 -23.39
CA GLY B 63 22.73 5.60 -22.19
C GLY B 63 21.88 5.78 -20.95
N MET B 64 22.18 4.97 -19.93
CA MET B 64 21.46 5.00 -18.67
C MET B 64 22.47 5.04 -17.53
N ASN B 65 22.12 5.78 -16.47
CA ASN B 65 22.89 5.77 -15.24
C ASN B 65 21.92 5.95 -14.09
N ILE B 66 22.17 5.25 -12.99
CA ILE B 66 21.24 5.18 -11.89
C ILE B 66 21.98 5.51 -10.60
N ASP B 67 21.28 6.17 -9.68
CA ASP B 67 21.79 6.45 -8.34
C ASP B 67 20.74 5.97 -7.35
N ILE B 68 21.01 4.84 -6.70
CA ILE B 68 20.04 4.21 -5.82
C ILE B 68 19.93 5.02 -4.53
N ALA B 69 18.85 5.79 -4.41
CA ALA B 69 18.65 6.59 -3.21
C ALA B 69 18.45 5.70 -1.99
N SER B 70 17.66 4.63 -2.13
CA SER B 70 17.45 3.74 -1.01
C SER B 70 16.71 2.50 -1.48
N ILE B 71 17.01 1.38 -0.83
CA ILE B 71 16.31 0.12 -1.02
C ILE B 71 15.80 -0.31 0.34
N ASP B 72 14.49 -0.49 0.45
CA ASP B 72 13.89 -0.74 1.75
C ASP B 72 12.66 -1.61 1.59
N MET B 73 12.24 -2.23 2.69
CA MET B 73 11.03 -3.04 2.74
C MET B 73 11.10 -4.18 1.72
N VAL B 74 12.08 -5.05 1.93
CA VAL B 74 12.22 -6.26 1.11
C VAL B 74 11.15 -7.24 1.60
N SER B 75 10.01 -7.26 0.91
CA SER B 75 8.84 -8.01 1.36
C SER B 75 8.95 -9.44 0.86
N GLU B 76 9.53 -10.32 1.69
CA GLU B 76 9.58 -11.73 1.36
C GLU B 76 8.19 -12.32 1.23
N VAL B 77 7.24 -11.86 2.05
CA VAL B 77 5.89 -12.41 2.01
C VAL B 77 5.25 -12.13 0.66
N ASN B 78 5.44 -10.92 0.14
CA ASN B 78 4.91 -10.54 -1.17
C ASN B 78 5.89 -10.79 -2.30
N MET B 79 7.12 -11.21 -2.00
CA MET B 79 8.14 -11.48 -3.00
C MET B 79 8.40 -10.24 -3.87
N ASP B 80 8.83 -9.16 -3.20
CA ASP B 80 9.20 -7.95 -3.90
C ASP B 80 9.92 -7.02 -2.94
N TYR B 81 10.58 -6.03 -3.51
CA TYR B 81 11.34 -5.03 -2.77
C TYR B 81 11.00 -3.65 -3.31
N THR B 82 11.11 -2.65 -2.46
CA THR B 82 10.79 -1.27 -2.81
C THR B 82 12.09 -0.54 -3.14
N LEU B 83 12.19 -0.01 -4.35
CA LEU B 83 13.39 0.65 -4.84
C LEU B 83 13.11 2.12 -5.08
N THR B 84 13.96 2.99 -4.54
CA THR B 84 13.90 4.42 -4.78
C THR B 84 15.22 4.83 -5.41
N MET B 85 15.15 5.52 -6.56
CA MET B 85 16.34 5.75 -7.35
C MET B 85 16.18 7.01 -8.19
N TYR B 86 17.32 7.61 -8.54
CA TYR B 86 17.39 8.66 -9.55
C TYR B 86 17.71 7.98 -10.87
N PHE B 87 16.77 8.01 -11.80
CA PHE B 87 16.87 7.26 -13.05
C PHE B 87 17.19 8.24 -14.19
N GLN B 88 18.47 8.45 -14.44
CA GLN B 88 18.90 9.26 -15.57
C GLN B 88 19.02 8.40 -16.81
N GLN B 89 18.73 9.00 -17.97
CA GLN B 89 18.87 8.28 -19.23
C GLN B 89 19.21 9.31 -20.31
N ALA B 90 20.49 9.35 -20.69
CA ALA B 90 20.98 10.30 -21.66
C ALA B 90 20.98 9.70 -23.06
N TRP B 91 20.63 10.51 -24.04
CA TRP B 91 20.66 10.08 -25.43
C TRP B 91 20.95 11.27 -26.33
N ARG B 92 21.48 10.99 -27.51
CA ARG B 92 21.78 12.03 -28.46
C ARG B 92 20.53 12.41 -29.25
N ASP B 93 20.46 13.67 -29.65
CA ASP B 93 19.35 14.14 -30.47
C ASP B 93 19.83 15.36 -31.24
N LYS B 94 19.89 15.24 -32.56
CA LYS B 94 20.41 16.33 -33.39
C LYS B 94 19.44 17.49 -33.51
N ARG B 95 18.14 17.25 -33.34
CA ARG B 95 17.16 18.32 -33.51
C ARG B 95 17.35 19.40 -32.44
N LEU B 96 17.66 19.00 -31.22
CA LEU B 96 17.77 19.93 -30.10
C LEU B 96 19.15 20.58 -30.00
N SER B 97 20.05 20.32 -30.95
CA SER B 97 21.37 20.91 -30.87
C SER B 97 21.32 22.42 -30.99
N TYR B 98 22.10 23.10 -30.16
CA TYR B 98 22.21 24.54 -30.19
C TYR B 98 23.67 24.92 -29.98
N ASN B 99 24.05 26.08 -30.50
CA ASN B 99 25.43 26.54 -30.44
C ASN B 99 25.60 27.97 -29.96
N VAL B 100 24.55 28.80 -30.01
CA VAL B 100 24.69 30.20 -29.61
C VAL B 100 25.07 30.30 -28.14
N ILE B 101 24.38 29.55 -27.29
CA ILE B 101 24.62 29.59 -25.85
C ILE B 101 25.77 28.65 -25.52
N PRO B 102 26.81 29.09 -24.80
CA PRO B 102 27.90 28.17 -24.46
C PRO B 102 27.60 27.25 -23.29
N LEU B 103 26.65 27.60 -22.44
CA LEU B 103 26.39 26.82 -21.23
C LEU B 103 25.32 25.77 -21.48
N ASN B 104 25.15 24.89 -20.50
CA ASN B 104 24.20 23.79 -20.57
C ASN B 104 22.85 24.26 -20.03
N LEU B 105 21.90 24.49 -20.94
CA LEU B 105 20.56 24.86 -20.50
C LEU B 105 19.94 23.75 -19.68
N THR B 106 19.29 24.12 -18.58
CA THR B 106 18.54 23.21 -17.73
C THR B 106 17.11 23.74 -17.69
N LEU B 107 16.31 23.36 -18.68
CA LEU B 107 14.95 23.88 -18.78
C LEU B 107 14.08 23.28 -17.68
N ASP B 108 12.91 23.89 -17.50
CA ASP B 108 12.00 23.46 -16.44
C ASP B 108 11.56 22.02 -16.68
N ASN B 109 11.26 21.32 -15.58
CA ASN B 109 10.87 19.91 -15.69
C ASN B 109 9.56 19.73 -16.44
N ARG B 110 8.80 20.79 -16.65
CA ARG B 110 7.54 20.72 -17.38
C ARG B 110 7.73 20.60 -18.89
N VAL B 111 8.95 20.78 -19.40
CA VAL B 111 9.19 20.68 -20.83
C VAL B 111 9.35 19.25 -21.30
N ALA B 112 9.47 18.30 -20.37
CA ALA B 112 9.65 16.90 -20.76
C ALA B 112 8.48 16.42 -21.60
N ASP B 113 7.26 16.83 -21.24
CA ASP B 113 6.09 16.41 -22.00
C ASP B 113 6.13 16.88 -23.44
N GLN B 114 6.87 17.95 -23.73
CA GLN B 114 6.98 18.48 -25.08
C GLN B 114 8.15 17.90 -25.85
N LEU B 115 8.85 16.92 -25.31
CA LEU B 115 10.02 16.34 -25.93
C LEU B 115 9.86 14.82 -26.01
N TRP B 116 10.49 14.24 -27.03
CA TRP B 116 10.52 12.78 -27.13
C TRP B 116 11.37 12.21 -26.01
N VAL B 117 10.95 11.03 -25.52
CA VAL B 117 11.73 10.29 -24.54
C VAL B 117 11.66 8.81 -24.87
N PRO B 118 12.63 8.03 -24.42
CA PRO B 118 12.53 6.58 -24.59
C PRO B 118 11.28 6.05 -23.91
N ASP B 119 10.64 5.10 -24.57
CA ASP B 119 9.45 4.45 -23.99
C ASP B 119 9.88 3.33 -23.06
N THR B 120 10.76 3.65 -22.11
CA THR B 120 11.29 2.65 -21.20
C THR B 120 10.21 2.20 -20.23
N TYR B 121 10.30 0.93 -19.82
CA TYR B 121 9.40 0.40 -18.82
C TYR B 121 10.13 -0.71 -18.07
N PHE B 122 9.84 -0.82 -16.77
CA PHE B 122 10.45 -1.84 -15.95
C PHE B 122 9.58 -3.08 -16.00
N LEU B 123 10.12 -4.17 -16.55
CA LEU B 123 9.32 -5.34 -16.85
C LEU B 123 8.77 -5.98 -15.57
N ASN B 124 9.61 -6.05 -14.52
CA ASN B 124 9.22 -6.71 -13.28
C ASN B 124 8.77 -5.71 -12.22
N ASP B 125 8.07 -4.65 -12.64
CA ASP B 125 7.57 -3.62 -11.74
C ASP B 125 6.12 -3.90 -11.40
N LYS B 126 5.81 -4.00 -10.11
CA LYS B 126 4.42 -4.19 -9.68
C LYS B 126 3.68 -2.86 -9.62
N LYS B 127 4.32 -1.82 -9.11
CA LYS B 127 3.72 -0.49 -9.06
C LYS B 127 4.81 0.53 -8.85
N SER B 128 4.72 1.64 -9.57
CA SER B 128 5.75 2.66 -9.51
C SER B 128 5.12 4.02 -9.74
N PHE B 129 5.80 5.06 -9.25
CA PHE B 129 5.30 6.42 -9.40
C PHE B 129 6.48 7.38 -9.30
N VAL B 130 6.34 8.50 -9.98
CA VAL B 130 7.29 9.61 -9.87
C VAL B 130 6.89 10.47 -8.69
N HIS B 131 7.86 10.84 -7.86
CA HIS B 131 7.54 11.59 -6.65
C HIS B 131 6.91 12.93 -7.00
N GLY B 132 5.95 13.35 -6.18
CA GLY B 132 5.09 14.47 -6.52
C GLY B 132 5.60 15.84 -6.15
N VAL B 133 5.89 16.07 -4.87
CA VAL B 133 6.16 17.42 -4.39
C VAL B 133 7.62 17.76 -4.63
N THR B 134 7.94 19.05 -4.77
CA THR B 134 7.04 20.19 -4.84
C THR B 134 6.39 20.23 -6.20
N VAL B 135 7.18 19.88 -7.21
CA VAL B 135 6.69 19.67 -8.57
C VAL B 135 7.13 18.26 -8.99
N LYS B 136 6.59 17.82 -10.12
CA LYS B 136 6.94 16.49 -10.63
C LYS B 136 8.44 16.39 -10.81
N ASN B 137 9.06 15.48 -10.07
CA ASN B 137 10.52 15.43 -10.02
C ASN B 137 11.08 14.86 -11.31
N ARG B 138 11.29 15.72 -12.30
CA ARG B 138 11.94 15.37 -13.55
C ARG B 138 13.03 16.39 -13.83
N MET B 139 13.95 16.02 -14.72
CA MET B 139 15.04 16.90 -15.10
C MET B 139 15.20 16.85 -16.62
N ILE B 140 15.51 18.00 -17.20
CA ILE B 140 15.85 18.12 -18.61
C ILE B 140 17.07 19.01 -18.71
N ARG B 141 18.03 18.64 -19.55
CA ARG B 141 19.25 19.41 -19.67
C ARG B 141 19.78 19.25 -21.10
N LEU B 142 19.49 20.23 -21.94
CA LEU B 142 19.90 20.19 -23.34
C LEU B 142 21.33 20.69 -23.44
N HIS B 143 22.25 19.78 -23.70
CA HIS B 143 23.65 20.15 -23.90
C HIS B 143 23.84 20.74 -25.29
N PRO B 144 24.92 21.51 -25.50
CA PRO B 144 25.07 22.19 -26.79
C PRO B 144 25.11 21.23 -27.98
N ASP B 145 25.73 20.06 -27.82
CA ASP B 145 25.80 19.12 -28.92
C ASP B 145 24.42 18.62 -29.32
N GLY B 146 23.57 18.37 -28.32
CA GLY B 146 22.25 17.80 -28.56
C GLY B 146 21.89 16.78 -27.50
N THR B 147 22.89 16.29 -26.77
CA THR B 147 22.65 15.32 -25.71
C THR B 147 21.63 15.85 -24.72
N VAL B 148 20.69 15.01 -24.34
CA VAL B 148 19.63 15.36 -23.40
C VAL B 148 19.74 14.44 -22.19
N LEU B 149 19.89 15.03 -21.01
CA LEU B 149 20.02 14.26 -19.77
C LEU B 149 18.68 14.20 -19.04
N TYR B 150 17.80 13.37 -19.58
CA TYR B 150 16.51 13.12 -18.94
C TYR B 150 16.73 12.36 -17.63
N GLY B 151 15.99 12.76 -16.61
CA GLY B 151 16.14 12.13 -15.30
C GLY B 151 14.84 12.15 -14.54
N LEU B 152 14.65 11.11 -13.71
CA LEU B 152 13.45 10.96 -12.92
C LEU B 152 13.82 10.43 -11.55
N ARG B 153 13.02 10.76 -10.55
CA ARG B 153 13.16 10.21 -9.21
C ARG B 153 12.00 9.25 -9.02
N ILE B 154 12.23 7.99 -9.35
CA ILE B 154 11.19 6.98 -9.41
C ILE B 154 11.29 6.09 -8.18
N THR B 155 10.14 5.82 -7.58
CA THR B 155 10.01 4.80 -6.53
C THR B 155 9.20 3.66 -7.11
N THR B 156 9.80 2.46 -7.14
CA THR B 156 9.18 1.31 -7.77
C THR B 156 9.25 0.12 -6.83
N THR B 157 8.15 -0.62 -6.75
CA THR B 157 8.09 -1.86 -5.97
C THR B 157 8.32 -3.06 -6.88
N ALA B 158 9.53 -3.14 -7.42
CA ALA B 158 9.87 -4.23 -8.33
C ALA B 158 9.78 -5.56 -7.59
N ALA B 159 9.40 -6.60 -8.34
CA ALA B 159 9.20 -7.93 -7.79
C ALA B 159 10.28 -8.87 -8.31
N CYS B 160 10.87 -9.64 -7.42
CA CYS B 160 11.85 -10.66 -7.76
C CYS B 160 11.41 -11.99 -7.15
N MET B 161 11.28 -13.00 -7.98
CA MET B 161 10.93 -14.34 -7.50
C MET B 161 11.95 -14.79 -6.48
N MET B 162 11.53 -14.91 -5.23
CA MET B 162 12.45 -15.16 -4.11
C MET B 162 12.48 -16.65 -3.81
N ASP B 163 13.65 -17.25 -3.92
CA ASP B 163 13.83 -18.67 -3.64
C ASP B 163 14.24 -18.79 -2.18
N LEU B 164 13.24 -18.99 -1.31
CA LEU B 164 13.44 -19.05 0.13
C LEU B 164 13.63 -20.48 0.64
N ARG B 165 14.19 -21.36 -0.19
CA ARG B 165 14.37 -22.75 0.25
C ARG B 165 15.31 -22.82 1.45
N ARG B 166 16.40 -22.05 1.42
CA ARG B 166 17.37 -22.04 2.49
C ARG B 166 17.22 -20.83 3.41
N TYR B 167 16.11 -20.11 3.32
CA TYR B 167 15.87 -18.98 4.21
C TYR B 167 15.88 -19.45 5.65
N PRO B 168 16.52 -18.71 6.57
CA PRO B 168 17.16 -17.39 6.44
C PRO B 168 18.57 -17.43 5.89
N LEU B 169 19.23 -18.59 5.84
CA LEU B 169 20.60 -18.68 5.34
C LEU B 169 20.55 -18.78 3.81
N ASP B 170 20.13 -17.69 3.19
CA ASP B 170 19.85 -17.67 1.77
C ASP B 170 20.34 -16.38 1.16
N GLU B 171 20.55 -16.42 -0.15
CA GLU B 171 20.83 -15.24 -0.96
C GLU B 171 19.67 -15.04 -1.93
N GLN B 172 19.54 -13.81 -2.43
CA GLN B 172 18.49 -13.47 -3.38
C GLN B 172 19.10 -12.66 -4.51
N ASN B 173 18.85 -13.09 -5.74
CA ASN B 173 19.27 -12.36 -6.92
C ASN B 173 18.10 -11.54 -7.46
N CYS B 174 17.81 -10.45 -6.77
CA CYS B 174 16.75 -9.55 -7.20
C CYS B 174 17.28 -8.57 -8.24
N THR B 175 16.41 -8.18 -9.16
CA THR B 175 16.83 -7.40 -10.31
C THR B 175 15.72 -6.45 -10.73
N LEU B 176 16.09 -5.51 -11.60
CA LEU B 176 15.17 -4.52 -12.17
C LEU B 176 15.35 -4.56 -13.67
N GLU B 177 14.62 -5.43 -14.35
CA GLU B 177 14.72 -5.55 -15.80
C GLU B 177 14.23 -4.26 -16.45
N ILE B 178 15.09 -3.62 -17.23
CA ILE B 178 14.77 -2.38 -17.94
C ILE B 178 14.70 -2.71 -19.42
N GLU B 179 13.61 -2.30 -20.07
CA GLU B 179 13.37 -2.69 -21.45
C GLU B 179 12.53 -1.63 -22.14
N SER B 180 12.68 -1.54 -23.46
CA SER B 180 11.91 -0.61 -24.27
C SER B 180 10.64 -1.29 -24.74
N TYR B 181 9.49 -0.71 -24.43
CA TYR B 181 8.23 -1.37 -24.71
C TYR B 181 7.99 -1.52 -26.20
N GLY B 182 8.09 -0.43 -26.95
CA GLY B 182 7.69 -0.45 -28.34
C GLY B 182 8.82 -0.70 -29.31
N TYR B 183 9.89 0.07 -29.20
CA TYR B 183 10.94 0.06 -30.22
C TYR B 183 11.73 -1.25 -30.16
N THR B 184 12.26 -1.65 -31.31
CA THR B 184 13.11 -2.82 -31.43
C THR B 184 14.57 -2.38 -31.46
N THR B 185 15.46 -3.37 -31.45
CA THR B 185 16.90 -3.07 -31.40
C THR B 185 17.34 -2.23 -32.59
N ASP B 186 16.67 -2.36 -33.73
CA ASP B 186 17.01 -1.53 -34.87
C ASP B 186 16.74 -0.06 -34.61
N ASP B 187 15.77 0.24 -33.75
CA ASP B 187 15.34 1.62 -33.52
C ASP B 187 15.94 2.24 -32.26
N ILE B 188 16.25 1.44 -31.24
CA ILE B 188 16.78 1.96 -29.99
C ILE B 188 17.74 0.94 -29.41
N GLU B 189 18.82 1.43 -28.81
CA GLU B 189 19.81 0.57 -28.17
C GLU B 189 20.13 1.12 -26.80
N PHE B 190 20.14 0.24 -25.80
CA PHE B 190 20.48 0.60 -24.44
C PHE B 190 21.93 0.24 -24.13
N TYR B 191 22.48 0.91 -23.14
CA TYR B 191 23.82 0.63 -22.64
C TYR B 191 24.03 1.42 -21.36
N TRP B 192 24.75 0.85 -20.42
CA TRP B 192 25.09 1.58 -19.20
C TRP B 192 26.11 2.66 -19.55
N ARG B 193 25.81 3.91 -19.18
CA ARG B 193 26.73 5.00 -19.43
C ARG B 193 27.77 5.03 -18.31
N GLY B 194 29.05 4.94 -18.69
CA GLY B 194 30.11 4.72 -17.73
C GLY B 194 30.33 3.26 -17.39
N ASP B 195 29.54 2.35 -17.94
CA ASP B 195 29.70 0.91 -17.76
C ASP B 195 29.54 0.62 -16.26
N ASP B 196 30.51 -0.03 -15.61
CA ASP B 196 30.33 -0.44 -14.23
C ASP B 196 30.15 0.75 -13.29
N ASN B 197 30.48 1.96 -13.71
CA ASN B 197 30.26 3.16 -12.92
C ASN B 197 28.90 3.79 -13.18
N ALA B 198 28.06 3.18 -14.01
CA ALA B 198 26.75 3.75 -14.29
C ALA B 198 25.87 3.75 -13.05
N VAL B 199 25.91 2.68 -12.28
CA VAL B 199 25.12 2.56 -11.05
C VAL B 199 25.96 2.98 -9.88
N THR B 200 25.42 3.89 -9.05
CA THR B 200 26.15 4.48 -7.94
C THR B 200 25.30 4.47 -6.70
N GLY B 201 25.96 4.53 -5.54
CA GLY B 201 25.29 4.68 -4.28
C GLY B 201 24.77 3.41 -3.66
N VAL B 202 24.95 2.26 -4.31
CA VAL B 202 24.48 1.02 -3.72
C VAL B 202 25.27 0.68 -2.47
N THR B 203 26.56 1.06 -2.44
CA THR B 203 27.39 0.73 -1.29
C THR B 203 26.87 1.40 -0.02
N LYS B 204 26.42 2.65 -0.13
CA LYS B 204 25.95 3.38 1.05
C LYS B 204 24.67 2.79 1.61
N ILE B 205 23.91 2.03 0.82
CA ILE B 205 22.62 1.53 1.26
C ILE B 205 22.82 0.56 2.41
N GLU B 206 21.95 0.66 3.42
CA GLU B 206 21.98 -0.20 4.60
C GLU B 206 20.57 -0.72 4.83
N LEU B 207 20.23 -1.82 4.18
CA LEU B 207 18.94 -2.45 4.44
C LEU B 207 18.94 -3.06 5.83
N PRO B 208 17.77 -3.18 6.46
CA PRO B 208 17.76 -3.63 7.87
C PRO B 208 18.30 -5.04 8.05
N GLN B 209 17.90 -5.99 7.20
CA GLN B 209 18.27 -7.39 7.37
C GLN B 209 18.95 -7.98 6.15
N PHE B 210 19.26 -7.18 5.14
CA PHE B 210 19.91 -7.65 3.92
C PHE B 210 21.19 -6.87 3.68
N SER B 211 22.29 -7.59 3.46
CA SER B 211 23.55 -7.00 3.06
C SER B 211 23.67 -7.12 1.55
N ILE B 212 23.84 -6.00 0.88
CA ILE B 212 23.97 -6.02 -0.58
C ILE B 212 25.39 -6.42 -0.91
N VAL B 213 25.60 -7.73 -1.05
CA VAL B 213 26.95 -8.26 -1.21
C VAL B 213 27.58 -7.74 -2.49
N ASP B 214 26.83 -7.76 -3.59
CA ASP B 214 27.37 -7.35 -4.87
C ASP B 214 26.22 -6.95 -5.78
N TYR B 215 26.55 -6.13 -6.77
CA TYR B 215 25.62 -5.73 -7.80
C TYR B 215 26.29 -5.92 -9.15
N LYS B 216 25.51 -6.31 -10.15
CA LYS B 216 26.03 -6.60 -11.48
C LYS B 216 25.16 -5.95 -12.52
N LEU B 217 25.80 -5.42 -13.56
CA LEU B 217 25.14 -4.73 -14.65
C LEU B 217 25.28 -5.57 -15.91
N ILE B 218 24.17 -5.77 -16.62
CA ILE B 218 24.14 -6.62 -17.81
C ILE B 218 23.50 -5.84 -18.95
N THR B 219 23.92 -6.16 -20.16
CA THR B 219 23.30 -5.65 -21.38
C THR B 219 22.94 -6.84 -22.25
N LYS B 220 21.67 -6.88 -22.68
CA LYS B 220 21.14 -8.00 -23.46
C LYS B 220 20.35 -7.45 -24.63
N LYS B 221 20.02 -8.34 -25.56
CA LYS B 221 19.09 -8.06 -26.66
C LYS B 221 18.09 -9.21 -26.66
N VAL B 222 17.04 -9.08 -25.85
CA VAL B 222 16.08 -10.17 -25.72
C VAL B 222 15.38 -10.40 -27.05
N VAL B 223 15.33 -11.66 -27.47
CA VAL B 223 14.72 -12.05 -28.74
C VAL B 223 13.30 -12.49 -28.43
N PHE B 224 12.34 -11.62 -28.72
CA PHE B 224 10.93 -11.92 -28.55
C PHE B 224 10.34 -12.39 -29.87
N SER B 225 9.05 -12.71 -29.86
CA SER B 225 8.38 -13.12 -31.09
C SER B 225 8.43 -12.01 -32.13
N THR B 226 8.14 -10.77 -31.71
CA THR B 226 8.16 -9.66 -32.66
C THR B 226 9.57 -9.41 -33.19
N GLY B 227 10.57 -9.46 -32.32
CA GLY B 227 11.93 -9.19 -32.74
C GLY B 227 12.86 -9.11 -31.55
N SER B 228 14.07 -8.62 -31.81
CA SER B 228 15.12 -8.52 -30.80
C SER B 228 14.99 -7.15 -30.13
N TYR B 229 14.44 -7.15 -28.91
CA TYR B 229 14.32 -5.91 -28.16
C TYR B 229 15.58 -5.66 -27.33
N PRO B 230 15.91 -4.40 -27.04
CA PRO B 230 17.05 -4.12 -26.16
C PRO B 230 16.66 -4.23 -24.70
N ARG B 231 17.61 -4.67 -23.89
CA ARG B 231 17.37 -4.98 -22.49
C ARG B 231 18.57 -4.57 -21.66
N LEU B 232 18.29 -4.10 -20.44
CA LEU B 232 19.30 -3.91 -19.42
C LEU B 232 18.80 -4.53 -18.13
N SER B 233 19.73 -5.05 -17.34
CA SER B 233 19.40 -5.73 -16.10
C SER B 233 20.36 -5.26 -15.01
N LEU B 234 19.81 -4.78 -13.92
CA LEU B 234 20.58 -4.40 -12.74
C LEU B 234 20.16 -5.31 -11.61
N SER B 235 21.06 -6.23 -11.23
CA SER B 235 20.77 -7.26 -10.25
C SER B 235 21.63 -7.06 -9.01
N PHE B 236 20.99 -7.00 -7.85
CA PHE B 236 21.69 -6.92 -6.57
C PHE B 236 21.61 -8.28 -5.89
N LYS B 237 22.76 -8.89 -5.62
CA LYS B 237 22.78 -10.20 -4.98
C LYS B 237 22.66 -9.99 -3.47
N LEU B 238 21.44 -9.76 -3.02
CA LEU B 238 21.18 -9.58 -1.60
C LEU B 238 21.56 -10.83 -0.82
N LYS B 239 22.06 -10.62 0.40
CA LYS B 239 22.36 -11.70 1.32
C LYS B 239 21.68 -11.42 2.65
N ARG B 240 21.09 -12.47 3.22
CA ARG B 240 20.33 -12.31 4.46
C ARG B 240 21.27 -12.10 5.64
N ASN B 241 20.94 -11.12 6.48
CA ASN B 241 21.67 -10.90 7.72
C ASN B 241 21.13 -11.87 8.77
N ILE B 242 21.97 -12.81 9.20
CA ILE B 242 21.55 -13.83 10.15
C ILE B 242 21.51 -13.33 11.58
N GLY B 243 21.96 -12.10 11.85
CA GLY B 243 22.05 -11.64 13.22
C GLY B 243 20.70 -11.58 13.91
N TYR B 244 19.68 -11.07 13.22
CA TYR B 244 18.37 -11.05 13.84
C TYR B 244 17.78 -12.44 13.94
N PHE B 245 17.93 -13.24 12.89
CA PHE B 245 17.39 -14.58 12.91
C PHE B 245 18.15 -15.45 13.91
N ILE B 246 19.47 -15.31 14.01
CA ILE B 246 20.19 -16.05 15.03
C ILE B 246 19.78 -15.56 16.42
N LEU B 247 19.47 -14.27 16.54
CA LEU B 247 19.05 -13.74 17.83
C LEU B 247 17.74 -14.37 18.29
N GLN B 248 16.72 -14.32 17.45
CA GLN B 248 15.37 -14.63 17.89
C GLN B 248 14.88 -16.02 17.49
N THR B 249 15.26 -16.52 16.32
CA THR B 249 14.72 -17.80 15.85
C THR B 249 15.47 -18.97 16.47
N TYR B 250 16.77 -19.09 16.20
CA TYR B 250 17.51 -20.29 16.55
C TYR B 250 17.83 -20.36 18.04
N MET B 251 18.20 -19.23 18.64
CA MET B 251 18.66 -19.27 20.03
C MET B 251 17.58 -19.75 20.99
N PRO B 252 16.38 -19.17 21.01
CA PRO B 252 15.34 -19.70 21.92
C PRO B 252 15.03 -21.15 21.67
N SER B 253 15.01 -21.57 20.40
CA SER B 253 14.69 -22.95 20.07
C SER B 253 15.73 -23.90 20.64
N ILE B 254 17.02 -23.58 20.45
CA ILE B 254 18.07 -24.45 20.96
C ILE B 254 18.05 -24.46 22.48
N LEU B 255 17.75 -23.32 23.11
CA LEU B 255 17.63 -23.28 24.56
C LEU B 255 16.51 -24.20 25.04
N ILE B 256 15.34 -24.11 24.41
CA ILE B 256 14.21 -24.94 24.80
C ILE B 256 14.57 -26.40 24.62
N THR B 257 15.23 -26.73 23.51
CA THR B 257 15.64 -28.11 23.28
C THR B 257 16.58 -28.58 24.37
N ILE B 258 17.50 -27.73 24.81
CA ILE B 258 18.41 -28.10 25.89
C ILE B 258 17.61 -28.43 27.15
N LEU B 259 16.54 -27.66 27.41
CA LEU B 259 15.74 -27.94 28.60
C LEU B 259 15.22 -29.37 28.60
N SER B 260 14.85 -29.89 27.44
CA SER B 260 14.27 -31.22 27.38
C SER B 260 15.23 -32.27 27.94
N TRP B 261 16.52 -32.12 27.65
CA TRP B 261 17.49 -33.10 28.14
C TRP B 261 17.55 -33.12 29.65
N VAL B 262 17.25 -31.99 30.29
CA VAL B 262 17.33 -31.92 31.75
C VAL B 262 16.39 -32.94 32.38
N SER B 263 15.26 -33.23 31.74
CA SER B 263 14.34 -34.22 32.27
C SER B 263 15.01 -35.57 32.48
N PHE B 264 16.05 -35.86 31.70
CA PHE B 264 16.80 -37.10 31.91
C PHE B 264 17.56 -37.05 33.22
N TRP B 265 17.95 -35.87 33.68
CA TRP B 265 18.64 -35.75 34.96
C TRP B 265 17.70 -35.94 36.14
N ILE B 266 16.40 -35.70 35.94
CA ILE B 266 15.44 -35.70 37.04
C ILE B 266 15.22 -37.08 37.63
N ASN B 267 15.59 -38.15 36.90
CA ASN B 267 15.39 -39.53 37.34
C ASN B 267 13.93 -39.93 37.18
N TYR B 268 13.66 -41.24 37.26
CA TYR B 268 12.35 -41.77 36.92
C TYR B 268 11.39 -41.81 38.11
N ASP B 269 11.92 -41.93 39.34
CA ASP B 269 11.05 -41.97 40.50
C ASP B 269 10.20 -40.70 40.61
N ALA B 270 10.72 -39.58 40.15
CA ALA B 270 9.97 -38.31 40.14
C ALA B 270 9.25 -38.17 38.79
N SER B 271 8.27 -39.06 38.59
CA SER B 271 7.57 -39.11 37.31
C SER B 271 6.85 -37.79 37.02
N ALA B 272 6.14 -37.25 38.02
CA ALA B 272 5.31 -36.07 37.80
C ALA B 272 6.15 -34.87 37.36
N ALA B 273 7.28 -34.65 38.03
CA ALA B 273 8.12 -33.52 37.66
C ALA B 273 8.67 -33.68 36.24
N ARG B 274 9.12 -34.88 35.90
CA ARG B 274 9.71 -35.12 34.60
C ARG B 274 8.70 -34.89 33.49
N VAL B 275 7.49 -35.45 33.65
CA VAL B 275 6.48 -35.29 32.61
C VAL B 275 6.04 -33.84 32.54
N ALA B 276 5.97 -33.14 33.67
CA ALA B 276 5.65 -31.71 33.63
C ALA B 276 6.68 -30.95 32.80
N LEU B 277 7.96 -31.27 33.01
CA LEU B 277 9.02 -30.62 32.25
C LEU B 277 8.84 -30.84 30.75
N GLY B 278 8.63 -32.10 30.36
CA GLY B 278 8.46 -32.39 28.94
C GLY B 278 7.25 -31.69 28.35
N ILE B 279 6.14 -31.69 29.09
CA ILE B 279 4.92 -31.04 28.61
C ILE B 279 5.18 -29.56 28.35
N THR B 280 5.84 -28.90 29.30
CA THR B 280 6.14 -27.49 29.12
C THR B 280 6.99 -27.28 27.87
N THR B 281 7.98 -28.16 27.66
CA THR B 281 8.86 -28.01 26.51
C THR B 281 8.08 -28.09 25.20
N VAL B 282 7.20 -29.09 25.08
CA VAL B 282 6.50 -29.26 23.81
C VAL B 282 5.58 -28.07 23.53
N LEU B 283 4.83 -27.63 24.55
CA LEU B 283 3.93 -26.50 24.31
C LEU B 283 4.72 -25.23 24.01
N THR B 284 5.89 -25.08 24.61
CA THR B 284 6.74 -23.94 24.29
C THR B 284 7.17 -23.97 22.83
N MET B 285 7.52 -25.15 22.33
CA MET B 285 7.92 -25.25 20.93
C MET B 285 6.79 -24.84 20.00
N THR B 286 5.57 -25.29 20.30
CA THR B 286 4.44 -24.90 19.45
C THR B 286 4.22 -23.39 19.48
N THR B 287 4.31 -22.78 20.66
CA THR B 287 4.20 -21.32 20.75
C THR B 287 5.25 -20.65 19.90
N ILE B 288 6.49 -21.12 19.97
CA ILE B 288 7.56 -20.55 19.17
C ILE B 288 7.20 -20.61 17.69
N ASN B 289 6.75 -21.78 17.23
CA ASN B 289 6.44 -21.93 15.81
C ASN B 289 5.37 -20.94 15.38
N THR B 290 4.27 -20.87 16.14
CA THR B 290 3.18 -20.00 15.73
C THR B 290 3.61 -18.54 15.73
N HIS B 291 4.37 -18.11 16.74
CA HIS B 291 4.76 -16.71 16.79
C HIS B 291 5.80 -16.36 15.73
N LEU B 292 6.66 -17.32 15.36
CA LEU B 292 7.63 -17.06 14.31
C LEU B 292 7.01 -17.11 12.92
N ARG B 293 5.83 -17.73 12.78
CA ARG B 293 5.20 -17.81 11.46
C ARG B 293 4.96 -16.44 10.83
N GLU B 294 4.91 -15.38 11.63
CA GLU B 294 4.62 -14.06 11.10
C GLU B 294 5.71 -13.61 10.11
N THR B 295 5.29 -12.85 9.10
CA THR B 295 6.20 -12.30 8.09
C THR B 295 6.86 -13.40 7.27
N LEU B 296 6.18 -14.53 7.07
CA LEU B 296 6.71 -15.63 6.30
C LEU B 296 5.69 -16.02 5.23
N PRO B 297 6.11 -16.23 3.98
CA PRO B 297 5.16 -16.72 2.97
C PRO B 297 4.88 -18.21 3.16
N LYS B 298 4.13 -18.80 2.25
CA LYS B 298 3.71 -20.19 2.32
C LYS B 298 4.22 -20.97 1.11
N ILE B 299 5.49 -20.79 0.75
CA ILE B 299 6.09 -21.58 -0.31
C ILE B 299 6.03 -23.04 0.12
N PRO B 300 5.84 -23.98 -0.80
CA PRO B 300 5.58 -25.37 -0.39
C PRO B 300 6.79 -26.04 0.23
N TYR B 301 7.94 -25.91 -0.42
CA TYR B 301 9.16 -26.51 0.08
C TYR B 301 9.44 -26.02 1.50
N VAL B 302 10.23 -26.81 2.23
CA VAL B 302 10.53 -26.50 3.62
C VAL B 302 11.64 -25.47 3.67
N LYS B 303 11.42 -24.39 4.41
CA LYS B 303 12.45 -23.40 4.64
C LYS B 303 13.48 -23.95 5.64
N ALA B 304 14.67 -23.36 5.62
CA ALA B 304 15.69 -23.78 6.57
C ALA B 304 15.22 -23.55 8.00
N ILE B 305 14.58 -22.41 8.26
CA ILE B 305 13.99 -22.19 9.57
C ILE B 305 12.92 -23.24 9.83
N ASP B 306 12.09 -23.54 8.83
CA ASP B 306 11.07 -24.56 9.00
C ASP B 306 11.71 -25.91 9.31
N MET B 307 12.77 -26.25 8.59
CA MET B 307 13.43 -27.54 8.82
C MET B 307 14.00 -27.60 10.24
N TYR B 308 14.65 -26.53 10.70
CA TYR B 308 15.26 -26.57 12.02
C TYR B 308 14.20 -26.59 13.11
N LEU B 309 13.13 -25.82 12.95
CA LEU B 309 12.05 -25.86 13.92
C LEU B 309 11.44 -27.24 13.99
N MET B 310 11.23 -27.87 12.83
CA MET B 310 10.70 -29.23 12.82
C MET B 310 11.67 -30.18 13.49
N GLY B 311 12.97 -30.03 13.24
CA GLY B 311 13.93 -30.92 13.84
C GLY B 311 13.95 -30.80 15.36
N CYS B 312 13.97 -29.58 15.87
CA CYS B 312 13.96 -29.38 17.31
C CYS B 312 12.64 -29.88 17.91
N PHE B 313 11.53 -29.62 17.23
CA PHE B 313 10.23 -30.02 17.76
C PHE B 313 10.10 -31.53 17.81
N VAL B 314 10.47 -32.22 16.73
CA VAL B 314 10.38 -33.67 16.72
C VAL B 314 11.39 -34.25 17.70
N PHE B 315 12.52 -33.58 17.92
CA PHE B 315 13.45 -34.08 18.92
C PHE B 315 12.88 -33.95 20.32
N VAL B 316 12.20 -32.84 20.61
CA VAL B 316 11.56 -32.67 21.91
C VAL B 316 10.47 -33.73 22.09
N PHE B 317 9.68 -33.96 21.04
CA PHE B 317 8.67 -35.00 21.08
C PHE B 317 9.32 -36.36 21.31
N MET B 318 10.47 -36.60 20.69
CA MET B 318 11.20 -37.84 20.92
C MET B 318 11.66 -37.95 22.36
N ALA B 319 12.04 -36.83 22.98
CA ALA B 319 12.40 -36.86 24.39
C ALA B 319 11.20 -37.24 25.25
N LEU B 320 10.03 -36.68 24.93
CA LEU B 320 8.82 -37.07 25.66
C LEU B 320 8.54 -38.56 25.48
N LEU B 321 8.67 -39.04 24.25
CA LEU B 321 8.45 -40.46 23.99
C LEU B 321 9.48 -41.31 24.73
N GLU B 322 10.70 -40.80 24.87
CA GLU B 322 11.71 -41.51 25.65
C GLU B 322 11.28 -41.63 27.10
N TYR B 323 10.74 -40.55 27.66
CA TYR B 323 10.22 -40.65 29.02
C TYR B 323 9.10 -41.66 29.11
N ALA B 324 8.22 -41.68 28.11
CA ALA B 324 7.15 -42.67 28.10
C ALA B 324 7.71 -44.08 28.10
N LEU B 325 8.73 -44.32 27.29
CA LEU B 325 9.38 -45.63 27.26
C LEU B 325 9.97 -45.95 28.62
N VAL B 326 10.60 -44.97 29.26
CA VAL B 326 11.22 -45.19 30.57
C VAL B 326 10.16 -45.62 31.57
N ASN B 327 9.03 -44.91 31.60
CA ASN B 327 7.98 -45.25 32.55
C ASN B 327 7.39 -46.64 32.26
N TYR B 328 7.17 -46.94 30.98
CA TYR B 328 6.63 -48.25 30.63
C TYR B 328 7.58 -49.35 31.06
N ILE B 329 8.89 -49.13 30.89
CA ILE B 329 9.87 -50.11 31.36
C ILE B 329 9.83 -50.21 32.89
N PHE B 330 9.59 -49.08 33.56
CA PHE B 330 9.47 -49.11 35.01
C PHE B 330 8.36 -50.06 35.45
N PHE B 331 7.18 -49.92 34.83
CA PHE B 331 6.07 -50.78 35.23
C PHE B 331 6.39 -52.26 34.95
N GLY B 332 6.98 -52.53 33.79
CA GLY B 332 7.31 -53.90 33.43
C GLY B 332 8.33 -54.52 34.37
N THR B 482 16.65 -50.12 38.78
CA THR B 482 17.87 -50.91 38.59
C THR B 482 18.32 -50.84 37.13
N ASP B 483 17.77 -51.71 36.27
CA ASP B 483 18.12 -51.68 34.86
C ASP B 483 17.53 -50.46 34.16
N VAL B 484 16.37 -49.99 34.63
CA VAL B 484 15.77 -48.79 34.06
C VAL B 484 16.73 -47.61 34.20
N ASN B 485 17.45 -47.56 35.32
CA ASN B 485 18.44 -46.51 35.50
C ASN B 485 19.57 -46.63 34.48
N ALA B 486 19.95 -47.87 34.12
CA ALA B 486 20.98 -48.03 33.10
C ALA B 486 20.50 -47.55 31.73
N ILE B 487 19.25 -47.87 31.38
CA ILE B 487 18.71 -47.37 30.13
C ILE B 487 18.70 -45.84 30.15
N ASP B 488 18.37 -45.27 31.32
CA ASP B 488 18.45 -43.82 31.46
C ASP B 488 19.87 -43.32 31.28
N ARG B 489 20.86 -44.07 31.76
CA ARG B 489 22.25 -43.67 31.60
C ARG B 489 22.62 -43.54 30.13
N TRP B 490 22.27 -44.56 29.34
CA TRP B 490 22.59 -44.48 27.91
C TRP B 490 21.81 -43.35 27.23
N SER B 491 20.53 -43.21 27.58
CA SER B 491 19.71 -42.14 27.01
C SER B 491 20.30 -40.77 27.34
N ARG B 492 20.99 -40.65 28.47
CA ARG B 492 21.63 -39.39 28.82
C ARG B 492 22.59 -38.96 27.72
N ILE B 493 23.62 -39.76 27.47
CA ILE B 493 24.68 -39.32 26.55
C ILE B 493 24.15 -39.26 25.13
N PHE B 494 23.24 -40.17 24.74
CA PHE B 494 22.84 -40.21 23.34
C PHE B 494 22.22 -38.89 22.90
N PHE B 495 21.33 -38.33 23.71
CA PHE B 495 20.55 -37.19 23.24
C PHE B 495 21.41 -35.97 22.90
N PRO B 496 22.28 -35.48 23.77
CA PRO B 496 23.14 -34.36 23.35
C PRO B 496 24.01 -34.72 22.16
N VAL B 497 24.54 -35.94 22.10
CA VAL B 497 25.44 -36.32 21.02
C VAL B 497 24.69 -36.37 19.70
N VAL B 498 23.55 -37.05 19.68
CA VAL B 498 22.80 -37.17 18.43
C VAL B 498 22.27 -35.81 18.00
N PHE B 499 21.80 -35.00 18.95
CA PHE B 499 21.35 -33.65 18.59
C PHE B 499 22.51 -32.83 18.04
N SER B 500 23.69 -32.95 18.63
CA SER B 500 24.84 -32.20 18.14
C SER B 500 25.21 -32.64 16.73
N PHE B 501 25.17 -33.95 16.47
CA PHE B 501 25.45 -34.43 15.11
C PHE B 501 24.42 -33.89 14.13
N PHE B 502 23.14 -33.92 14.50
CA PHE B 502 22.10 -33.39 13.63
C PHE B 502 22.30 -31.89 13.41
N ASN B 503 22.67 -31.16 14.45
CA ASN B 503 22.88 -29.73 14.35
C ASN B 503 24.05 -29.44 13.41
N ILE B 504 25.14 -30.18 13.54
CA ILE B 504 26.30 -29.96 12.69
C ILE B 504 25.96 -30.27 11.24
N VAL B 505 25.23 -31.37 11.01
CA VAL B 505 24.78 -31.68 9.66
C VAL B 505 23.99 -30.52 9.09
N TYR B 506 23.03 -30.01 9.88
CA TYR B 506 22.21 -28.90 9.43
C TYR B 506 23.06 -27.70 9.06
N TRP B 507 23.94 -27.28 9.96
CA TRP B 507 24.70 -26.06 9.76
C TRP B 507 25.64 -26.18 8.57
N LEU B 508 26.43 -27.26 8.52
CA LEU B 508 27.36 -27.42 7.42
C LEU B 508 26.64 -27.55 6.09
N TYR B 509 25.48 -28.21 6.07
CA TYR B 509 24.70 -28.30 4.84
C TYR B 509 24.24 -26.91 4.40
N TYR B 510 23.79 -26.09 5.35
CA TYR B 510 23.25 -24.79 4.99
C TYR B 510 24.32 -23.69 4.95
N VAL B 511 25.21 -23.65 5.93
CA VAL B 511 26.26 -22.65 5.95
C VAL B 511 27.17 -22.84 4.73
N ASP C 36 16.08 13.60 -44.99
CA ASP C 36 14.87 14.38 -44.74
C ASP C 36 13.64 13.48 -44.81
N ASN C 37 13.79 12.23 -44.38
CA ASN C 37 12.70 11.28 -44.41
C ASN C 37 11.70 11.50 -43.28
N THR C 38 12.06 12.27 -42.26
CA THR C 38 11.13 12.55 -41.17
C THR C 38 9.88 13.27 -41.66
N THR C 39 10.02 14.10 -42.69
CA THR C 39 8.88 14.87 -43.18
C THR C 39 7.78 13.95 -43.71
N VAL C 40 8.17 12.88 -44.39
CA VAL C 40 7.17 11.97 -44.96
C VAL C 40 6.33 11.36 -43.84
N PHE C 41 6.99 10.85 -42.80
CA PHE C 41 6.27 10.24 -41.70
C PHE C 41 5.41 11.26 -40.99
N THR C 42 5.92 12.46 -40.77
CA THR C 42 5.12 13.49 -40.09
C THR C 42 3.87 13.81 -40.90
N ARG C 43 4.03 14.02 -42.21
CA ARG C 43 2.89 14.36 -43.05
C ARG C 43 1.85 13.25 -43.05
N ILE C 44 2.29 12.01 -43.29
CA ILE C 44 1.34 10.90 -43.39
C ILE C 44 0.66 10.68 -42.05
N LEU C 45 1.41 10.67 -40.96
CA LEU C 45 0.83 10.41 -39.65
C LEU C 45 -0.17 11.51 -39.28
N ASP C 46 0.17 12.76 -39.54
CA ASP C 46 -0.75 13.85 -39.22
C ASP C 46 -2.02 13.75 -40.04
N ARG C 47 -1.89 13.57 -41.36
CA ARG C 47 -3.06 13.56 -42.22
C ARG C 47 -3.86 12.27 -42.12
N LEU C 48 -3.33 11.25 -41.45
CA LEU C 48 -4.05 9.99 -41.32
C LEU C 48 -5.36 10.17 -40.56
N LEU C 49 -5.34 10.93 -39.48
CA LEU C 49 -6.45 10.98 -38.54
C LEU C 49 -7.53 12.00 -38.91
N ASP C 50 -7.39 12.70 -40.02
CA ASP C 50 -8.41 13.65 -40.43
C ASP C 50 -9.68 12.91 -40.82
N GLY C 51 -10.82 13.52 -40.53
CA GLY C 51 -12.09 12.91 -40.86
C GLY C 51 -12.38 11.61 -40.12
N TYR C 52 -11.72 11.39 -38.98
CA TYR C 52 -11.88 10.18 -38.20
C TYR C 52 -12.75 10.47 -37.00
N ASP C 53 -13.76 9.63 -36.78
CA ASP C 53 -14.71 9.79 -35.68
C ASP C 53 -14.42 8.70 -34.66
N ASN C 54 -13.77 9.07 -33.56
CA ASN C 54 -13.35 8.10 -32.57
C ASN C 54 -14.53 7.38 -31.94
N ARG C 55 -15.69 8.02 -31.90
CA ARG C 55 -16.83 7.43 -31.19
C ARG C 55 -17.34 6.17 -31.88
N LEU C 56 -17.33 6.14 -33.21
CA LEU C 56 -17.92 5.05 -33.96
C LEU C 56 -16.94 3.90 -34.13
N ARG C 57 -17.47 2.69 -34.12
CA ARG C 57 -16.67 1.50 -34.33
C ARG C 57 -16.25 1.41 -35.81
N PRO C 58 -15.23 0.60 -36.11
CA PRO C 58 -14.84 0.43 -37.52
C PRO C 58 -15.97 -0.21 -38.31
N GLY C 59 -16.18 0.31 -39.52
CA GLY C 59 -17.17 -0.25 -40.41
C GLY C 59 -18.56 -0.28 -39.81
N LEU C 60 -18.98 0.83 -39.22
CA LEU C 60 -20.29 0.88 -38.59
C LEU C 60 -21.39 0.76 -39.64
N GLY C 61 -22.39 -0.06 -39.32
CA GLY C 61 -23.57 -0.18 -40.16
C GLY C 61 -23.40 -1.01 -41.41
N GLU C 62 -22.27 -1.70 -41.57
CA GLU C 62 -22.03 -2.54 -42.74
C GLU C 62 -21.45 -3.90 -42.42
N ARG C 63 -20.83 -4.10 -41.28
CA ARG C 63 -20.31 -5.41 -40.90
C ARG C 63 -19.97 -5.39 -39.42
N VAL C 64 -19.78 -6.57 -38.87
CA VAL C 64 -19.32 -6.70 -37.50
C VAL C 64 -17.83 -6.45 -37.44
N THR C 65 -17.36 -5.89 -36.34
CA THR C 65 -15.94 -5.61 -36.13
C THR C 65 -15.31 -6.79 -35.43
N GLU C 66 -14.45 -7.52 -36.14
CA GLU C 66 -13.76 -8.67 -35.58
C GLU C 66 -12.50 -8.22 -34.89
N VAL C 67 -12.41 -8.43 -33.58
CA VAL C 67 -11.24 -8.10 -32.79
C VAL C 67 -10.52 -9.40 -32.49
N LYS C 68 -9.33 -9.58 -33.06
CA LYS C 68 -8.55 -10.80 -32.87
C LYS C 68 -7.64 -10.58 -31.67
N THR C 69 -8.01 -11.17 -30.55
CA THR C 69 -7.30 -10.96 -29.30
C THR C 69 -6.23 -12.03 -29.09
N ASP C 70 -5.39 -11.80 -28.09
CA ASP C 70 -4.34 -12.74 -27.71
C ASP C 70 -3.68 -12.22 -26.44
N ILE C 71 -3.28 -13.15 -25.59
CA ILE C 71 -2.70 -12.84 -24.29
C ILE C 71 -1.36 -13.55 -24.16
N PHE C 72 -0.36 -12.83 -23.65
CA PHE C 72 0.93 -13.39 -23.27
C PHE C 72 1.14 -13.06 -21.81
N VAL C 73 0.93 -14.04 -20.94
CA VAL C 73 1.00 -13.80 -19.50
C VAL C 73 2.47 -13.59 -19.13
N THR C 74 2.84 -12.34 -18.84
CA THR C 74 4.20 -12.05 -18.41
C THR C 74 4.51 -12.78 -17.11
N SER C 75 3.55 -12.79 -16.18
CA SER C 75 3.77 -13.44 -14.90
C SER C 75 2.43 -13.69 -14.24
N PHE C 76 2.23 -14.92 -13.76
CA PHE C 76 0.99 -15.31 -13.09
C PHE C 76 1.14 -14.95 -11.61
N GLY C 77 0.60 -13.80 -11.24
CA GLY C 77 0.78 -13.26 -9.91
C GLY C 77 0.25 -14.18 -8.83
N PRO C 78 0.40 -13.78 -7.57
CA PRO C 78 -0.02 -14.64 -6.47
C PRO C 78 -1.52 -14.82 -6.45
N VAL C 79 -1.95 -15.97 -5.96
CA VAL C 79 -3.36 -16.31 -5.84
C VAL C 79 -3.82 -15.88 -4.46
N SER C 80 -4.64 -14.84 -4.39
CA SER C 80 -5.14 -14.36 -3.12
C SER C 80 -6.17 -15.33 -2.56
N ASP C 81 -5.72 -16.27 -1.74
CA ASP C 81 -6.63 -17.29 -1.22
C ASP C 81 -7.70 -16.66 -0.34
N HIS C 82 -7.33 -15.70 0.50
CA HIS C 82 -8.30 -15.13 1.44
C HIS C 82 -9.43 -14.43 0.71
N ASP C 83 -9.11 -13.66 -0.33
CA ASP C 83 -10.09 -12.84 -1.02
C ASP C 83 -10.67 -13.51 -2.25
N MET C 84 -10.31 -14.76 -2.53
CA MET C 84 -10.78 -15.48 -3.71
C MET C 84 -10.56 -14.67 -4.98
N GLU C 85 -9.30 -14.32 -5.19
CA GLU C 85 -8.90 -13.61 -6.40
C GLU C 85 -7.43 -13.90 -6.66
N TYR C 86 -6.99 -13.62 -7.88
CA TYR C 86 -5.61 -13.82 -8.28
C TYR C 86 -5.16 -12.65 -9.13
N THR C 87 -3.86 -12.36 -9.07
CA THR C 87 -3.24 -11.31 -9.85
C THR C 87 -2.51 -11.93 -11.03
N ILE C 88 -2.53 -11.24 -12.17
CA ILE C 88 -1.89 -11.76 -13.38
C ILE C 88 -1.42 -10.58 -14.23
N ASP C 89 -0.16 -10.60 -14.60
CA ASP C 89 0.43 -9.60 -15.48
C ASP C 89 0.43 -10.13 -16.90
N VAL C 90 -0.18 -9.37 -17.81
CA VAL C 90 -0.45 -9.87 -19.15
C VAL C 90 -0.10 -8.80 -20.18
N PHE C 91 0.48 -9.23 -21.30
CA PHE C 91 0.59 -8.39 -22.49
C PHE C 91 -0.66 -8.65 -23.32
N PHE C 92 -1.66 -7.80 -23.13
CA PHE C 92 -2.98 -8.01 -23.72
C PHE C 92 -2.98 -7.45 -25.14
N ARG C 93 -2.62 -8.28 -26.10
CA ARG C 93 -2.60 -7.88 -27.50
C ARG C 93 -3.97 -8.08 -28.11
N GLN C 94 -4.31 -7.23 -29.08
CA GLN C 94 -5.58 -7.35 -29.77
C GLN C 94 -5.59 -6.51 -31.04
N SER C 95 -5.88 -7.15 -32.17
CA SER C 95 -5.87 -6.50 -33.47
C SER C 95 -7.27 -6.50 -34.07
N TRP C 96 -7.54 -5.52 -34.92
CA TRP C 96 -8.83 -5.42 -35.58
C TRP C 96 -8.67 -4.62 -36.86
N LYS C 97 -9.37 -5.06 -37.91
CA LYS C 97 -9.30 -4.36 -39.18
C LYS C 97 -10.04 -3.04 -39.10
N ASP C 98 -9.46 -2.00 -39.69
CA ASP C 98 -10.09 -0.68 -39.76
C ASP C 98 -9.74 -0.06 -41.10
N GLU C 99 -10.74 0.18 -41.93
CA GLU C 99 -10.48 0.70 -43.27
C GLU C 99 -10.12 2.18 -43.24
N ARG C 100 -10.60 2.93 -42.25
CA ARG C 100 -10.35 4.36 -42.21
C ARG C 100 -8.87 4.67 -42.04
N LEU C 101 -8.18 3.91 -41.20
CA LEU C 101 -6.75 4.10 -40.97
C LEU C 101 -5.93 3.30 -41.99
N LYS C 102 -6.14 3.64 -43.26
CA LYS C 102 -5.47 3.00 -44.38
C LYS C 102 -4.51 3.99 -45.01
N PHE C 103 -3.24 3.58 -45.13
CA PHE C 103 -2.21 4.44 -45.67
C PHE C 103 -1.25 3.63 -46.52
N LYS C 104 -0.70 4.27 -47.54
CA LYS C 104 0.38 3.72 -48.36
C LYS C 104 1.59 4.61 -48.22
N GLY C 105 2.72 4.03 -47.81
CA GLY C 105 3.92 4.79 -47.59
C GLY C 105 5.16 3.92 -47.60
N PRO C 106 6.32 4.55 -47.42
CA PRO C 106 7.58 3.77 -47.45
C PRO C 106 7.62 2.66 -46.41
N MET C 107 7.07 2.90 -45.23
CA MET C 107 7.13 1.95 -44.12
C MET C 107 5.77 1.28 -43.96
N THR C 108 5.78 -0.05 -43.94
CA THR C 108 4.53 -0.79 -43.80
C THR C 108 3.89 -0.54 -42.44
N VAL C 109 4.70 -0.48 -41.39
CA VAL C 109 4.22 -0.35 -40.02
C VAL C 109 4.58 1.05 -39.52
N LEU C 110 3.59 1.73 -38.94
CA LEU C 110 3.76 3.08 -38.40
C LEU C 110 3.50 3.04 -36.89
N ARG C 111 4.57 2.88 -36.11
CA ARG C 111 4.43 2.96 -34.67
C ARG C 111 3.90 4.34 -34.27
N LEU C 112 2.94 4.35 -33.35
CA LEU C 112 2.32 5.58 -32.89
C LEU C 112 2.50 5.73 -31.38
N ASN C 113 2.68 6.97 -30.94
CA ASN C 113 2.81 7.26 -29.53
C ASN C 113 1.48 7.09 -28.81
N ASN C 114 1.53 7.04 -27.49
CA ASN C 114 0.32 6.85 -26.70
C ASN C 114 -0.69 7.95 -26.93
N LEU C 115 -0.23 9.16 -27.29
CA LEU C 115 -1.18 10.24 -27.54
C LEU C 115 -2.10 9.92 -28.70
N MET C 116 -1.55 9.35 -29.78
CA MET C 116 -2.40 9.03 -30.93
C MET C 116 -3.32 7.85 -30.63
N ALA C 117 -2.92 6.97 -29.71
CA ALA C 117 -3.76 5.81 -29.40
C ALA C 117 -5.12 6.22 -28.87
N SER C 118 -5.19 7.34 -28.14
CA SER C 118 -6.47 7.78 -27.61
C SER C 118 -7.35 8.39 -28.68
N LYS C 119 -6.76 8.92 -29.76
CA LYS C 119 -7.51 9.62 -30.78
C LYS C 119 -8.10 8.70 -31.84
N ILE C 120 -7.86 7.40 -31.77
CA ILE C 120 -8.42 6.43 -32.71
C ILE C 120 -9.23 5.41 -31.93
N TRP C 121 -10.23 4.82 -32.60
CA TRP C 121 -11.13 3.90 -31.93
C TRP C 121 -10.38 2.69 -31.42
N THR C 122 -10.76 2.22 -30.24
CA THR C 122 -10.19 1.01 -29.66
C THR C 122 -11.32 0.21 -29.02
N PRO C 123 -11.17 -1.11 -28.90
CA PRO C 123 -12.23 -1.91 -28.27
C PRO C 123 -12.20 -1.72 -26.76
N ASP C 124 -13.39 -1.49 -26.19
CA ASP C 124 -13.53 -1.25 -24.75
C ASP C 124 -13.58 -2.58 -24.00
N THR C 125 -12.52 -3.37 -24.18
CA THR C 125 -12.48 -4.74 -23.69
C THR C 125 -12.26 -4.74 -22.19
N PHE C 126 -13.35 -4.72 -21.43
CA PHE C 126 -13.27 -4.83 -20.00
C PHE C 126 -13.22 -6.30 -19.58
N PHE C 127 -12.93 -6.52 -18.30
CA PHE C 127 -12.87 -7.85 -17.73
C PHE C 127 -14.14 -8.15 -16.96
N HIS C 128 -14.79 -9.26 -17.29
CA HIS C 128 -16.07 -9.57 -16.67
C HIS C 128 -15.93 -9.89 -15.19
N ASN C 129 -14.80 -10.47 -14.78
CA ASN C 129 -14.53 -10.78 -13.39
C ASN C 129 -13.34 -10.00 -12.87
N GLY C 130 -13.08 -8.82 -13.43
CA GLY C 130 -12.01 -7.99 -12.95
C GLY C 130 -12.38 -7.24 -11.68
N LYS C 131 -11.37 -6.98 -10.86
CA LYS C 131 -11.57 -6.26 -9.60
C LYS C 131 -10.30 -5.49 -9.30
N LYS C 132 -10.36 -4.16 -9.39
CA LYS C 132 -9.21 -3.30 -9.11
C LYS C 132 -8.03 -3.67 -10.01
N SER C 133 -8.25 -3.47 -11.30
CA SER C 133 -7.19 -3.65 -12.29
C SER C 133 -6.47 -2.34 -12.53
N VAL C 134 -5.18 -2.43 -12.83
CA VAL C 134 -4.32 -1.27 -13.02
C VAL C 134 -3.50 -1.46 -14.28
N ALA C 135 -3.40 -0.40 -15.08
CA ALA C 135 -2.56 -0.38 -16.26
C ALA C 135 -1.27 0.36 -15.93
N HIS C 136 -0.15 -0.33 -16.04
CA HIS C 136 1.13 0.26 -15.65
C HIS C 136 1.44 1.46 -16.52
N ASN C 137 2.00 2.50 -15.88
CA ASN C 137 2.30 3.75 -16.56
C ASN C 137 3.75 4.19 -16.44
N MET C 138 4.57 3.45 -15.69
CA MET C 138 5.98 3.80 -15.53
C MET C 138 6.79 3.14 -16.65
N THR C 139 7.60 3.93 -17.36
CA THR C 139 7.85 5.35 -17.30
C THR C 139 6.72 6.12 -17.95
N MET C 140 6.49 5.85 -19.22
CA MET C 140 5.34 6.33 -19.96
C MET C 140 4.32 5.20 -20.08
N PRO C 141 3.12 5.48 -20.58
CA PRO C 141 2.10 4.43 -20.65
C PRO C 141 2.60 3.20 -21.41
N ASN C 142 2.41 2.02 -20.82
CA ASN C 142 2.87 0.77 -21.39
C ASN C 142 1.81 0.28 -22.38
N LYS C 143 1.85 0.87 -23.58
CA LYS C 143 0.95 0.45 -24.65
C LYS C 143 1.38 1.05 -25.97
N LEU C 144 1.52 0.21 -26.99
CA LEU C 144 1.86 0.64 -28.34
C LEU C 144 0.67 0.46 -29.25
N LEU C 145 0.78 1.00 -30.46
CA LEU C 145 -0.31 0.90 -31.43
C LEU C 145 0.30 1.03 -32.82
N ARG C 146 0.44 -0.08 -33.51
CA ARG C 146 1.03 -0.13 -34.84
C ARG C 146 -0.08 -0.25 -35.88
N ILE C 147 -0.02 0.60 -36.90
CA ILE C 147 -1.00 0.60 -37.98
C ILE C 147 -0.30 0.11 -39.23
N THR C 148 -0.68 -1.06 -39.71
CA THR C 148 -0.14 -1.57 -40.95
C THR C 148 -0.75 -0.83 -42.13
N GLU C 149 -0.18 -1.03 -43.31
CA GLU C 149 -0.63 -0.29 -44.49
C GLU C 149 -2.09 -0.57 -44.80
N ASP C 150 -2.51 -1.84 -44.70
CA ASP C 150 -3.90 -2.17 -44.99
C ASP C 150 -4.84 -1.52 -43.99
N GLY C 151 -4.45 -1.48 -42.72
CA GLY C 151 -5.29 -0.95 -41.67
C GLY C 151 -5.46 -1.91 -40.51
N THR C 152 -4.58 -2.91 -40.43
CA THR C 152 -4.68 -3.95 -39.40
C THR C 152 -3.98 -3.45 -38.15
N LEU C 153 -4.73 -2.75 -37.30
CA LEU C 153 -4.15 -2.22 -36.07
C LEU C 153 -3.72 -3.34 -35.15
N LEU C 154 -2.68 -3.08 -34.37
CA LEU C 154 -2.20 -3.98 -33.33
C LEU C 154 -2.03 -3.16 -32.06
N TYR C 155 -2.93 -3.35 -31.10
CA TYR C 155 -3.01 -2.53 -29.90
C TYR C 155 -2.58 -3.38 -28.71
N THR C 156 -1.28 -3.39 -28.44
CA THR C 156 -0.73 -4.13 -27.32
C THR C 156 -0.65 -3.24 -26.10
N MET C 157 -0.89 -3.83 -24.93
CA MET C 157 -0.77 -3.10 -23.68
C MET C 157 -0.40 -4.08 -22.57
N ARG C 158 0.10 -3.52 -21.48
CA ARG C 158 0.49 -4.29 -20.31
C ARG C 158 -0.47 -3.98 -19.17
N LEU C 159 -0.97 -5.03 -18.53
CA LEU C 159 -1.95 -4.89 -17.46
C LEU C 159 -1.54 -5.77 -16.28
N THR C 160 -2.21 -5.55 -15.16
CA THR C 160 -2.03 -6.35 -13.96
C THR C 160 -3.38 -6.68 -13.35
N VAL C 161 -4.27 -7.22 -14.19
CA VAL C 161 -5.66 -7.43 -13.79
C VAL C 161 -5.71 -8.36 -12.59
N ARG C 162 -6.46 -7.96 -11.56
CA ARG C 162 -6.72 -8.79 -10.39
C ARG C 162 -8.11 -9.39 -10.56
N ALA C 163 -8.20 -10.40 -11.43
CA ALA C 163 -9.48 -11.02 -11.71
C ALA C 163 -10.00 -11.75 -10.48
N GLU C 164 -11.29 -12.05 -10.51
CA GLU C 164 -11.96 -12.76 -9.43
C GLU C 164 -12.07 -14.23 -9.79
N CYS C 165 -11.65 -15.09 -8.87
CA CYS C 165 -11.69 -16.55 -9.06
C CYS C 165 -12.59 -17.17 -8.01
N PRO C 166 -13.84 -17.52 -8.33
CA PRO C 166 -14.68 -18.15 -7.31
C PRO C 166 -14.14 -19.50 -6.88
N MET C 167 -13.71 -19.61 -5.63
CA MET C 167 -13.08 -20.80 -5.10
C MET C 167 -14.04 -21.52 -4.17
N HIS C 168 -14.23 -22.82 -4.41
CA HIS C 168 -15.01 -23.69 -3.54
C HIS C 168 -14.02 -24.56 -2.79
N LEU C 169 -13.58 -24.06 -1.63
CA LEU C 169 -12.55 -24.73 -0.85
C LEU C 169 -13.15 -25.83 0.03
N GLU C 170 -13.83 -26.77 -0.64
CA GLU C 170 -14.35 -27.95 0.04
C GLU C 170 -13.37 -29.10 0.01
N ASP C 171 -12.57 -29.21 -1.06
CA ASP C 171 -11.56 -30.24 -1.19
C ASP C 171 -10.18 -29.74 -0.80
N PHE C 172 -10.11 -28.69 0.03
CA PHE C 172 -8.88 -28.19 0.64
C PHE C 172 -8.11 -29.36 1.24
N PRO C 173 -6.76 -29.33 1.27
CA PRO C 173 -5.83 -28.46 0.54
C PRO C 173 -5.59 -29.03 -0.85
N MET C 174 -6.17 -30.19 -1.16
CA MET C 174 -6.08 -30.73 -2.51
C MET C 174 -6.90 -29.95 -3.52
N ASP C 175 -7.68 -28.98 -3.06
CA ASP C 175 -8.57 -28.23 -3.94
C ASP C 175 -7.80 -27.63 -5.11
N ALA C 176 -8.32 -27.87 -6.31
CA ALA C 176 -7.80 -27.29 -7.54
C ALA C 176 -8.88 -26.42 -8.14
N HIS C 177 -8.49 -25.30 -8.74
CA HIS C 177 -9.43 -24.31 -9.22
C HIS C 177 -9.08 -23.91 -10.64
N ALA C 178 -10.11 -23.82 -11.49
CA ALA C 178 -9.94 -23.38 -12.86
C ALA C 178 -10.33 -21.91 -12.93
N CYS C 179 -9.41 -21.06 -12.46
CA CYS C 179 -9.71 -19.64 -12.34
C CYS C 179 -9.92 -19.04 -13.73
N PRO C 180 -11.04 -18.36 -13.97
CA PRO C 180 -11.30 -17.81 -15.31
C PRO C 180 -10.81 -16.37 -15.44
N LEU C 181 -10.78 -15.92 -16.70
CA LEU C 181 -10.40 -14.55 -17.04
C LEU C 181 -11.35 -14.01 -18.11
N LYS C 182 -12.65 -14.16 -17.90
CA LYS C 182 -13.63 -13.72 -18.87
C LYS C 182 -13.43 -12.24 -19.21
N PHE C 183 -13.45 -11.94 -20.51
CA PHE C 183 -13.32 -10.55 -20.95
C PHE C 183 -14.06 -10.37 -22.27
N GLY C 184 -14.72 -9.23 -22.41
CA GLY C 184 -15.45 -8.93 -23.63
C GLY C 184 -15.83 -7.47 -23.64
N SER C 185 -16.39 -7.05 -24.76
CA SER C 185 -16.77 -5.65 -24.91
C SER C 185 -17.86 -5.29 -23.90
N TYR C 186 -17.90 -4.02 -23.53
CA TYR C 186 -18.89 -3.51 -22.59
C TYR C 186 -20.07 -2.84 -23.28
N ALA C 187 -19.79 -1.94 -24.22
CA ALA C 187 -20.83 -1.13 -24.84
C ALA C 187 -21.39 -1.73 -26.12
N TYR C 188 -20.76 -2.76 -26.67
CA TYR C 188 -21.12 -3.30 -27.97
C TYR C 188 -21.65 -4.72 -27.83
N THR C 189 -22.79 -4.99 -28.44
CA THR C 189 -23.44 -6.29 -28.35
C THR C 189 -22.73 -7.27 -29.27
N ARG C 190 -23.27 -8.48 -29.38
CA ARG C 190 -22.68 -9.49 -30.24
C ARG C 190 -22.73 -9.11 -31.71
N ALA C 191 -23.60 -8.19 -32.09
CA ALA C 191 -23.80 -7.82 -33.48
C ALA C 191 -22.94 -6.65 -33.93
N GLU C 192 -22.04 -6.16 -33.07
CA GLU C 192 -21.22 -5.00 -33.42
C GLU C 192 -19.74 -5.25 -33.14
N VAL C 193 -19.43 -6.11 -32.17
CA VAL C 193 -18.05 -6.41 -31.83
C VAL C 193 -17.94 -7.86 -31.39
N VAL C 194 -17.23 -8.68 -32.18
CA VAL C 194 -17.08 -10.10 -31.92
C VAL C 194 -15.60 -10.39 -31.73
N TYR C 195 -15.27 -11.11 -30.65
CA TYR C 195 -13.90 -11.41 -30.31
C TYR C 195 -13.54 -12.82 -30.75
N GLU C 196 -12.30 -12.97 -31.24
CA GLU C 196 -11.80 -14.26 -31.68
C GLU C 196 -10.30 -14.29 -31.40
N TRP C 197 -9.74 -15.49 -31.35
CA TRP C 197 -8.32 -15.64 -31.08
C TRP C 197 -7.52 -15.47 -32.36
N THR C 198 -6.43 -14.70 -32.29
CA THR C 198 -5.65 -14.41 -33.50
C THR C 198 -4.97 -15.65 -34.04
N ARG C 199 -4.62 -16.60 -33.17
CA ARG C 199 -4.02 -17.87 -33.54
C ARG C 199 -4.97 -18.98 -33.15
N GLU C 200 -4.50 -20.21 -33.26
CA GLU C 200 -5.29 -21.34 -32.79
C GLU C 200 -5.61 -21.14 -31.31
N PRO C 201 -6.82 -21.47 -30.86
CA PRO C 201 -7.15 -21.24 -29.44
C PRO C 201 -6.17 -21.88 -28.47
N ALA C 202 -5.66 -23.06 -28.78
CA ALA C 202 -4.66 -23.66 -27.89
C ALA C 202 -3.37 -22.85 -27.86
N ARG C 203 -3.09 -22.11 -28.92
CA ARG C 203 -1.84 -21.38 -29.07
C ARG C 203 -2.08 -19.86 -29.07
N SER C 204 -2.99 -19.41 -28.22
CA SER C 204 -3.31 -17.99 -28.10
C SER C 204 -3.21 -17.47 -26.67
N VAL C 205 -2.90 -18.32 -25.70
CA VAL C 205 -2.65 -17.89 -24.33
C VAL C 205 -1.31 -18.49 -23.94
N VAL C 206 -0.23 -17.73 -24.14
CA VAL C 206 1.12 -18.21 -23.90
C VAL C 206 1.57 -17.70 -22.54
N VAL C 207 2.08 -18.60 -21.71
CA VAL C 207 2.57 -18.28 -20.37
C VAL C 207 4.08 -18.45 -20.37
N ALA C 208 4.78 -17.41 -19.91
CA ALA C 208 6.24 -17.47 -19.87
C ALA C 208 6.70 -18.54 -18.89
N GLU C 209 7.86 -19.13 -19.17
CA GLU C 209 8.34 -20.22 -18.35
C GLU C 209 8.61 -19.77 -16.92
N ASP C 210 9.21 -18.60 -16.76
CA ASP C 210 9.56 -18.07 -15.45
C ASP C 210 8.47 -17.18 -14.86
N GLY C 211 7.33 -17.03 -15.53
CA GLY C 211 6.30 -16.12 -15.05
C GLY C 211 5.53 -16.61 -13.84
N SER C 212 5.69 -17.87 -13.45
CA SER C 212 4.93 -18.42 -12.34
C SER C 212 5.43 -17.83 -11.03
N ARG C 213 4.64 -16.94 -10.43
CA ARG C 213 4.92 -16.39 -9.11
C ARG C 213 4.10 -17.06 -8.02
N LEU C 214 3.43 -18.16 -8.33
CA LEU C 214 2.59 -18.82 -7.35
C LEU C 214 3.43 -19.34 -6.20
N ASN C 215 2.97 -19.08 -4.97
CA ASN C 215 3.64 -19.58 -3.77
C ASN C 215 3.00 -20.85 -3.22
N GLN C 216 1.73 -21.12 -3.56
CA GLN C 216 1.04 -22.30 -3.05
C GLN C 216 0.18 -22.94 -4.14
N TYR C 217 0.62 -22.86 -5.38
CA TYR C 217 -0.14 -23.41 -6.51
C TYR C 217 0.84 -23.84 -7.59
N ASP C 218 0.30 -24.44 -8.64
CA ASP C 218 1.08 -24.85 -9.81
C ASP C 218 0.20 -24.65 -11.03
N LEU C 219 0.63 -23.78 -11.95
CA LEU C 219 -0.17 -23.51 -13.14
C LEU C 219 -0.06 -24.67 -14.10
N LEU C 220 -0.98 -25.64 -13.96
CA LEU C 220 -0.87 -26.87 -14.75
C LEU C 220 -0.99 -26.59 -16.24
N GLY C 221 -1.96 -25.76 -16.63
CA GLY C 221 -2.17 -25.51 -18.04
C GLY C 221 -3.27 -24.50 -18.24
N GLN C 222 -3.60 -24.29 -19.52
CA GLN C 222 -4.56 -23.28 -19.91
C GLN C 222 -5.58 -23.90 -20.85
N THR C 223 -6.80 -23.38 -20.78
CA THR C 223 -7.87 -23.77 -21.69
C THR C 223 -8.73 -22.55 -21.95
N VAL C 224 -9.22 -22.43 -23.18
CA VAL C 224 -9.94 -21.23 -23.61
C VAL C 224 -11.23 -21.63 -24.30
N ASP C 225 -12.15 -20.67 -24.36
CA ASP C 225 -13.41 -20.86 -25.05
C ASP C 225 -13.99 -19.48 -25.32
N SER C 226 -14.91 -19.42 -26.29
CA SER C 226 -15.52 -18.17 -26.74
C SER C 226 -17.04 -18.35 -26.72
N GLY C 227 -17.66 -18.02 -25.60
CA GLY C 227 -19.10 -18.15 -25.44
C GLY C 227 -19.84 -16.86 -25.75
N ILE C 228 -21.12 -16.87 -25.40
CA ILE C 228 -21.99 -15.71 -25.56
C ILE C 228 -22.78 -15.54 -24.27
N VAL C 229 -22.94 -14.29 -23.83
CA VAL C 229 -23.59 -13.96 -22.57
C VAL C 229 -24.91 -13.28 -22.87
N GLN C 230 -25.98 -13.74 -22.21
CA GLN C 230 -27.33 -13.21 -22.38
C GLN C 230 -27.60 -12.22 -21.27
N SER C 231 -27.33 -10.95 -21.53
CA SER C 231 -27.60 -9.88 -20.57
C SER C 231 -28.93 -9.21 -20.91
N SER C 232 -29.45 -8.46 -19.94
CA SER C 232 -30.73 -7.80 -20.12
C SER C 232 -30.68 -6.80 -21.27
N THR C 233 -29.60 -6.02 -21.35
CA THR C 233 -29.48 -5.01 -22.40
C THR C 233 -29.16 -5.61 -23.76
N GLY C 234 -28.80 -6.88 -23.83
CA GLY C 234 -28.51 -7.51 -25.10
C GLY C 234 -27.57 -8.69 -24.92
N GLU C 235 -27.12 -9.21 -26.05
CA GLU C 235 -26.19 -10.33 -26.08
C GLU C 235 -24.77 -9.81 -26.27
N TYR C 236 -23.82 -10.45 -25.58
CA TYR C 236 -22.42 -10.09 -25.66
C TYR C 236 -21.59 -11.35 -25.81
N VAL C 237 -20.39 -11.19 -26.35
CA VAL C 237 -19.47 -12.29 -26.60
C VAL C 237 -18.36 -12.23 -25.56
N VAL C 238 -18.05 -13.38 -24.97
CA VAL C 238 -17.07 -13.48 -23.90
C VAL C 238 -16.00 -14.47 -24.32
N MET C 239 -14.75 -14.13 -24.04
CA MET C 239 -13.59 -14.94 -24.39
C MET C 239 -13.02 -15.51 -23.10
N THR C 240 -13.56 -16.64 -22.66
CA THR C 240 -13.12 -17.25 -21.41
C THR C 240 -11.74 -17.89 -21.58
N THR C 241 -10.96 -17.86 -20.50
CA THR C 241 -9.71 -18.60 -20.43
C THR C 241 -9.59 -19.14 -19.00
N HIS C 242 -9.62 -20.47 -18.86
CA HIS C 242 -9.57 -21.10 -17.55
C HIS C 242 -8.14 -21.49 -17.24
N PHE C 243 -7.50 -20.74 -16.34
CA PHE C 243 -6.19 -21.13 -15.83
C PHE C 243 -6.36 -22.21 -14.78
N HIS C 244 -5.80 -23.38 -15.05
CA HIS C 244 -5.95 -24.52 -14.15
C HIS C 244 -4.84 -24.51 -13.12
N LEU C 245 -5.20 -24.46 -11.84
CA LEU C 245 -4.26 -24.37 -10.74
C LEU C 245 -4.51 -25.50 -9.76
N LYS C 246 -3.43 -26.07 -9.23
CA LYS C 246 -3.50 -27.09 -8.19
C LYS C 246 -2.72 -26.64 -6.98
N ARG C 247 -3.37 -26.64 -5.83
CA ARG C 247 -2.74 -26.14 -4.61
C ARG C 247 -1.56 -27.02 -4.22
N LYS C 248 -0.48 -26.38 -3.79
CA LYS C 248 0.72 -27.07 -3.37
C LYS C 248 0.57 -27.48 -1.91
N ILE C 249 0.42 -28.78 -1.67
CA ILE C 249 0.20 -29.28 -0.31
C ILE C 249 1.46 -29.27 0.54
N GLY C 250 2.61 -28.94 -0.05
CA GLY C 250 3.86 -29.04 0.69
C GLY C 250 3.90 -28.16 1.93
N TYR C 251 3.36 -26.95 1.82
CA TYR C 251 3.43 -26.03 2.95
C TYR C 251 2.54 -26.51 4.10
N PHE C 252 1.28 -26.85 3.79
CA PHE C 252 0.34 -27.19 4.85
C PHE C 252 0.69 -28.50 5.52
N VAL C 253 1.13 -29.49 4.72
CA VAL C 253 1.39 -30.82 5.25
C VAL C 253 2.46 -30.79 6.32
N ILE C 254 3.31 -29.77 6.32
CA ILE C 254 4.36 -29.63 7.33
C ILE C 254 3.97 -28.60 8.38
N GLN C 255 3.26 -27.53 8.00
CA GLN C 255 2.94 -26.49 8.96
C GLN C 255 1.90 -26.96 9.96
N THR C 256 0.85 -27.64 9.49
CA THR C 256 -0.31 -27.95 10.33
C THR C 256 -0.55 -29.44 10.48
N TYR C 257 -0.59 -30.19 9.38
CA TYR C 257 -0.94 -31.60 9.46
C TYR C 257 0.05 -32.38 10.33
N LEU C 258 1.35 -32.22 10.06
CA LEU C 258 2.34 -32.99 10.80
C LEU C 258 2.34 -32.67 12.29
N PRO C 259 2.30 -31.41 12.72
CA PRO C 259 2.15 -31.16 14.17
C PRO C 259 0.91 -31.78 14.77
N CYS C 260 -0.21 -31.78 14.05
CA CYS C 260 -1.43 -32.37 14.59
C CYS C 260 -1.28 -33.89 14.73
N ILE C 261 -0.70 -34.54 13.72
CA ILE C 261 -0.44 -35.97 13.81
C ILE C 261 0.49 -36.26 14.98
N MET C 262 1.51 -35.42 15.14
CA MET C 262 2.39 -35.56 16.29
C MET C 262 1.61 -35.46 17.59
N THR C 263 0.73 -34.47 17.69
CA THR C 263 0.00 -34.24 18.93
C THR C 263 -0.89 -35.43 19.27
N VAL C 264 -1.62 -35.96 18.28
CA VAL C 264 -2.46 -37.12 18.56
C VAL C 264 -1.60 -38.30 18.97
N ILE C 265 -0.40 -38.42 18.40
CA ILE C 265 0.52 -39.46 18.87
C ILE C 265 0.88 -39.21 20.33
N LEU C 266 1.15 -37.95 20.68
CA LEU C 266 1.44 -37.60 22.07
C LEU C 266 0.25 -37.94 22.96
N SER C 267 -0.97 -37.63 22.50
CA SER C 267 -2.15 -37.99 23.27
C SER C 267 -2.21 -39.49 23.48
N GLN C 268 -1.95 -40.25 22.43
CA GLN C 268 -1.93 -41.71 22.56
C GLN C 268 -0.79 -42.16 23.47
N VAL C 269 0.32 -41.41 23.50
CA VAL C 269 1.40 -41.73 24.41
C VAL C 269 0.92 -41.60 25.86
N SER C 270 -0.05 -40.73 26.11
CA SER C 270 -0.55 -40.56 27.47
C SER C 270 -1.10 -41.86 28.04
N PHE C 271 -1.61 -42.74 27.18
CA PHE C 271 -2.09 -44.03 27.65
C PHE C 271 -0.94 -44.90 28.14
N TRP C 272 0.25 -44.74 27.54
CA TRP C 272 1.39 -45.58 27.91
C TRP C 272 1.76 -45.39 29.37
N LEU C 273 1.56 -44.19 29.91
CA LEU C 273 1.91 -43.92 31.29
C LEU C 273 1.06 -44.75 32.24
N ASN C 274 1.65 -45.15 33.35
CA ASN C 274 0.95 -46.01 34.31
C ASN C 274 -0.22 -45.26 34.93
N ARG C 275 -1.32 -45.98 35.13
CA ARG C 275 -2.53 -45.35 35.65
C ARG C 275 -2.35 -44.85 37.08
N GLU C 276 -1.49 -45.52 37.87
CA GLU C 276 -1.30 -45.10 39.25
C GLU C 276 -0.75 -43.68 39.34
N SER C 277 -0.04 -43.23 38.31
CA SER C 277 0.50 -41.88 38.27
C SER C 277 -0.58 -40.95 37.71
N VAL C 278 -1.52 -40.58 38.59
CA VAL C 278 -2.64 -39.73 38.16
C VAL C 278 -2.16 -38.38 37.64
N PRO C 279 -1.35 -37.61 38.38
CA PRO C 279 -1.03 -36.24 37.92
C PRO C 279 -0.34 -36.22 36.57
N ALA C 280 0.53 -37.20 36.29
CA ALA C 280 1.26 -37.21 35.04
C ALA C 280 0.29 -37.33 33.85
N ARG C 281 -0.62 -38.28 33.93
CA ARG C 281 -1.59 -38.45 32.85
C ARG C 281 -2.53 -37.25 32.76
N THR C 282 -2.88 -36.64 33.90
CA THR C 282 -3.73 -35.46 33.87
C THR C 282 -3.05 -34.33 33.09
N VAL C 283 -1.80 -34.02 33.43
CA VAL C 283 -1.12 -32.91 32.79
C VAL C 283 -0.86 -33.22 31.33
N PHE C 284 -0.53 -34.48 31.01
CA PHE C 284 -0.34 -34.85 29.62
C PHE C 284 -1.61 -34.62 28.81
N GLY C 285 -2.74 -35.07 29.36
CA GLY C 285 -4.00 -34.91 28.64
C GLY C 285 -4.36 -33.45 28.42
N VAL C 286 -4.21 -32.61 29.45
CA VAL C 286 -4.57 -31.21 29.29
C VAL C 286 -3.61 -30.53 28.31
N THR C 287 -2.34 -30.92 28.33
CA THR C 287 -1.38 -30.34 27.39
C THR C 287 -1.76 -30.67 25.96
N THR C 288 -2.27 -31.89 25.73
CA THR C 288 -2.67 -32.27 24.38
C THR C 288 -3.70 -31.29 23.82
N VAL C 289 -4.76 -31.00 24.58
CA VAL C 289 -5.79 -30.11 24.10
C VAL C 289 -5.28 -28.67 24.00
N LEU C 290 -4.39 -28.26 24.90
CA LEU C 290 -3.78 -26.94 24.74
C LEU C 290 -3.05 -26.83 23.41
N THR C 291 -2.28 -27.86 23.08
CA THR C 291 -1.55 -27.88 21.81
C THR C 291 -2.53 -27.83 20.63
N MET C 292 -3.60 -28.60 20.70
CA MET C 292 -4.58 -28.60 19.63
C MET C 292 -5.22 -27.22 19.48
N THR C 293 -5.47 -26.54 20.60
CA THR C 293 -5.98 -25.19 20.53
C THR C 293 -5.03 -24.28 19.75
N THR C 294 -3.74 -24.37 20.07
CA THR C 294 -2.76 -23.55 19.37
C THR C 294 -2.77 -23.86 17.87
N LEU C 295 -2.75 -25.15 17.53
CA LEU C 295 -2.71 -25.53 16.11
C LEU C 295 -3.95 -25.06 15.38
N SER C 296 -5.13 -25.22 16.00
CA SER C 296 -6.36 -24.78 15.37
C SER C 296 -6.36 -23.27 15.16
N ILE C 297 -5.87 -22.53 16.16
CA ILE C 297 -5.78 -21.08 16.01
C ILE C 297 -4.89 -20.73 14.83
N SER C 298 -3.74 -21.39 14.73
CA SER C 298 -2.85 -21.12 13.61
C SER C 298 -3.52 -21.45 12.28
N ALA C 299 -4.30 -22.53 12.25
CA ALA C 299 -4.89 -22.98 10.99
C ALA C 299 -5.86 -21.97 10.42
N ARG C 300 -6.69 -21.37 11.27
CA ARG C 300 -7.77 -20.51 10.76
C ARG C 300 -7.22 -19.29 10.05
N ASN C 301 -6.16 -18.68 10.59
CA ASN C 301 -5.62 -17.48 9.97
C ASN C 301 -5.06 -17.74 8.58
N SER C 302 -4.73 -19.00 8.26
CA SER C 302 -4.15 -19.29 6.96
C SER C 302 -5.17 -19.13 5.84
N LEU C 303 -6.43 -19.48 6.11
CA LEU C 303 -7.48 -19.50 5.10
C LEU C 303 -8.61 -18.57 5.49
N PRO C 304 -9.42 -18.12 4.53
CA PRO C 304 -10.54 -17.22 4.86
C PRO C 304 -11.68 -17.99 5.49
N LYS C 305 -12.80 -17.30 5.67
CA LYS C 305 -14.00 -17.95 6.19
C LYS C 305 -14.45 -19.06 5.26
N VAL C 306 -14.84 -20.19 5.84
CA VAL C 306 -15.42 -21.29 5.09
C VAL C 306 -16.40 -22.03 5.98
N ALA C 307 -17.67 -22.06 5.59
CA ALA C 307 -18.72 -22.73 6.36
C ALA C 307 -18.88 -24.19 5.99
N TYR C 308 -17.94 -24.76 5.23
CA TYR C 308 -18.03 -26.13 4.76
C TYR C 308 -17.06 -27.00 5.56
N ALA C 309 -17.13 -28.31 5.30
CA ALA C 309 -16.24 -29.27 5.97
C ALA C 309 -14.90 -29.33 5.25
N THR C 310 -14.20 -28.20 5.27
CA THR C 310 -12.90 -28.12 4.62
C THR C 310 -11.93 -29.07 5.30
N ALA C 311 -10.74 -29.21 4.71
CA ALA C 311 -9.75 -30.14 5.22
C ALA C 311 -9.41 -29.85 6.67
N MET C 312 -9.10 -28.60 6.98
CA MET C 312 -8.76 -28.26 8.35
C MET C 312 -9.92 -28.58 9.28
N ASP C 313 -11.14 -28.22 8.88
CA ASP C 313 -12.30 -28.56 9.68
C ASP C 313 -12.33 -30.05 9.98
N TRP C 314 -12.33 -30.89 8.93
CA TRP C 314 -12.47 -32.32 9.13
C TRP C 314 -11.33 -32.89 9.97
N PHE C 315 -10.10 -32.65 9.54
CA PHE C 315 -8.96 -33.32 10.16
C PHE C 315 -8.71 -32.80 11.57
N ILE C 316 -8.74 -31.48 11.75
CA ILE C 316 -8.53 -30.91 13.06
C ILE C 316 -9.64 -31.34 14.00
N ALA C 317 -10.88 -31.39 13.52
CA ALA C 317 -11.97 -31.84 14.37
C ALA C 317 -11.80 -33.29 14.78
N VAL C 318 -11.40 -34.14 13.85
CA VAL C 318 -11.21 -35.56 14.18
C VAL C 318 -10.09 -35.70 15.21
N CYS C 319 -8.99 -34.97 15.03
CA CYS C 319 -7.89 -35.03 16.00
C CYS C 319 -8.32 -34.45 17.34
N TYR C 320 -9.12 -33.38 17.31
CA TYR C 320 -9.66 -32.81 18.54
C TYR C 320 -10.47 -33.85 19.29
N ALA C 321 -11.33 -34.56 18.57
CA ALA C 321 -12.12 -35.62 19.18
C ALA C 321 -11.23 -36.74 19.70
N PHE C 322 -10.16 -37.07 18.98
CA PHE C 322 -9.24 -38.11 19.44
C PHE C 322 -8.60 -37.73 20.77
N VAL C 323 -8.09 -36.51 20.86
CA VAL C 323 -7.42 -36.10 22.11
C VAL C 323 -8.44 -35.95 23.23
N PHE C 324 -9.63 -35.43 22.92
CA PHE C 324 -10.67 -35.32 23.93
C PHE C 324 -11.08 -36.70 24.42
N SER C 325 -11.14 -37.67 23.51
CA SER C 325 -11.42 -39.04 23.88
C SER C 325 -10.31 -39.62 24.74
N ALA C 326 -9.07 -39.22 24.49
CA ALA C 326 -7.97 -39.65 25.37
C ALA C 326 -8.18 -39.12 26.78
N LEU C 327 -8.57 -37.86 26.91
CA LEU C 327 -8.85 -37.31 28.23
C LEU C 327 -10.02 -38.04 28.89
N ILE C 328 -11.08 -38.28 28.13
CA ILE C 328 -12.23 -39.00 28.67
C ILE C 328 -11.85 -40.41 29.07
N GLU C 329 -10.99 -41.06 28.27
CA GLU C 329 -10.54 -42.41 28.59
C GLU C 329 -9.74 -42.42 29.88
N PHE C 330 -8.88 -41.42 30.06
CA PHE C 330 -8.17 -41.35 31.33
C PHE C 330 -9.11 -41.10 32.48
N ALA C 331 -10.18 -40.32 32.26
CA ALA C 331 -11.15 -40.11 33.33
C ALA C 331 -11.83 -41.42 33.70
N THR C 332 -12.19 -42.21 32.69
CA THR C 332 -12.78 -43.52 32.93
C THR C 332 -11.81 -44.40 33.70
N VAL C 333 -10.53 -44.36 33.33
CA VAL C 333 -9.51 -45.16 34.01
C VAL C 333 -9.41 -44.72 35.47
N ASN C 334 -9.41 -43.41 35.70
CA ASN C 334 -9.31 -42.89 37.06
C ASN C 334 -10.47 -43.35 37.92
N TYR C 335 -11.68 -43.36 37.35
CA TYR C 335 -12.83 -43.85 38.11
C TYR C 335 -12.76 -45.36 38.32
N PHE C 336 -12.17 -46.10 37.37
CA PHE C 336 -12.16 -47.56 37.47
C PHE C 336 -11.51 -48.02 38.78
N THR C 337 -10.45 -47.34 39.20
CA THR C 337 -9.73 -47.72 40.41
C THR C 337 -10.66 -47.68 41.62
N VAL C 415 -3.00 -53.10 35.79
CA VAL C 415 -3.48 -52.00 34.98
C VAL C 415 -4.90 -52.28 34.50
N SER C 416 -5.25 -53.57 34.43
CA SER C 416 -6.60 -54.05 34.13
C SER C 416 -6.81 -54.18 32.63
N LYS C 417 -7.80 -55.00 32.24
CA LYS C 417 -8.09 -55.20 30.81
C LYS C 417 -8.53 -53.90 30.15
N ILE C 418 -9.35 -53.11 30.85
CA ILE C 418 -9.99 -51.94 30.24
C ILE C 418 -8.94 -50.98 29.69
N ASP C 419 -7.91 -50.70 30.48
CA ASP C 419 -6.90 -49.73 30.05
C ASP C 419 -6.20 -50.21 28.79
N ARG C 420 -5.78 -51.47 28.75
CA ARG C 420 -5.02 -51.97 27.62
C ARG C 420 -5.89 -51.99 26.36
N LEU C 421 -7.14 -52.44 26.49
CA LEU C 421 -8.02 -52.47 25.32
C LEU C 421 -8.27 -51.07 24.79
N SER C 422 -8.56 -50.12 25.69
CA SER C 422 -8.82 -48.75 25.27
C SER C 422 -7.60 -48.15 24.59
N ARG C 423 -6.41 -48.41 25.13
CA ARG C 423 -5.19 -47.91 24.50
C ARG C 423 -5.04 -48.46 23.09
N ILE C 424 -5.10 -49.79 22.95
CA ILE C 424 -4.77 -50.38 21.65
C ILE C 424 -5.80 -50.00 20.60
N ALA C 425 -7.07 -49.83 20.98
CA ALA C 425 -8.11 -49.62 19.98
C ALA C 425 -7.87 -48.35 19.16
N PHE C 426 -7.50 -47.26 19.82
CA PHE C 426 -7.51 -45.95 19.17
C PHE C 426 -6.56 -45.85 17.97
N PRO C 427 -5.28 -46.24 18.07
CA PRO C 427 -4.39 -46.03 16.91
C PRO C 427 -4.90 -46.68 15.63
N LEU C 428 -5.58 -47.82 15.73
CA LEU C 428 -6.19 -48.40 14.53
C LEU C 428 -7.24 -47.47 13.96
N LEU C 429 -8.08 -46.88 14.82
CA LEU C 429 -9.08 -45.94 14.34
C LEU C 429 -8.45 -44.73 13.67
N PHE C 430 -7.39 -44.19 14.29
CA PHE C 430 -6.72 -43.04 13.71
C PHE C 430 -6.10 -43.37 12.36
N GLY C 431 -5.47 -44.54 12.27
CA GLY C 431 -4.91 -44.95 10.99
C GLY C 431 -5.98 -45.17 9.93
N ILE C 432 -7.12 -45.73 10.33
CA ILE C 432 -8.23 -45.93 9.40
C ILE C 432 -8.70 -44.58 8.86
N PHE C 433 -8.91 -43.62 9.76
CA PHE C 433 -9.34 -42.31 9.32
C PHE C 433 -8.31 -41.68 8.40
N ASN C 434 -7.03 -41.79 8.74
CA ASN C 434 -5.99 -41.21 7.89
C ASN C 434 -6.01 -41.83 6.51
N LEU C 435 -6.05 -43.16 6.44
CA LEU C 435 -6.04 -43.82 5.14
C LEU C 435 -7.25 -43.40 4.31
N VAL C 436 -8.44 -43.42 4.93
CA VAL C 436 -9.65 -43.05 4.20
C VAL C 436 -9.53 -41.61 3.71
N TYR C 437 -9.11 -40.70 4.59
CA TYR C 437 -9.07 -39.28 4.25
C TYR C 437 -8.08 -38.99 3.14
N TRP C 438 -6.85 -39.52 3.28
CA TRP C 438 -5.82 -39.27 2.29
C TRP C 438 -6.18 -39.90 0.95
N ALA C 439 -6.58 -41.18 0.96
CA ALA C 439 -6.94 -41.83 -0.29
C ALA C 439 -8.14 -41.16 -0.94
N THR C 440 -9.07 -40.65 -0.13
CA THR C 440 -10.22 -39.92 -0.67
C THR C 440 -9.77 -38.66 -1.39
N TYR C 441 -9.20 -37.71 -0.65
CA TYR C 441 -8.90 -36.41 -1.25
C TYR C 441 -7.80 -36.49 -2.30
N LEU C 442 -6.95 -37.51 -2.26
CA LEU C 442 -5.96 -37.67 -3.32
C LEU C 442 -6.61 -38.05 -4.64
N ASN C 443 -7.61 -38.92 -4.61
CA ASN C 443 -8.28 -39.36 -5.83
C ASN C 443 -9.36 -38.39 -6.28
N ARG C 444 -9.97 -37.66 -5.35
CA ARG C 444 -11.04 -36.74 -5.70
C ARG C 444 -10.54 -35.69 -6.69
N GLU C 445 -11.36 -35.43 -7.70
CA GLU C 445 -11.02 -34.47 -8.75
C GLU C 445 -11.87 -33.21 -8.63
N GLY D 63 -20.06 10.31 -42.46
CA GLY D 63 -21.13 9.34 -42.36
C GLY D 63 -22.41 9.92 -41.80
N ASP D 64 -23.46 9.11 -41.76
CA ASP D 64 -24.72 9.57 -41.18
C ASP D 64 -24.67 9.58 -39.66
N VAL D 65 -24.02 8.59 -39.04
CA VAL D 65 -24.03 8.55 -37.59
C VAL D 65 -23.23 9.72 -37.03
N THR D 66 -22.13 10.08 -37.69
CA THR D 66 -21.29 11.15 -37.17
C THR D 66 -21.99 12.50 -37.31
N VAL D 67 -22.68 12.75 -38.43
CA VAL D 67 -23.40 14.03 -38.55
C VAL D 67 -24.56 14.07 -37.56
N ILE D 68 -25.19 12.92 -37.31
CA ILE D 68 -26.24 12.89 -36.29
C ILE D 68 -25.66 13.27 -34.92
N LEU D 69 -24.51 12.69 -34.56
CA LEU D 69 -23.90 13.00 -33.28
C LEU D 69 -23.51 14.48 -33.19
N ASN D 70 -22.94 15.02 -34.27
CA ASN D 70 -22.55 16.43 -34.26
C ASN D 70 -23.77 17.32 -34.10
N ASN D 71 -24.87 16.98 -34.76
CA ASN D 71 -26.10 17.75 -34.57
C ASN D 71 -26.56 17.67 -33.12
N LEU D 72 -26.50 16.50 -32.51
CA LEU D 72 -26.97 16.35 -31.14
C LEU D 72 -26.16 17.21 -30.19
N LEU D 73 -24.84 17.07 -30.21
CA LEU D 73 -24.04 17.79 -29.22
C LEU D 73 -23.97 19.28 -29.49
N GLU D 74 -24.24 19.72 -30.71
CA GLU D 74 -24.20 21.14 -31.02
C GLU D 74 -25.28 21.88 -30.24
N GLY D 75 -24.90 22.98 -29.61
CA GLY D 75 -25.85 23.76 -28.82
C GLY D 75 -26.45 22.97 -27.67
N TYR D 76 -25.65 22.14 -27.02
CA TYR D 76 -26.10 21.29 -25.92
C TYR D 76 -25.42 21.76 -24.64
N ASP D 77 -26.21 22.08 -23.62
CA ASP D 77 -25.69 22.61 -22.36
C ASP D 77 -25.50 21.45 -21.40
N ASN D 78 -24.24 21.06 -21.18
CA ASN D 78 -23.97 20.00 -20.22
C ASN D 78 -24.47 20.35 -18.83
N LYS D 79 -24.46 21.64 -18.48
CA LYS D 79 -24.78 22.03 -17.11
C LYS D 79 -26.26 21.78 -16.79
N LEU D 80 -27.15 22.07 -17.73
CA LEU D 80 -28.58 22.08 -17.45
C LEU D 80 -29.18 20.68 -17.61
N ARG D 81 -30.08 20.33 -16.70
CA ARG D 81 -30.79 19.07 -16.76
C ARG D 81 -31.91 19.13 -17.79
N PRO D 82 -32.42 17.98 -18.21
CA PRO D 82 -33.55 17.99 -19.15
C PRO D 82 -34.77 18.66 -18.53
N ASP D 83 -35.45 19.46 -19.34
CA ASP D 83 -36.72 20.06 -18.94
C ASP D 83 -36.59 20.85 -17.64
N ILE D 84 -35.46 21.51 -17.47
CA ILE D 84 -35.26 22.32 -16.27
C ILE D 84 -36.24 23.49 -16.31
N GLY D 85 -36.89 23.75 -15.19
CA GLY D 85 -37.88 24.81 -15.15
C GLY D 85 -39.16 24.48 -15.88
N VAL D 86 -39.41 23.20 -16.15
CA VAL D 86 -40.64 22.76 -16.81
C VAL D 86 -41.31 21.70 -15.95
N LYS D 87 -40.58 20.65 -15.63
CA LYS D 87 -41.08 19.56 -14.80
C LYS D 87 -39.90 18.72 -14.34
N PRO D 88 -40.06 17.94 -13.27
CA PRO D 88 -38.96 17.07 -12.85
C PRO D 88 -38.60 16.06 -13.92
N THR D 89 -37.33 15.71 -13.97
CA THR D 89 -36.81 14.76 -14.95
C THR D 89 -36.89 13.36 -14.34
N LEU D 90 -37.94 12.63 -14.70
CA LEU D 90 -38.11 11.28 -14.17
C LEU D 90 -36.97 10.39 -14.63
N ILE D 91 -36.41 9.63 -13.70
CA ILE D 91 -35.31 8.72 -13.97
C ILE D 91 -35.71 7.33 -13.49
N HIS D 92 -35.57 6.34 -14.37
CA HIS D 92 -35.78 4.95 -14.02
C HIS D 92 -34.42 4.28 -13.86
N THR D 93 -34.24 3.58 -12.75
CA THR D 93 -32.96 2.95 -12.44
C THR D 93 -33.17 1.47 -12.18
N ASP D 94 -32.35 0.65 -12.82
CA ASP D 94 -32.34 -0.79 -12.61
C ASP D 94 -30.90 -1.23 -12.38
N MET D 95 -30.73 -2.25 -11.55
CA MET D 95 -29.42 -2.71 -11.14
C MET D 95 -29.25 -4.18 -11.49
N TYR D 96 -27.99 -4.61 -11.51
CA TYR D 96 -27.63 -6.02 -11.59
C TYR D 96 -26.53 -6.25 -10.57
N VAL D 97 -26.89 -6.77 -9.41
CA VAL D 97 -25.90 -6.99 -8.36
C VAL D 97 -25.05 -8.18 -8.78
N ASN D 98 -23.89 -7.90 -9.37
CA ASN D 98 -23.04 -8.97 -9.87
C ASN D 98 -22.54 -9.86 -8.74
N SER D 99 -22.07 -9.24 -7.66
CA SER D 99 -21.52 -10.01 -6.54
C SER D 99 -21.43 -9.11 -5.33
N ILE D 100 -22.03 -9.55 -4.22
CA ILE D 100 -21.90 -8.85 -2.94
C ILE D 100 -20.60 -9.31 -2.30
N GLY D 101 -19.62 -8.42 -2.23
CA GLY D 101 -18.35 -8.74 -1.64
C GLY D 101 -18.50 -9.13 -0.18
N PRO D 102 -17.39 -9.46 0.47
CA PRO D 102 -17.45 -9.86 1.88
C PRO D 102 -18.00 -8.75 2.75
N VAL D 103 -18.79 -9.14 3.74
CA VAL D 103 -19.34 -8.18 4.70
C VAL D 103 -18.27 -7.87 5.74
N ASN D 104 -17.91 -6.60 5.87
CA ASN D 104 -16.82 -6.18 6.76
C ASN D 104 -17.43 -5.80 8.11
N ALA D 105 -17.47 -6.77 9.02
CA ALA D 105 -18.03 -6.52 10.34
C ALA D 105 -17.19 -5.51 11.12
N ILE D 106 -15.89 -5.48 10.88
CA ILE D 106 -15.02 -4.58 11.63
C ILE D 106 -15.42 -3.13 11.35
N ASN D 107 -15.61 -2.77 10.09
CA ASN D 107 -15.99 -1.43 9.69
C ASN D 107 -17.49 -1.28 9.45
N MET D 108 -18.27 -2.34 9.67
CA MET D 108 -19.71 -2.31 9.42
C MET D 108 -20.01 -1.84 7.99
N GLU D 109 -19.30 -2.43 7.04
CA GLU D 109 -19.49 -2.14 5.63
C GLU D 109 -19.40 -3.43 4.84
N TYR D 110 -19.82 -3.35 3.57
CA TYR D 110 -19.80 -4.51 2.69
C TYR D 110 -19.55 -4.02 1.27
N THR D 111 -18.65 -4.70 0.56
CA THR D 111 -18.37 -4.36 -0.83
C THR D 111 -19.40 -5.03 -1.74
N ILE D 112 -19.87 -4.27 -2.72
CA ILE D 112 -20.84 -4.78 -3.68
C ILE D 112 -20.44 -4.31 -5.08
N ASP D 113 -20.51 -5.23 -6.03
CA ASP D 113 -20.22 -4.94 -7.43
C ASP D 113 -21.54 -4.95 -8.19
N ILE D 114 -21.85 -3.85 -8.88
CA ILE D 114 -23.13 -3.67 -9.54
C ILE D 114 -22.90 -3.15 -10.95
N PHE D 115 -23.93 -3.31 -11.78
CA PHE D 115 -23.99 -2.71 -13.10
C PHE D 115 -25.17 -1.75 -13.08
N PHE D 116 -24.92 -0.52 -12.62
CA PHE D 116 -25.97 0.44 -12.36
C PHE D 116 -26.40 1.09 -13.67
N ALA D 117 -27.67 0.92 -14.03
CA ALA D 117 -28.21 1.41 -15.29
C ALA D 117 -29.31 2.42 -15.03
N GLN D 118 -29.21 3.59 -15.66
CA GLN D 118 -30.16 4.67 -15.49
C GLN D 118 -30.83 4.97 -16.83
N THR D 119 -32.10 5.36 -16.76
CA THR D 119 -32.87 5.68 -17.94
C THR D 119 -33.60 6.99 -17.72
N TRP D 120 -33.56 7.88 -18.70
CA TRP D 120 -34.25 9.15 -18.61
C TRP D 120 -34.47 9.71 -20.00
N TYR D 121 -35.65 10.27 -20.23
CA TYR D 121 -35.91 10.95 -21.48
C TYR D 121 -35.15 12.27 -21.51
N ASP D 122 -34.84 12.71 -22.72
CA ASP D 122 -34.15 13.99 -22.92
C ASP D 122 -34.61 14.55 -24.26
N ARG D 123 -35.42 15.61 -24.21
CA ARG D 123 -36.01 16.13 -25.43
C ARG D 123 -34.94 16.58 -26.42
N ARG D 124 -33.80 17.07 -25.94
CA ARG D 124 -32.76 17.55 -26.83
C ARG D 124 -32.18 16.42 -27.68
N LEU D 125 -31.99 15.24 -27.08
CA LEU D 125 -31.34 14.13 -27.77
C LEU D 125 -32.37 13.31 -28.57
N LYS D 126 -33.05 13.99 -29.49
CA LYS D 126 -33.99 13.35 -30.40
C LYS D 126 -33.45 13.44 -31.82
N PHE D 127 -33.44 12.31 -32.51
CA PHE D 127 -32.97 12.24 -33.89
C PHE D 127 -33.90 11.33 -34.67
N ASN D 128 -34.20 11.73 -35.91
CA ASN D 128 -35.10 11.00 -36.79
C ASN D 128 -34.28 10.46 -37.97
N SER D 129 -34.05 9.16 -37.98
CA SER D 129 -33.30 8.52 -39.05
C SER D 129 -33.62 7.03 -39.04
N THR D 130 -33.12 6.33 -40.06
CA THR D 130 -33.30 4.89 -40.12
C THR D 130 -32.69 4.20 -38.90
N ILE D 131 -31.65 4.80 -38.33
CA ILE D 131 -31.01 4.22 -37.15
C ILE D 131 -31.95 4.35 -35.97
N LYS D 132 -32.37 3.21 -35.42
CA LYS D 132 -33.27 3.23 -34.27
C LYS D 132 -32.56 3.59 -32.98
N VAL D 133 -31.26 3.31 -32.88
CA VAL D 133 -30.52 3.52 -31.64
C VAL D 133 -29.09 3.86 -31.99
N LEU D 134 -28.49 4.75 -31.19
CA LEU D 134 -27.09 5.13 -31.32
C LEU D 134 -26.32 4.46 -30.18
N ARG D 135 -25.78 3.28 -30.46
CA ARG D 135 -25.01 2.55 -29.47
C ARG D 135 -23.60 3.11 -29.42
N LEU D 136 -23.24 3.68 -28.27
CA LEU D 136 -22.01 4.46 -28.13
C LEU D 136 -21.19 3.93 -26.98
N ASN D 137 -19.90 4.24 -27.01
CA ASN D 137 -18.97 3.85 -25.97
C ASN D 137 -18.91 4.94 -24.90
N SER D 138 -17.96 4.82 -23.98
CA SER D 138 -17.88 5.75 -22.86
C SER D 138 -17.42 7.14 -23.27
N ASN D 139 -16.97 7.33 -24.51
CA ASN D 139 -16.43 8.62 -24.91
C ASN D 139 -17.47 9.74 -24.81
N MET D 140 -18.75 9.41 -25.00
CA MET D 140 -19.80 10.42 -25.01
C MET D 140 -20.41 10.68 -23.65
N VAL D 141 -20.04 9.92 -22.62
CA VAL D 141 -20.66 10.09 -21.31
C VAL D 141 -20.46 11.50 -20.80
N GLY D 142 -19.22 12.00 -20.88
CA GLY D 142 -18.95 13.35 -20.40
C GLY D 142 -19.66 14.42 -21.21
N LYS D 143 -19.82 14.20 -22.50
CA LYS D 143 -20.34 15.25 -23.38
C LYS D 143 -21.79 15.59 -23.02
N ILE D 144 -22.61 14.59 -22.74
CA ILE D 144 -24.03 14.82 -22.50
C ILE D 144 -24.29 15.00 -21.00
N TRP D 145 -25.46 15.54 -20.69
CA TRP D 145 -25.86 15.68 -19.30
C TRP D 145 -26.03 14.30 -18.67
N ILE D 146 -25.58 14.16 -17.43
CA ILE D 146 -25.68 12.91 -16.70
C ILE D 146 -26.33 13.22 -15.36
N PRO D 147 -27.23 12.38 -14.86
CA PRO D 147 -27.73 12.59 -13.49
C PRO D 147 -26.61 12.40 -12.49
N ASP D 148 -26.47 13.36 -11.58
CA ASP D 148 -25.38 13.33 -10.62
C ASP D 148 -25.71 12.43 -9.45
N THR D 149 -26.08 11.18 -9.74
CA THR D 149 -26.45 10.26 -8.68
C THR D 149 -25.23 9.89 -7.84
N PHE D 150 -25.45 9.69 -6.56
CA PHE D 150 -24.39 9.25 -5.66
C PHE D 150 -25.01 8.36 -4.59
N PHE D 151 -24.20 7.50 -4.00
CA PHE D 151 -24.68 6.54 -3.01
C PHE D 151 -24.52 7.15 -1.61
N ARG D 152 -25.64 7.34 -0.93
CA ARG D 152 -25.68 8.11 0.31
C ARG D 152 -25.01 7.39 1.47
N ASN D 153 -24.64 6.12 1.32
CA ASN D 153 -23.95 5.38 2.37
C ASN D 153 -22.72 4.68 1.82
N SER D 154 -22.05 5.30 0.86
CA SER D 154 -20.85 4.74 0.25
C SER D 154 -19.63 5.31 0.93
N LYS D 155 -18.96 4.49 1.74
CA LYS D 155 -17.70 4.92 2.35
C LYS D 155 -16.65 5.19 1.28
N LYS D 156 -16.61 4.37 0.23
CA LYS D 156 -15.68 4.58 -0.87
C LYS D 156 -16.14 3.74 -2.05
N ALA D 157 -16.18 4.35 -3.23
CA ALA D 157 -16.60 3.65 -4.43
C ALA D 157 -15.80 4.18 -5.61
N ASP D 158 -15.73 3.36 -6.67
CA ASP D 158 -14.99 3.73 -7.86
C ASP D 158 -15.52 2.94 -9.04
N ALA D 159 -15.56 3.58 -10.21
CA ALA D 159 -15.97 2.92 -11.44
C ALA D 159 -14.74 2.34 -12.13
N HIS D 160 -14.85 1.10 -12.57
CA HIS D 160 -13.71 0.42 -13.18
C HIS D 160 -13.30 1.11 -14.47
N TRP D 161 -11.99 1.12 -14.73
CA TRP D 161 -11.43 1.84 -15.88
C TRP D 161 -10.66 0.97 -16.85
N ILE D 162 -10.16 -0.19 -16.44
CA ILE D 162 -9.41 -1.06 -17.34
C ILE D 162 -10.40 -1.91 -18.13
N THR D 163 -10.21 -2.01 -19.45
CA THR D 163 -9.22 -1.39 -20.32
C THR D 163 -9.56 0.07 -20.58
N THR D 164 -10.84 0.36 -20.71
CA THR D 164 -11.37 1.69 -20.91
C THR D 164 -12.54 1.87 -19.96
N PRO D 165 -12.97 3.10 -19.70
CA PRO D 165 -14.03 3.32 -18.71
C PRO D 165 -15.26 2.45 -18.97
N ASN D 166 -15.59 1.59 -18.01
CA ASN D 166 -16.70 0.66 -18.17
C ASN D 166 -18.01 1.43 -18.08
N ARG D 167 -18.39 2.02 -19.23
CA ARG D 167 -19.62 2.79 -19.31
C ARG D 167 -20.18 2.65 -20.72
N MET D 168 -21.50 2.63 -20.83
CA MET D 168 -22.18 2.57 -22.10
C MET D 168 -23.21 3.69 -22.16
N LEU D 169 -23.64 4.01 -23.37
CA LEU D 169 -24.59 5.09 -23.58
C LEU D 169 -25.35 4.81 -24.87
N ARG D 170 -26.62 4.44 -24.74
CA ARG D 170 -27.48 4.17 -25.88
C ARG D 170 -28.58 5.21 -25.94
N ILE D 171 -28.91 5.68 -27.13
CA ILE D 171 -29.85 6.76 -27.33
C ILE D 171 -30.80 6.37 -28.46
N TRP D 172 -32.09 6.61 -28.26
CA TRP D 172 -33.12 6.29 -29.24
C TRP D 172 -33.63 7.57 -29.89
N ASN D 173 -34.50 7.38 -30.90
CA ASN D 173 -35.09 8.53 -31.58
C ASN D 173 -35.98 9.34 -30.64
N ASP D 174 -36.76 8.65 -29.81
CA ASP D 174 -37.73 9.32 -28.95
C ASP D 174 -37.07 10.17 -27.87
N GLY D 175 -35.76 10.03 -27.67
CA GLY D 175 -35.05 10.76 -26.64
C GLY D 175 -34.63 9.91 -25.47
N ARG D 176 -34.97 8.62 -25.45
CA ARG D 176 -34.54 7.76 -24.37
C ARG D 176 -33.03 7.73 -24.29
N VAL D 177 -32.51 7.59 -23.08
CA VAL D 177 -31.11 7.36 -22.84
C VAL D 177 -31.01 6.19 -21.87
N LEU D 178 -29.94 5.42 -21.99
CA LEU D 178 -29.74 4.23 -21.18
C LEU D 178 -28.34 4.17 -20.61
N TYR D 179 -27.88 5.29 -20.05
CA TYR D 179 -26.55 5.33 -19.45
C TYR D 179 -26.43 4.26 -18.38
N THR D 180 -25.41 3.42 -18.49
CA THR D 180 -25.10 2.43 -17.47
C THR D 180 -23.61 2.37 -17.29
N LEU D 181 -23.19 1.89 -16.13
CA LEU D 181 -21.77 1.76 -15.84
C LEU D 181 -21.59 0.73 -14.75
N ARG D 182 -20.36 0.25 -14.61
CA ARG D 182 -19.99 -0.70 -13.58
C ARG D 182 -19.38 0.03 -12.41
N LEU D 183 -19.80 -0.34 -11.20
CA LEU D 183 -19.35 0.32 -9.98
C LEU D 183 -18.99 -0.73 -8.96
N THR D 184 -18.16 -0.34 -8.00
CA THR D 184 -17.76 -1.19 -6.88
C THR D 184 -17.88 -0.35 -5.62
N ILE D 185 -19.04 -0.41 -4.99
CA ILE D 185 -19.34 0.42 -3.83
C ILE D 185 -19.00 -0.35 -2.57
N ASP D 186 -18.26 0.29 -1.67
CA ASP D 186 -18.02 -0.24 -0.33
C ASP D 186 -19.04 0.39 0.63
N ALA D 187 -20.30 0.03 0.41
CA ALA D 187 -21.40 0.70 1.09
C ALA D 187 -21.32 0.48 2.59
N GLU D 188 -21.95 1.40 3.32
CA GLU D 188 -22.02 1.35 4.78
C GLU D 188 -23.32 0.72 5.20
N CYS D 189 -23.24 -0.27 6.08
CA CYS D 189 -24.40 -0.95 6.63
C CYS D 189 -24.32 -0.93 8.14
N GLN D 190 -25.38 -0.46 8.79
CA GLN D 190 -25.40 -0.38 10.25
C GLN D 190 -25.55 -1.80 10.80
N LEU D 191 -24.42 -2.48 10.88
CA LEU D 191 -24.39 -3.89 11.29
C LEU D 191 -24.26 -3.94 12.81
N GLN D 192 -25.40 -4.00 13.48
CA GLN D 192 -25.41 -4.18 14.93
C GLN D 192 -25.25 -5.65 15.27
N LEU D 193 -24.46 -5.92 16.31
CA LEU D 193 -24.12 -7.28 16.72
C LEU D 193 -24.67 -7.59 18.12
N HIS D 194 -25.92 -7.20 18.37
CA HIS D 194 -26.52 -7.52 19.67
C HIS D 194 -26.66 -9.03 19.84
N ASN D 195 -27.09 -9.73 18.80
CA ASN D 195 -27.19 -11.19 18.79
C ASN D 195 -26.34 -11.69 17.62
N PHE D 196 -25.11 -12.09 17.92
CA PHE D 196 -24.14 -12.46 16.89
C PHE D 196 -23.53 -13.83 17.19
N PRO D 197 -23.41 -14.71 16.18
CA PRO D 197 -23.95 -14.61 14.81
C PRO D 197 -25.41 -15.04 14.78
N MET D 198 -26.31 -14.07 14.71
CA MET D 198 -27.72 -14.35 14.45
C MET D 198 -28.38 -13.24 13.64
N ASP D 199 -27.65 -12.20 13.24
CA ASP D 199 -28.25 -10.92 12.87
C ASP D 199 -28.57 -10.92 11.38
N GLU D 200 -29.85 -11.05 11.06
CA GLU D 200 -30.33 -10.73 9.74
C GLU D 200 -30.25 -9.22 9.54
N HIS D 201 -29.76 -8.80 8.38
CA HIS D 201 -29.56 -7.39 8.09
C HIS D 201 -30.15 -7.07 6.73
N SER D 202 -30.91 -5.98 6.67
CA SER D 202 -31.38 -5.42 5.40
C SER D 202 -30.48 -4.24 5.03
N CYS D 203 -29.29 -4.57 4.55
CA CYS D 203 -28.31 -3.53 4.25
C CYS D 203 -28.79 -2.71 3.07
N PRO D 204 -28.82 -1.38 3.17
CA PRO D 204 -29.35 -0.56 2.08
C PRO D 204 -28.26 -0.12 1.10
N LEU D 205 -28.71 0.44 -0.01
CA LEU D 205 -27.84 1.07 -1.00
C LEU D 205 -28.46 2.40 -1.45
N GLU D 206 -28.79 3.24 -0.48
CA GLU D 206 -29.46 4.50 -0.78
C GLU D 206 -28.66 5.31 -1.79
N PHE D 207 -29.35 5.81 -2.81
CA PHE D 207 -28.71 6.66 -3.80
C PHE D 207 -29.71 7.68 -4.29
N SER D 208 -29.23 8.90 -4.55
CA SER D 208 -30.10 9.99 -4.98
C SER D 208 -29.23 11.10 -5.53
N SER D 209 -29.85 11.98 -6.30
CA SER D 209 -29.12 13.12 -6.84
C SER D 209 -28.58 13.95 -5.69
N TYR D 210 -27.32 14.37 -5.81
CA TYR D 210 -26.69 15.11 -4.72
C TYR D 210 -27.27 16.51 -4.60
N GLY D 211 -27.47 17.19 -5.72
CA GLY D 211 -27.87 18.58 -5.69
C GLY D 211 -29.31 18.84 -6.09
N TYR D 212 -29.80 18.09 -7.06
CA TYR D 212 -31.10 18.37 -7.63
C TYR D 212 -32.20 18.09 -6.61
N PRO D 213 -33.10 19.04 -6.33
CA PRO D 213 -34.17 18.77 -5.37
C PRO D 213 -35.15 17.75 -5.92
N ARG D 214 -36.04 17.31 -5.02
CA ARG D 214 -37.11 16.41 -5.43
C ARG D 214 -37.96 17.03 -6.52
N GLU D 215 -38.11 18.35 -6.52
CA GLU D 215 -38.87 19.02 -7.55
C GLU D 215 -38.25 18.91 -8.94
N GLU D 216 -36.97 18.50 -9.02
CA GLU D 216 -36.23 18.50 -10.27
C GLU D 216 -35.77 17.14 -10.75
N ILE D 217 -35.64 16.16 -9.86
CA ILE D 217 -35.20 14.82 -10.23
C ILE D 217 -35.99 13.82 -9.41
N VAL D 218 -36.72 12.94 -10.08
CA VAL D 218 -37.51 11.89 -9.43
C VAL D 218 -37.00 10.55 -9.91
N TYR D 219 -36.64 9.69 -8.97
CA TYR D 219 -36.18 8.33 -9.28
C TYR D 219 -37.33 7.36 -9.07
N GLN D 220 -37.58 6.51 -10.07
CA GLN D 220 -38.73 5.62 -10.07
C GLN D 220 -38.29 4.22 -10.46
N TRP D 221 -38.47 3.26 -9.57
CA TRP D 221 -38.13 1.88 -9.90
C TRP D 221 -39.01 1.35 -11.02
N LYS D 222 -38.47 0.42 -11.78
CA LYS D 222 -39.25 -0.41 -12.69
C LYS D 222 -39.41 -1.80 -12.09
N ARG D 223 -40.41 -2.53 -12.58
CA ARG D 223 -40.70 -3.84 -12.01
C ARG D 223 -39.50 -4.77 -12.12
N SER D 224 -38.82 -4.75 -13.26
CA SER D 224 -37.58 -5.51 -13.44
C SER D 224 -36.39 -4.60 -13.21
N SER D 225 -36.19 -4.26 -11.93
CA SER D 225 -35.18 -3.29 -11.53
C SER D 225 -33.90 -3.97 -11.04
N VAL D 226 -34.00 -4.78 -9.99
CA VAL D 226 -32.84 -5.38 -9.35
C VAL D 226 -32.73 -6.80 -9.86
N GLU D 227 -31.88 -7.02 -10.86
CA GLU D 227 -31.64 -8.34 -11.42
C GLU D 227 -30.49 -8.97 -10.67
N VAL D 228 -30.82 -9.66 -9.57
CA VAL D 228 -29.79 -10.34 -8.80
C VAL D 228 -29.16 -11.42 -9.65
N GLY D 229 -27.84 -11.56 -9.54
CA GLY D 229 -27.08 -12.52 -10.30
C GLY D 229 -27.02 -13.88 -9.63
N ASP D 230 -26.10 -14.71 -10.12
CA ASP D 230 -25.91 -16.04 -9.58
C ASP D 230 -25.31 -15.94 -8.18
N THR D 231 -26.13 -16.22 -7.17
CA THR D 231 -25.67 -16.10 -5.79
C THR D 231 -24.63 -17.16 -5.42
N ARG D 232 -24.49 -18.22 -6.22
CA ARG D 232 -23.53 -19.26 -5.90
C ARG D 232 -22.11 -18.73 -5.91
N SER D 233 -21.77 -17.90 -6.90
CA SER D 233 -20.41 -17.39 -7.06
C SER D 233 -20.15 -16.13 -6.23
N TRP D 234 -21.10 -15.71 -5.41
CA TRP D 234 -20.91 -14.51 -4.61
C TRP D 234 -19.88 -14.75 -3.51
N ARG D 235 -19.23 -13.66 -3.09
CA ARG D 235 -18.39 -13.65 -1.91
C ARG D 235 -19.19 -13.36 -0.64
N LEU D 236 -20.49 -13.64 -0.64
CA LEU D 236 -21.39 -13.38 0.47
C LEU D 236 -21.18 -14.33 1.64
N TYR D 237 -20.15 -15.17 1.58
CA TYR D 237 -19.85 -16.07 2.69
C TYR D 237 -19.85 -15.30 4.01
N GLN D 238 -20.24 -16.00 5.08
CA GLN D 238 -20.71 -15.49 6.37
C GLN D 238 -22.18 -15.10 6.32
N PHE D 239 -22.83 -15.14 5.16
CA PHE D 239 -24.22 -14.70 5.04
C PHE D 239 -24.84 -15.36 3.83
N SER D 240 -26.17 -15.29 3.77
CA SER D 240 -26.94 -15.82 2.65
C SER D 240 -27.92 -14.76 2.18
N PHE D 241 -28.02 -14.58 0.86
CA PHE D 241 -28.91 -13.60 0.27
C PHE D 241 -30.32 -14.18 0.27
N VAL D 242 -31.09 -13.84 1.30
CA VAL D 242 -32.48 -14.28 1.37
C VAL D 242 -33.28 -13.67 0.22
N GLY D 243 -33.10 -12.39 -0.02
CA GLY D 243 -33.83 -11.71 -1.07
C GLY D 243 -33.58 -10.22 -1.01
N LEU D 244 -34.05 -9.55 -2.05
CA LEU D 244 -33.95 -8.10 -2.15
C LEU D 244 -35.30 -7.47 -1.92
N ARG D 245 -35.28 -6.19 -1.57
CA ARG D 245 -36.50 -5.43 -1.33
C ARG D 245 -36.21 -3.97 -1.59
N ASN D 246 -36.87 -3.41 -2.59
CA ASN D 246 -36.63 -2.03 -2.98
C ASN D 246 -37.59 -1.09 -2.25
N THR D 247 -37.23 0.19 -2.21
CA THR D 247 -38.04 1.20 -1.56
C THR D 247 -37.80 2.54 -2.24
N THR D 248 -38.66 3.51 -1.93
CA THR D 248 -38.52 4.86 -2.47
C THR D 248 -39.31 5.81 -1.60
N GLU D 249 -38.64 6.77 -0.98
CA GLU D 249 -39.29 7.76 -0.13
C GLU D 249 -38.66 9.12 -0.40
N VAL D 250 -39.11 10.12 0.37
CA VAL D 250 -38.58 11.47 0.33
C VAL D 250 -37.85 11.72 1.65
N VAL D 251 -36.67 12.32 1.55
CA VAL D 251 -35.87 12.68 2.72
C VAL D 251 -35.70 14.18 2.73
N LYS D 252 -35.91 14.79 3.91
CA LYS D 252 -35.77 16.22 4.09
C LYS D 252 -34.39 16.51 4.66
N THR D 253 -33.67 17.42 4.03
CA THR D 253 -32.33 17.80 4.46
C THR D 253 -32.16 19.31 4.34
N THR D 254 -31.03 19.81 4.83
CA THR D 254 -30.80 21.24 4.88
C THR D 254 -30.80 21.85 3.47
N SER D 255 -30.22 21.15 2.51
CA SER D 255 -30.19 21.66 1.14
C SER D 255 -31.60 21.72 0.56
N GLY D 256 -32.44 20.73 0.87
CA GLY D 256 -33.79 20.71 0.33
C GLY D 256 -34.41 19.32 0.51
N ASP D 257 -35.34 19.01 -0.40
CA ASP D 257 -36.06 17.74 -0.39
C ASP D 257 -35.54 16.86 -1.50
N TYR D 258 -35.26 15.60 -1.18
CA TYR D 258 -34.71 14.64 -2.13
C TYR D 258 -35.49 13.33 -2.06
N VAL D 259 -35.40 12.57 -3.14
CA VAL D 259 -35.98 11.23 -3.25
C VAL D 259 -34.85 10.23 -3.14
N VAL D 260 -35.01 9.25 -2.25
CA VAL D 260 -33.95 8.29 -1.94
C VAL D 260 -34.45 6.91 -2.32
N MET D 261 -33.70 6.25 -3.19
CA MET D 261 -34.00 4.88 -3.63
C MET D 261 -33.09 3.95 -2.84
N SER D 262 -33.66 3.18 -1.93
CA SER D 262 -32.90 2.26 -1.08
C SER D 262 -33.23 0.83 -1.48
N VAL D 263 -32.20 0.05 -1.75
CA VAL D 263 -32.34 -1.36 -2.08
C VAL D 263 -31.93 -2.16 -0.86
N TYR D 264 -32.88 -2.85 -0.25
CA TYR D 264 -32.61 -3.66 0.93
C TYR D 264 -32.25 -5.07 0.51
N PHE D 265 -31.07 -5.53 0.89
CA PHE D 265 -30.62 -6.89 0.64
C PHE D 265 -30.78 -7.68 1.94
N ASP D 266 -31.70 -8.64 1.95
CA ASP D 266 -31.99 -9.42 3.14
C ASP D 266 -30.92 -10.50 3.29
N LEU D 267 -29.89 -10.17 4.05
CA LEU D 267 -28.77 -11.08 4.30
C LEU D 267 -29.04 -11.85 5.58
N SER D 268 -28.99 -13.18 5.49
CA SER D 268 -29.19 -14.06 6.63
C SER D 268 -27.86 -14.68 7.04
N ARG D 269 -27.61 -14.69 8.35
CA ARG D 269 -26.33 -15.16 8.86
C ARG D 269 -26.13 -16.63 8.54
N ARG D 270 -24.90 -16.97 8.16
CA ARG D 270 -24.46 -18.36 7.98
C ARG D 270 -23.58 -18.70 9.18
N MET D 271 -24.17 -19.37 10.18
CA MET D 271 -23.54 -19.56 11.47
C MET D 271 -22.61 -20.76 11.53
N GLY D 272 -22.59 -21.62 10.49
CA GLY D 272 -21.83 -22.85 10.58
C GLY D 272 -20.35 -22.62 10.83
N TYR D 273 -19.76 -21.67 10.09
CA TYR D 273 -18.33 -21.40 10.23
C TYR D 273 -18.00 -20.96 11.64
N PHE D 274 -18.75 -20.01 12.19
CA PHE D 274 -18.46 -19.55 13.53
C PHE D 274 -18.77 -20.62 14.57
N THR D 275 -19.78 -21.46 14.32
CA THR D 275 -20.06 -22.55 15.25
C THR D 275 -18.88 -23.48 15.38
N ILE D 276 -18.37 -23.98 14.25
CA ILE D 276 -17.25 -24.92 14.32
C ILE D 276 -15.99 -24.21 14.78
N GLN D 277 -15.80 -22.94 14.39
CA GLN D 277 -14.58 -22.22 14.75
C GLN D 277 -14.51 -21.96 16.25
N THR D 278 -15.59 -21.46 16.84
CA THR D 278 -15.58 -20.95 18.20
C THR D 278 -16.46 -21.74 19.14
N TYR D 279 -17.74 -21.95 18.80
CA TYR D 279 -18.68 -22.53 19.75
C TYR D 279 -18.27 -23.96 20.11
N ILE D 280 -17.92 -24.76 19.11
CA ILE D 280 -17.56 -26.16 19.39
C ILE D 280 -16.34 -26.26 20.29
N PRO D 281 -15.20 -25.61 19.99
CA PRO D 281 -14.04 -25.75 20.88
C PRO D 281 -14.27 -25.16 22.26
N CYS D 282 -14.91 -23.99 22.37
CA CYS D 282 -15.15 -23.42 23.69
C CYS D 282 -16.09 -24.29 24.51
N THR D 283 -17.09 -24.87 23.86
CA THR D 283 -17.95 -25.81 24.55
C THR D 283 -17.15 -27.03 25.02
N LEU D 284 -16.20 -27.47 24.20
CA LEU D 284 -15.31 -28.54 24.65
C LEU D 284 -14.49 -28.11 25.85
N ILE D 285 -14.11 -26.83 25.92
CA ILE D 285 -13.42 -26.34 27.11
C ILE D 285 -14.33 -26.46 28.32
N VAL D 286 -15.60 -26.08 28.15
CA VAL D 286 -16.55 -26.18 29.25
C VAL D 286 -16.65 -27.64 29.72
N VAL D 287 -16.70 -28.57 28.77
CA VAL D 287 -16.71 -29.99 29.12
C VAL D 287 -15.44 -30.36 29.86
N LEU D 288 -14.29 -29.86 29.40
CA LEU D 288 -13.03 -30.09 30.08
C LEU D 288 -13.11 -29.64 31.54
N SER D 289 -13.86 -28.57 31.79
CA SER D 289 -14.08 -28.15 33.17
C SER D 289 -14.76 -29.26 33.97
N TRP D 290 -15.76 -29.90 33.37
CA TRP D 290 -16.42 -31.02 34.03
C TRP D 290 -15.45 -32.18 34.27
N VAL D 291 -14.47 -32.36 33.38
CA VAL D 291 -13.49 -33.43 33.58
C VAL D 291 -12.77 -33.25 34.89
N SER D 292 -12.43 -32.00 35.23
CA SER D 292 -11.79 -31.73 36.51
C SER D 292 -12.72 -32.10 37.66
N PHE D 293 -14.01 -31.82 37.51
CA PHE D 293 -14.97 -32.21 38.54
C PHE D 293 -14.95 -33.71 38.77
N TRP D 294 -15.00 -34.49 37.68
CA TRP D 294 -15.05 -35.94 37.83
C TRP D 294 -13.77 -36.47 38.45
N ILE D 295 -12.64 -35.78 38.25
CA ILE D 295 -11.44 -36.09 39.02
C ILE D 295 -11.79 -36.04 40.49
N ASN D 296 -11.41 -37.09 41.22
CA ASN D 296 -11.83 -37.28 42.60
C ASN D 296 -10.60 -37.57 43.46
N LYS D 297 -10.84 -37.73 44.77
CA LYS D 297 -9.81 -37.90 45.79
C LYS D 297 -9.23 -36.53 46.12
N ASP D 298 -8.53 -36.42 47.24
CA ASP D 298 -7.90 -35.15 47.61
C ASP D 298 -7.06 -34.63 46.46
N ALA D 299 -5.96 -35.33 46.15
CA ALA D 299 -5.20 -35.16 44.92
C ALA D 299 -5.02 -33.68 44.54
N VAL D 300 -4.42 -32.95 45.48
CA VAL D 300 -4.32 -31.49 45.33
C VAL D 300 -3.56 -31.10 44.06
N PRO D 301 -2.37 -31.65 43.77
CA PRO D 301 -1.65 -31.20 42.57
C PRO D 301 -2.41 -31.40 41.28
N ALA D 302 -3.04 -32.56 41.10
CA ALA D 302 -3.76 -32.84 39.86
C ALA D 302 -4.94 -31.90 39.68
N ARG D 303 -5.71 -31.69 40.75
CA ARG D 303 -6.86 -30.78 40.67
C ARG D 303 -6.42 -29.37 40.33
N THR D 304 -5.37 -28.89 41.00
CA THR D 304 -4.90 -27.54 40.71
C THR D 304 -4.40 -27.42 39.27
N SER D 305 -3.65 -28.41 38.81
CA SER D 305 -3.13 -28.38 37.46
C SER D 305 -4.25 -28.29 36.43
N LEU D 306 -5.23 -29.19 36.55
CA LEU D 306 -6.35 -29.18 35.60
C LEU D 306 -7.09 -27.84 35.63
N GLY D 307 -7.48 -27.42 36.83
CA GLY D 307 -8.31 -26.22 36.94
C GLY D 307 -7.63 -24.99 36.39
N ILE D 308 -6.36 -24.79 36.76
CA ILE D 308 -5.67 -23.59 36.30
C ILE D 308 -5.33 -23.70 34.82
N THR D 309 -5.04 -24.90 34.32
CA THR D 309 -4.67 -25.03 32.92
C THR D 309 -5.84 -24.74 31.98
N THR D 310 -7.07 -25.02 32.42
CA THR D 310 -8.22 -24.76 31.54
C THR D 310 -8.36 -23.28 31.20
N VAL D 311 -8.08 -22.39 32.18
CA VAL D 311 -8.35 -20.97 31.97
C VAL D 311 -7.46 -20.41 30.87
N LEU D 312 -6.26 -20.97 30.68
CA LEU D 312 -5.38 -20.47 29.64
C LEU D 312 -6.01 -20.63 28.26
N THR D 313 -6.48 -21.83 27.95
CA THR D 313 -7.09 -22.05 26.65
C THR D 313 -8.37 -21.24 26.50
N MET D 314 -9.13 -21.09 27.59
CA MET D 314 -10.33 -20.25 27.47
C MET D 314 -9.95 -18.81 27.13
N THR D 315 -8.91 -18.29 27.78
CA THR D 315 -8.46 -16.93 27.50
C THR D 315 -8.01 -16.78 26.05
N THR D 316 -7.24 -17.76 25.56
CA THR D 316 -6.79 -17.69 24.17
C THR D 316 -7.98 -17.70 23.21
N LEU D 317 -8.99 -18.52 23.50
CA LEU D 317 -10.17 -18.56 22.64
C LEU D 317 -10.90 -17.22 22.65
N SER D 318 -11.02 -16.60 23.82
CA SER D 318 -11.67 -15.29 23.86
C SER D 318 -10.89 -14.28 23.03
N THR D 319 -9.56 -14.29 23.15
CA THR D 319 -8.75 -13.37 22.36
C THR D 319 -8.96 -13.60 20.86
N ILE D 320 -9.04 -14.86 20.45
CA ILE D 320 -9.23 -15.15 19.03
C ILE D 320 -10.61 -14.70 18.57
N ALA D 321 -11.63 -14.89 19.41
CA ALA D 321 -12.97 -14.43 19.06
C ALA D 321 -13.01 -12.91 18.93
N ARG D 322 -12.14 -12.21 19.66
CA ARG D 322 -12.15 -10.76 19.61
C ARG D 322 -11.78 -10.21 18.22
N LYS D 323 -11.12 -11.00 17.38
CA LYS D 323 -10.59 -10.46 16.13
C LYS D 323 -11.70 -9.91 15.23
N SER D 324 -12.69 -10.75 14.92
CA SER D 324 -13.75 -10.31 14.02
C SER D 324 -14.65 -9.26 14.65
N LEU D 325 -14.67 -9.18 15.97
CA LEU D 325 -15.58 -8.26 16.65
C LEU D 325 -15.12 -6.83 16.44
N PRO D 326 -15.98 -5.93 15.92
CA PRO D 326 -15.62 -4.50 15.90
C PRO D 326 -15.60 -3.92 17.30
N LYS D 327 -15.35 -2.61 17.41
CA LYS D 327 -15.34 -1.91 18.68
C LYS D 327 -16.72 -1.42 19.09
N VAL D 328 -17.79 -1.97 18.50
CA VAL D 328 -19.13 -1.51 18.82
C VAL D 328 -19.43 -1.78 20.28
N SER D 329 -19.99 -0.78 20.96
CA SER D 329 -20.31 -0.88 22.39
C SER D 329 -21.64 -1.60 22.57
N TYR D 330 -21.63 -2.89 22.28
CA TYR D 330 -22.79 -3.75 22.44
C TYR D 330 -22.42 -4.97 23.25
N VAL D 331 -23.41 -5.55 23.92
CA VAL D 331 -23.21 -6.79 24.67
C VAL D 331 -23.40 -7.93 23.68
N THR D 332 -22.33 -8.26 22.97
CA THR D 332 -22.39 -9.24 21.90
C THR D 332 -22.70 -10.63 22.45
N ALA D 333 -23.49 -11.39 21.70
CA ALA D 333 -23.87 -12.74 22.13
C ALA D 333 -22.65 -13.63 22.21
N MET D 334 -21.72 -13.51 21.26
CA MET D 334 -20.48 -14.27 21.34
C MET D 334 -19.69 -13.90 22.59
N ASP D 335 -19.60 -12.59 22.89
CA ASP D 335 -18.95 -12.16 24.12
C ASP D 335 -19.67 -12.70 25.34
N LEU D 336 -21.00 -12.69 25.31
CA LEU D 336 -21.76 -13.26 26.42
C LEU D 336 -21.43 -14.73 26.59
N PHE D 337 -21.33 -15.46 25.47
CA PHE D 337 -21.06 -16.89 25.52
C PHE D 337 -19.68 -17.17 26.13
N VAL D 338 -18.66 -16.49 25.61
CA VAL D 338 -17.31 -16.76 26.12
C VAL D 338 -17.19 -16.31 27.57
N SER D 339 -17.89 -15.23 27.95
CA SER D 339 -17.88 -14.82 29.35
C SER D 339 -18.55 -15.85 30.23
N VAL D 340 -19.64 -16.45 29.75
CA VAL D 340 -20.32 -17.50 30.51
C VAL D 340 -19.38 -18.68 30.72
N CYS D 341 -18.67 -19.08 29.66
CA CYS D 341 -17.69 -20.15 29.82
C CYS D 341 -16.61 -19.75 30.79
N PHE D 342 -16.16 -18.49 30.73
CA PHE D 342 -15.11 -18.00 31.60
C PHE D 342 -15.51 -18.12 33.06
N ILE D 343 -16.68 -17.57 33.40
CA ILE D 343 -17.12 -17.61 34.78
C ILE D 343 -17.44 -19.04 35.19
N PHE D 344 -17.81 -19.91 34.24
CA PHE D 344 -18.03 -21.31 34.58
C PHE D 344 -16.73 -21.97 35.04
N VAL D 345 -15.65 -21.77 34.29
CA VAL D 345 -14.38 -22.36 34.68
C VAL D 345 -13.91 -21.77 36.01
N PHE D 346 -14.08 -20.45 36.17
CA PHE D 346 -13.72 -19.81 37.44
C PHE D 346 -14.52 -20.39 38.59
N SER D 347 -15.82 -20.61 38.38
CA SER D 347 -16.66 -21.20 39.40
C SER D 347 -16.19 -22.60 39.75
N ALA D 348 -15.78 -23.38 38.75
CA ALA D 348 -15.27 -24.72 39.02
C ALA D 348 -14.00 -24.66 39.87
N LEU D 349 -13.10 -23.75 39.52
CA LEU D 349 -11.85 -23.66 40.28
C LEU D 349 -12.10 -23.25 41.73
N VAL D 350 -12.97 -22.26 41.94
CA VAL D 350 -13.26 -21.86 43.31
C VAL D 350 -14.08 -22.93 44.03
N GLU D 351 -14.86 -23.72 43.29
CA GLU D 351 -15.55 -24.84 43.91
C GLU D 351 -14.55 -25.83 44.48
N TYR D 352 -13.52 -26.15 43.71
CA TYR D 352 -12.45 -26.98 44.29
C TYR D 352 -11.77 -26.26 45.44
N GLY D 353 -11.58 -24.94 45.33
CA GLY D 353 -10.92 -24.23 46.41
C GLY D 353 -11.66 -24.35 47.72
N THR D 354 -12.98 -24.20 47.69
CA THR D 354 -13.77 -24.33 48.91
C THR D 354 -13.85 -25.78 49.37
N LEU D 355 -13.91 -26.73 48.43
CA LEU D 355 -13.95 -28.14 48.82
C LEU D 355 -12.67 -28.54 49.55
N HIS D 356 -11.52 -28.06 49.07
CA HIS D 356 -10.26 -28.34 49.74
C HIS D 356 -10.27 -27.78 51.16
N TYR D 357 -10.81 -26.57 51.33
CA TYR D 357 -10.94 -25.96 52.65
C TYR D 357 -11.85 -26.81 53.54
N MET D 448 -20.15 -32.30 49.18
CA MET D 448 -20.36 -30.99 48.56
C MET D 448 -19.97 -31.03 47.09
N ASP D 449 -18.92 -31.77 46.76
CA ASP D 449 -18.45 -31.85 45.39
C ASP D 449 -19.50 -32.45 44.47
N SER D 450 -20.16 -33.53 44.91
CA SER D 450 -21.09 -34.25 44.05
C SER D 450 -22.23 -33.33 43.60
N TYR D 451 -22.72 -32.47 44.50
CA TYR D 451 -23.81 -31.58 44.14
C TYR D 451 -23.39 -30.66 42.99
N ALA D 452 -22.18 -30.10 43.07
CA ALA D 452 -21.69 -29.26 41.99
C ALA D 452 -21.51 -30.05 40.70
N ARG D 453 -21.01 -31.29 40.82
CA ARG D 453 -20.86 -32.15 39.65
C ARG D 453 -22.19 -32.26 38.91
N ILE D 454 -23.27 -32.49 39.66
CA ILE D 454 -24.58 -32.59 39.03
C ILE D 454 -25.01 -31.23 38.47
N PHE D 455 -24.82 -30.17 39.24
CA PHE D 455 -25.43 -28.88 38.90
C PHE D 455 -24.87 -28.30 37.61
N PHE D 456 -23.53 -28.30 37.46
CA PHE D 456 -22.93 -27.49 36.41
C PHE D 456 -23.37 -27.88 35.01
N PRO D 457 -23.38 -29.16 34.61
CA PRO D 457 -23.84 -29.49 33.24
C PRO D 457 -25.25 -29.00 32.96
N THR D 458 -26.13 -29.06 33.96
CA THR D 458 -27.50 -28.55 33.76
C THR D 458 -27.48 -27.05 33.47
N ALA D 459 -26.64 -26.30 34.18
CA ALA D 459 -26.54 -24.87 33.91
C ALA D 459 -26.02 -24.62 32.50
N PHE D 460 -25.05 -25.43 32.05
CA PHE D 460 -24.59 -25.31 30.68
C PHE D 460 -25.72 -25.55 29.69
N CYS D 461 -26.54 -26.57 29.95
CA CYS D 461 -27.65 -26.87 29.06
C CYS D 461 -28.66 -25.72 29.03
N LEU D 462 -28.94 -25.13 30.20
CA LEU D 462 -29.86 -23.99 30.24
C LEU D 462 -29.31 -22.81 29.44
N PHE D 463 -28.00 -22.53 29.59
CA PHE D 463 -27.40 -21.43 28.83
C PHE D 463 -27.50 -21.70 27.34
N ASN D 464 -27.23 -22.94 26.92
CA ASN D 464 -27.34 -23.28 25.51
C ASN D 464 -28.77 -23.13 25.01
N LEU D 465 -29.75 -23.49 25.85
CA LEU D 465 -31.14 -23.33 25.47
C LEU D 465 -31.47 -21.86 25.23
N VAL D 466 -31.12 -20.99 26.18
CA VAL D 466 -31.44 -19.58 26.02
C VAL D 466 -30.73 -19.00 24.81
N TYR D 467 -29.47 -19.40 24.60
CA TYR D 467 -28.73 -18.91 23.43
C TYR D 467 -29.38 -19.38 22.14
N TRP D 468 -29.82 -20.64 22.10
CA TRP D 468 -30.47 -21.18 20.92
C TRP D 468 -31.77 -20.42 20.62
N VAL D 469 -32.49 -20.01 21.65
CA VAL D 469 -33.71 -19.24 21.42
C VAL D 469 -33.39 -17.94 20.70
N SER D 470 -32.34 -17.25 21.12
CA SER D 470 -31.93 -16.01 20.47
C SER D 470 -31.41 -16.27 19.06
N PRO E 30 -41.26 24.94 -23.79
CA PRO E 30 -39.80 24.88 -23.83
C PRO E 30 -39.13 26.25 -23.77
N SER E 31 -39.93 27.31 -23.68
CA SER E 31 -39.36 28.65 -23.60
C SER E 31 -38.50 28.81 -22.35
N ASN E 32 -38.91 28.19 -21.25
CA ASN E 32 -38.11 28.26 -20.02
C ASN E 32 -36.75 27.63 -20.21
N MET E 33 -36.65 26.57 -21.03
CA MET E 33 -35.36 25.96 -21.30
C MET E 33 -34.39 26.97 -21.92
N SER E 34 -34.85 27.64 -22.98
CA SER E 34 -34.00 28.65 -23.63
C SER E 34 -33.72 29.81 -22.69
N LEU E 35 -34.70 30.21 -21.89
CA LEU E 35 -34.49 31.31 -20.95
C LEU E 35 -33.40 30.97 -19.95
N VAL E 36 -33.45 29.76 -19.38
CA VAL E 36 -32.42 29.33 -18.44
C VAL E 36 -31.07 29.25 -19.14
N LYS E 37 -31.06 28.75 -20.37
CA LYS E 37 -29.81 28.65 -21.12
C LYS E 37 -29.17 30.03 -21.29
N GLU E 38 -29.95 31.00 -21.78
CA GLU E 38 -29.39 32.32 -22.02
C GLU E 38 -28.98 32.99 -20.71
N THR E 39 -29.74 32.77 -19.63
CA THR E 39 -29.38 33.38 -18.36
C THR E 39 -28.07 32.82 -17.83
N VAL E 40 -27.91 31.50 -17.87
CA VAL E 40 -26.67 30.89 -17.39
C VAL E 40 -25.50 31.35 -18.25
N ASP E 41 -25.69 31.42 -19.57
CA ASP E 41 -24.64 31.90 -20.44
C ASP E 41 -24.26 33.34 -20.10
N ARG E 42 -25.27 34.18 -19.84
CA ARG E 42 -24.99 35.56 -19.46
C ARG E 42 -24.19 35.62 -18.16
N LEU E 43 -24.57 34.81 -17.18
CA LEU E 43 -23.87 34.85 -15.90
C LEU E 43 -22.41 34.44 -16.06
N LEU E 44 -22.17 33.29 -16.69
CA LEU E 44 -20.80 32.79 -16.75
C LEU E 44 -19.93 33.55 -17.74
N LYS E 45 -20.51 34.37 -18.62
CA LYS E 45 -19.73 35.17 -19.54
C LYS E 45 -19.16 36.38 -18.81
N GLY E 46 -17.89 36.67 -19.04
CA GLY E 46 -17.24 37.78 -18.37
C GLY E 46 -17.13 37.60 -16.87
N TYR E 47 -16.81 36.39 -16.42
CA TYR E 47 -16.66 36.08 -15.01
C TYR E 47 -15.19 35.77 -14.71
N ASP E 48 -14.64 36.46 -13.72
CA ASP E 48 -13.24 36.32 -13.34
C ASP E 48 -13.14 35.48 -12.08
N ILE E 49 -12.73 34.23 -12.22
CA ILE E 49 -12.52 33.37 -11.07
C ILE E 49 -11.44 33.92 -10.16
N ARG E 50 -10.56 34.77 -10.67
CA ARG E 50 -9.47 35.30 -9.86
C ARG E 50 -9.97 36.28 -8.80
N LEU E 51 -11.05 37.00 -9.09
CA LEU E 51 -11.56 38.03 -8.19
C LEU E 51 -12.64 37.47 -7.28
N ARG E 52 -12.49 37.70 -5.98
CA ARG E 52 -13.51 37.28 -5.02
C ARG E 52 -14.73 38.19 -5.14
N PRO E 53 -15.87 37.78 -4.59
CA PRO E 53 -17.05 38.65 -4.59
C PRO E 53 -16.74 39.97 -3.91
N ASP E 54 -17.23 41.05 -4.49
CA ASP E 54 -17.04 42.40 -3.96
C ASP E 54 -15.55 42.68 -3.72
N PHE E 55 -14.75 42.45 -4.75
CA PHE E 55 -13.33 42.76 -4.66
C PHE E 55 -13.14 44.26 -4.47
N GLY E 56 -12.18 44.62 -3.64
CA GLY E 56 -12.01 46.01 -3.29
C GLY E 56 -13.20 46.55 -2.52
N GLY E 57 -13.77 45.74 -1.64
CA GLY E 57 -14.93 46.11 -0.87
C GLY E 57 -14.94 45.43 0.48
N PRO E 58 -16.07 45.44 1.16
CA PRO E 58 -16.14 44.81 2.48
C PRO E 58 -15.98 43.31 2.36
N PRO E 59 -15.60 42.63 3.45
CA PRO E 59 -15.39 41.18 3.37
C PRO E 59 -16.67 40.46 2.97
N VAL E 60 -16.51 39.40 2.19
CA VAL E 60 -17.66 38.60 1.75
C VAL E 60 -18.00 37.60 2.85
N ALA E 61 -19.25 37.63 3.30
CA ALA E 61 -19.68 36.83 4.45
C ALA E 61 -19.96 35.41 3.98
N VAL E 62 -18.94 34.56 4.08
CA VAL E 62 -19.03 33.18 3.59
C VAL E 62 -19.63 32.35 4.72
N GLY E 63 -20.95 32.29 4.75
CA GLY E 63 -21.61 31.42 5.71
C GLY E 63 -21.29 29.96 5.42
N MET E 64 -21.29 29.16 6.49
CA MET E 64 -20.97 27.74 6.38
C MET E 64 -22.08 26.93 7.03
N ASN E 65 -22.13 25.65 6.64
CA ASN E 65 -23.16 24.74 7.13
C ASN E 65 -22.66 23.33 6.95
N ILE E 66 -22.73 22.52 8.01
CA ILE E 66 -22.17 21.18 8.01
C ILE E 66 -23.24 20.22 8.50
N ASP E 67 -23.18 18.99 7.98
CA ASP E 67 -24.08 17.92 8.41
C ASP E 67 -23.27 16.62 8.42
N ILE E 68 -22.83 16.21 9.60
CA ILE E 68 -21.93 15.07 9.72
C ILE E 68 -22.72 13.80 9.36
N ALA E 69 -22.40 13.21 8.21
CA ALA E 69 -23.04 11.96 7.83
C ALA E 69 -22.66 10.84 8.79
N SER E 70 -21.38 10.75 9.16
CA SER E 70 -20.93 9.70 10.04
C SER E 70 -19.48 9.93 10.41
N ILE E 71 -19.09 9.40 11.57
CA ILE E 71 -17.71 9.35 12.02
C ILE E 71 -17.26 7.91 11.88
N ASP E 72 -16.49 7.62 10.84
CA ASP E 72 -16.20 6.23 10.47
C ASP E 72 -15.43 5.52 11.58
N MET E 73 -14.40 6.16 12.13
CA MET E 73 -13.59 5.50 13.13
C MET E 73 -12.74 6.53 13.85
N VAL E 74 -12.21 6.12 15.01
CA VAL E 74 -11.36 6.96 15.85
C VAL E 74 -10.04 6.23 15.99
N SER E 75 -9.05 6.65 15.20
CA SER E 75 -7.73 6.01 15.19
C SER E 75 -6.86 6.68 16.24
N GLU E 76 -6.89 6.13 17.46
CA GLU E 76 -6.08 6.68 18.53
C GLU E 76 -4.61 6.36 18.34
N VAL E 77 -4.29 5.26 17.65
CA VAL E 77 -2.89 4.93 17.42
C VAL E 77 -2.21 6.03 16.61
N ASN E 78 -2.87 6.51 15.57
CA ASN E 78 -2.39 7.65 14.80
C ASN E 78 -2.91 8.97 15.33
N MET E 79 -3.78 8.96 16.33
CA MET E 79 -4.35 10.17 16.90
C MET E 79 -5.08 10.98 15.84
N ASP E 80 -6.11 10.37 15.27
CA ASP E 80 -6.97 11.04 14.30
C ASP E 80 -8.25 10.24 14.14
N TYR E 81 -9.27 10.88 13.59
CA TYR E 81 -10.57 10.27 13.36
C TYR E 81 -10.99 10.54 11.92
N THR E 82 -11.69 9.58 11.32
CA THR E 82 -12.17 9.69 9.95
C THR E 82 -13.63 10.13 9.98
N LEU E 83 -13.91 11.29 9.38
CA LEU E 83 -15.22 11.91 9.45
C LEU E 83 -15.72 12.20 8.06
N THR E 84 -16.96 11.80 7.77
CA THR E 84 -17.61 12.04 6.49
C THR E 84 -18.77 12.99 6.69
N MET E 85 -18.78 14.09 5.95
CA MET E 85 -19.71 15.18 6.21
C MET E 85 -20.21 15.76 4.90
N TYR E 86 -21.40 16.35 4.97
CA TYR E 86 -21.97 17.08 3.84
C TYR E 86 -21.61 18.57 3.96
N PHE E 87 -20.31 18.83 3.83
CA PHE E 87 -19.81 20.19 3.99
C PHE E 87 -20.49 21.12 2.99
N GLN E 88 -20.94 22.26 3.47
CA GLN E 88 -21.61 23.25 2.64
C GLN E 88 -21.17 24.64 3.06
N GLN E 89 -21.11 25.55 2.10
CA GLN E 89 -20.70 26.92 2.39
C GLN E 89 -21.41 27.86 1.43
N ALA E 90 -22.31 28.67 1.97
CA ALA E 90 -23.13 29.58 1.19
C ALA E 90 -22.61 31.00 1.35
N TRP E 91 -22.41 31.69 0.24
CA TRP E 91 -22.00 33.09 0.23
C TRP E 91 -22.78 33.81 -0.85
N ARG E 92 -22.58 35.12 -0.93
CA ARG E 92 -23.24 35.96 -1.92
C ARG E 92 -22.22 36.44 -2.93
N ASP E 93 -22.57 36.36 -4.21
CA ASP E 93 -21.78 36.91 -5.30
C ASP E 93 -22.72 37.74 -6.16
N LYS E 94 -22.61 39.07 -6.08
CA LYS E 94 -23.55 39.94 -6.76
C LYS E 94 -23.52 39.75 -8.27
N ARG E 95 -22.41 39.29 -8.83
CA ARG E 95 -22.36 39.05 -10.26
C ARG E 95 -23.32 37.95 -10.68
N LEU E 96 -23.38 36.87 -9.89
CA LEU E 96 -24.28 35.74 -10.19
C LEU E 96 -25.69 36.04 -9.70
N SER E 97 -26.27 37.11 -10.24
CA SER E 97 -27.59 37.58 -9.86
C SER E 97 -28.50 37.53 -11.08
N TYR E 98 -29.64 36.88 -10.94
CA TYR E 98 -30.63 36.78 -12.00
C TYR E 98 -32.01 36.99 -11.40
N ASN E 99 -32.92 37.52 -12.21
CA ASN E 99 -34.25 37.87 -11.74
C ASN E 99 -35.38 37.42 -12.64
N VAL E 100 -35.10 37.06 -13.89
CA VAL E 100 -36.19 36.77 -14.84
C VAL E 100 -36.93 35.51 -14.42
N ILE E 101 -36.19 34.45 -14.08
CA ILE E 101 -36.81 33.17 -13.73
C ILE E 101 -37.09 33.14 -12.23
N PRO E 102 -38.34 32.88 -11.80
CA PRO E 102 -38.60 32.75 -10.35
C PRO E 102 -38.34 31.33 -9.84
N LEU E 103 -37.07 30.92 -9.88
CA LEU E 103 -36.69 29.58 -9.46
C LEU E 103 -35.20 29.58 -9.16
N ASN E 104 -34.76 28.52 -8.48
CA ASN E 104 -33.39 28.41 -8.01
C ASN E 104 -32.68 27.37 -8.86
N LEU E 105 -31.87 27.83 -9.82
CA LEU E 105 -31.12 26.92 -10.66
C LEU E 105 -30.16 26.09 -9.82
N THR E 106 -29.99 24.84 -10.21
CA THR E 106 -29.02 23.93 -9.59
C THR E 106 -28.21 23.32 -10.73
N LEU E 107 -27.17 24.02 -11.15
CA LEU E 107 -26.39 23.60 -12.29
C LEU E 107 -25.57 22.36 -11.97
N ASP E 108 -25.00 21.76 -13.01
CA ASP E 108 -24.21 20.56 -12.83
C ASP E 108 -22.97 20.87 -12.00
N ASN E 109 -22.46 19.85 -11.31
CA ASN E 109 -21.32 20.05 -10.43
C ASN E 109 -20.06 20.42 -11.21
N ARG E 110 -20.04 20.20 -12.53
CA ARG E 110 -18.87 20.52 -13.33
C ARG E 110 -18.68 22.02 -13.52
N VAL E 111 -19.65 22.84 -13.11
CA VAL E 111 -19.52 24.29 -13.26
C VAL E 111 -18.76 24.93 -12.12
N ALA E 112 -18.53 24.21 -11.02
CA ALA E 112 -17.84 24.79 -9.87
C ALA E 112 -16.46 25.31 -10.26
N ASP E 113 -15.79 24.64 -11.19
CA ASP E 113 -14.46 25.09 -11.61
C ASP E 113 -14.50 26.42 -12.33
N GLN E 114 -15.67 26.84 -12.82
CA GLN E 114 -15.80 28.11 -13.52
C GLN E 114 -16.26 29.25 -12.61
N LEU E 115 -16.47 28.99 -11.33
CA LEU E 115 -16.96 29.98 -10.39
C LEU E 115 -15.95 30.18 -9.28
N TRP E 116 -15.93 31.39 -8.72
CA TRP E 116 -15.07 31.65 -7.57
C TRP E 116 -15.52 30.80 -6.39
N VAL E 117 -14.56 30.30 -5.64
CA VAL E 117 -14.85 29.49 -4.46
C VAL E 117 -13.95 29.93 -3.32
N PRO E 118 -14.46 29.87 -2.08
CA PRO E 118 -13.56 30.12 -0.95
C PRO E 118 -12.42 29.13 -0.94
N ASP E 119 -11.23 29.64 -0.62
CA ASP E 119 -10.06 28.79 -0.56
C ASP E 119 -9.97 28.12 0.81
N THR E 120 -11.06 27.48 1.22
CA THR E 120 -11.13 26.88 2.54
C THR E 120 -10.23 25.66 2.63
N TYR E 121 -9.59 25.50 3.78
CA TYR E 121 -8.80 24.30 4.06
C TYR E 121 -8.94 23.97 5.52
N PHE E 122 -8.81 22.70 5.84
CA PHE E 122 -8.91 22.23 7.22
C PHE E 122 -7.51 22.15 7.80
N LEU E 123 -7.27 22.91 8.87
CA LEU E 123 -5.93 23.05 9.40
C LEU E 123 -5.38 21.69 9.86
N ASN E 124 -6.21 20.91 10.55
CA ASN E 124 -5.81 19.59 11.01
C ASN E 124 -6.48 18.57 10.10
N ASP E 125 -5.82 18.29 8.96
CA ASP E 125 -6.35 17.38 7.95
C ASP E 125 -5.20 16.58 7.39
N LYS E 126 -5.04 15.35 7.88
CA LYS E 126 -3.96 14.49 7.40
C LYS E 126 -4.25 13.93 6.02
N LYS E 127 -5.52 13.67 5.71
CA LYS E 127 -5.89 13.06 4.44
C LYS E 127 -7.39 13.21 4.20
N SER E 128 -7.77 13.65 3.01
CA SER E 128 -9.19 13.84 2.71
C SER E 128 -9.40 13.81 1.21
N PHE E 129 -10.63 13.49 0.82
CA PHE E 129 -10.99 13.41 -0.58
C PHE E 129 -12.49 13.59 -0.72
N VAL E 130 -12.91 14.14 -1.85
CA VAL E 130 -14.33 14.26 -2.18
C VAL E 130 -14.74 13.03 -2.98
N HIS E 131 -15.84 12.40 -2.57
CA HIS E 131 -16.25 11.17 -3.21
C HIS E 131 -16.59 11.41 -4.68
N GLY E 132 -16.30 10.41 -5.51
CA GLY E 132 -16.37 10.56 -6.95
C GLY E 132 -17.46 9.78 -7.63
N VAL E 133 -18.01 8.77 -6.97
CA VAL E 133 -18.99 7.87 -7.59
C VAL E 133 -20.39 8.41 -7.32
N THR E 134 -21.23 8.48 -8.35
CA THR E 134 -21.00 8.15 -9.76
C THR E 134 -20.24 9.29 -10.42
N VAL E 135 -20.74 10.50 -10.23
CA VAL E 135 -20.04 11.70 -10.64
C VAL E 135 -19.47 12.35 -9.39
N LYS E 136 -18.61 13.34 -9.59
CA LYS E 136 -17.96 14.00 -8.45
C LYS E 136 -19.01 14.62 -7.54
N ASN E 137 -19.10 14.09 -6.31
CA ASN E 137 -20.11 14.57 -5.38
C ASN E 137 -19.87 16.04 -5.07
N ARG E 138 -20.78 16.90 -5.52
CA ARG E 138 -20.62 18.34 -5.42
C ARG E 138 -21.88 18.99 -5.93
N MET E 139 -22.18 20.17 -5.40
CA MET E 139 -23.41 20.88 -5.71
C MET E 139 -23.13 22.33 -6.00
N ILE E 140 -23.95 22.90 -6.88
CA ILE E 140 -24.01 24.34 -7.11
C ILE E 140 -25.49 24.69 -7.22
N ARG E 141 -25.88 25.82 -6.64
CA ARG E 141 -27.28 26.24 -6.71
C ARG E 141 -27.33 27.76 -6.64
N LEU E 142 -27.44 28.40 -7.80
CA LEU E 142 -27.46 29.86 -7.87
C LEU E 142 -28.86 30.34 -7.52
N HIS E 143 -29.03 30.84 -6.30
CA HIS E 143 -30.32 31.37 -5.89
C HIS E 143 -30.60 32.68 -6.61
N PRO E 144 -31.88 33.08 -6.69
CA PRO E 144 -32.21 34.28 -7.47
C PRO E 144 -31.52 35.55 -6.97
N ASP E 145 -31.40 35.72 -5.66
CA ASP E 145 -30.81 36.94 -5.12
C ASP E 145 -29.34 37.04 -5.49
N GLY E 146 -28.62 35.92 -5.46
CA GLY E 146 -27.20 35.91 -5.71
C GLY E 146 -26.50 34.91 -4.81
N THR E 147 -27.15 34.52 -3.73
CA THR E 147 -26.57 33.54 -2.82
C THR E 147 -26.25 32.27 -3.58
N VAL E 148 -24.99 31.82 -3.48
CA VAL E 148 -24.52 30.61 -4.14
C VAL E 148 -24.34 29.55 -3.08
N LEU E 149 -25.11 28.47 -3.18
CA LEU E 149 -25.05 27.39 -2.21
C LEU E 149 -24.12 26.32 -2.76
N TYR E 150 -22.87 26.35 -2.32
CA TYR E 150 -21.85 25.43 -2.78
C TYR E 150 -21.59 24.38 -1.71
N GLY E 151 -21.66 23.11 -2.08
CA GLY E 151 -21.53 22.04 -1.12
C GLY E 151 -20.80 20.86 -1.70
N LEU E 152 -20.08 20.16 -0.83
CA LEU E 152 -19.30 18.99 -1.20
C LEU E 152 -19.54 17.90 -0.17
N ARG E 153 -19.44 16.65 -0.62
CA ARG E 153 -19.47 15.50 0.26
C ARG E 153 -18.03 15.08 0.51
N ILE E 154 -17.54 15.36 1.71
CA ILE E 154 -16.13 15.27 2.03
C ILE E 154 -15.91 14.19 3.07
N THR E 155 -14.84 13.42 2.91
CA THR E 155 -14.35 12.51 3.94
C THR E 155 -12.98 12.99 4.37
N THR E 156 -12.81 13.22 5.67
CA THR E 156 -11.59 13.80 6.21
C THR E 156 -11.07 12.93 7.35
N THR E 157 -9.76 12.66 7.32
CA THR E 157 -9.07 12.03 8.44
C THR E 157 -8.37 13.11 9.26
N ALA E 158 -9.19 13.96 9.86
CA ALA E 158 -8.66 15.10 10.60
C ALA E 158 -7.82 14.64 11.78
N ALA E 159 -6.75 15.37 12.06
CA ALA E 159 -5.88 15.06 13.19
C ALA E 159 -6.49 15.57 14.48
N CYS E 160 -6.20 14.85 15.57
CA CYS E 160 -6.72 15.19 16.89
C CYS E 160 -5.74 14.70 17.93
N MET E 161 -5.07 15.63 18.61
CA MET E 161 -4.10 15.27 19.64
C MET E 161 -4.79 14.52 20.76
N MET E 162 -4.46 13.23 20.91
CA MET E 162 -5.08 12.38 21.91
C MET E 162 -4.21 12.35 23.16
N ASP E 163 -4.79 12.75 24.29
CA ASP E 163 -4.11 12.66 25.59
C ASP E 163 -4.59 11.37 26.26
N LEU E 164 -4.04 10.25 25.79
CA LEU E 164 -4.45 8.95 26.29
C LEU E 164 -3.73 8.59 27.58
N ARG E 165 -3.79 9.49 28.57
CA ARG E 165 -3.26 9.21 29.90
C ARG E 165 -4.34 8.75 30.87
N ARG E 166 -5.60 9.07 30.59
CA ARG E 166 -6.74 8.53 31.32
C ARG E 166 -7.39 7.36 30.59
N TYR E 167 -6.86 6.96 29.45
CA TYR E 167 -7.44 5.89 28.67
C TYR E 167 -7.43 4.59 29.48
N PRO E 168 -8.53 3.82 29.49
CA PRO E 168 -9.77 3.96 28.72
C PRO E 168 -10.77 4.93 29.32
N LEU E 169 -10.52 5.43 30.54
CA LEU E 169 -11.45 6.34 31.20
C LEU E 169 -11.16 7.79 30.80
N ASP E 170 -11.14 8.01 29.49
CA ASP E 170 -10.75 9.28 28.91
C ASP E 170 -11.93 9.96 28.24
N GLU E 171 -11.80 11.26 28.05
CA GLU E 171 -12.81 12.11 27.43
C GLU E 171 -12.21 12.89 26.27
N GLN E 172 -11.59 12.15 25.35
CA GLN E 172 -10.87 12.74 24.22
C GLN E 172 -11.70 13.82 23.54
N ASN E 173 -11.08 14.99 23.39
CA ASN E 173 -11.69 16.15 22.76
C ASN E 173 -11.05 16.30 21.40
N CYS E 174 -11.86 16.31 20.34
CA CYS E 174 -11.37 16.43 18.98
C CYS E 174 -12.12 17.55 18.27
N THR E 175 -11.42 18.17 17.30
CA THR E 175 -11.94 19.35 16.64
C THR E 175 -11.61 19.29 15.16
N LEU E 176 -12.43 19.98 14.37
CA LEU E 176 -12.16 20.28 12.97
C LEU E 176 -11.93 21.78 12.86
N GLU E 177 -10.87 22.18 12.19
CA GLU E 177 -10.41 23.56 12.16
C GLU E 177 -10.53 24.10 10.73
N ILE E 178 -11.67 24.69 10.41
CA ILE E 178 -11.86 25.30 9.10
C ILE E 178 -11.23 26.68 9.10
N GLU E 179 -10.51 27.02 8.04
CA GLU E 179 -9.83 28.30 7.97
C GLU E 179 -9.50 28.61 6.52
N SER E 180 -9.59 29.89 6.18
CA SER E 180 -9.16 30.32 4.85
C SER E 180 -7.65 30.33 4.76
N TYR E 181 -7.13 30.05 3.57
CA TYR E 181 -5.69 29.95 3.38
C TYR E 181 -5.08 31.29 3.01
N GLY E 182 -5.50 31.87 1.89
CA GLY E 182 -4.85 33.06 1.35
C GLY E 182 -5.55 34.37 1.68
N TYR E 183 -6.76 34.31 2.21
CA TYR E 183 -7.54 35.50 2.48
C TYR E 183 -7.54 35.84 3.95
N THR E 184 -7.37 37.12 4.27
CA THR E 184 -7.44 37.62 5.63
C THR E 184 -8.86 38.10 5.93
N THR E 185 -9.09 38.46 7.19
CA THR E 185 -10.43 38.87 7.61
C THR E 185 -10.92 40.10 6.86
N ASP E 186 -10.01 40.87 6.25
CA ASP E 186 -10.45 42.02 5.48
C ASP E 186 -11.27 41.59 4.27
N ASP E 187 -10.87 40.51 3.62
CA ASP E 187 -11.49 40.09 2.37
C ASP E 187 -12.57 39.03 2.54
N ILE E 188 -12.44 38.15 3.53
CA ILE E 188 -13.36 37.03 3.71
C ILE E 188 -13.72 36.92 5.19
N GLU E 189 -14.84 36.26 5.46
CA GLU E 189 -15.37 36.17 6.81
C GLU E 189 -16.24 34.93 6.94
N PHE E 190 -15.98 34.11 7.96
CA PHE E 190 -16.68 32.86 8.16
C PHE E 190 -17.66 32.97 9.33
N TYR E 191 -18.86 32.45 9.14
CA TYR E 191 -19.86 32.40 10.19
C TYR E 191 -20.74 31.18 9.95
N TRP E 192 -21.36 30.71 11.03
CA TRP E 192 -22.30 29.59 10.97
C TRP E 192 -23.68 30.16 10.66
N ARG E 193 -24.13 30.00 9.42
CA ARG E 193 -25.48 30.45 9.08
C ARG E 193 -26.46 29.66 9.92
N GLY E 194 -27.13 30.33 10.85
CA GLY E 194 -27.80 29.65 11.94
C GLY E 194 -26.84 29.51 13.10
N ASP E 195 -27.24 30.00 14.28
CA ASP E 195 -26.31 30.07 15.40
C ASP E 195 -25.78 28.69 15.79
N ASP E 196 -26.67 27.69 15.84
CA ASP E 196 -26.28 26.33 16.16
C ASP E 196 -26.80 25.32 15.15
N ASN E 197 -27.84 25.65 14.38
CA ASN E 197 -28.38 24.72 13.41
C ASN E 197 -27.42 24.43 12.26
N ALA E 198 -26.34 25.20 12.13
CA ALA E 198 -25.40 24.97 11.04
C ALA E 198 -24.77 23.59 11.10
N VAL E 199 -24.73 22.97 12.27
CA VAL E 199 -24.27 21.60 12.43
C VAL E 199 -25.50 20.73 12.68
N THR E 200 -25.60 19.62 11.94
CA THR E 200 -26.76 18.75 12.02
C THR E 200 -26.32 17.30 11.89
N GLY E 201 -27.20 16.40 12.34
CA GLY E 201 -26.95 14.99 12.19
C GLY E 201 -25.93 14.41 13.13
N VAL E 202 -25.48 15.18 14.12
CA VAL E 202 -24.49 14.67 15.06
C VAL E 202 -25.13 13.67 16.02
N THR E 203 -26.36 13.95 16.46
CA THR E 203 -26.99 13.11 17.47
C THR E 203 -27.20 11.69 16.95
N LYS E 204 -27.65 11.55 15.71
CA LYS E 204 -27.92 10.23 15.15
C LYS E 204 -26.66 9.38 14.99
N ILE E 205 -25.48 10.00 15.04
CA ILE E 205 -24.24 9.24 14.87
C ILE E 205 -24.10 8.26 16.02
N GLU E 206 -23.79 7.01 15.70
CA GLU E 206 -23.61 5.94 16.68
C GLU E 206 -22.18 5.43 16.54
N LEU E 207 -21.25 6.08 17.22
CA LEU E 207 -19.87 5.63 17.19
C LEU E 207 -19.76 4.25 17.83
N PRO E 208 -18.83 3.41 17.37
CA PRO E 208 -18.75 2.06 17.91
C PRO E 208 -18.32 2.04 19.37
N GLN E 209 -17.24 2.75 19.69
CA GLN E 209 -16.65 2.74 21.03
C GLN E 209 -16.79 4.08 21.74
N PHE E 210 -17.53 5.02 21.17
CA PHE E 210 -17.56 6.38 21.67
C PHE E 210 -19.00 6.90 21.71
N SER E 211 -19.21 7.92 22.53
CA SER E 211 -20.47 8.64 22.59
C SER E 211 -20.17 10.13 22.50
N ILE E 212 -20.81 10.80 21.55
CA ILE E 212 -20.58 12.24 21.36
C ILE E 212 -21.39 12.98 22.42
N VAL E 213 -20.76 13.25 23.57
CA VAL E 213 -21.47 13.88 24.67
C VAL E 213 -21.95 15.27 24.28
N ASP E 214 -21.09 16.04 23.62
CA ASP E 214 -21.44 17.40 23.23
C ASP E 214 -20.64 17.80 22.00
N TYR E 215 -21.15 18.81 21.31
CA TYR E 215 -20.45 19.46 20.23
C TYR E 215 -20.66 20.95 20.37
N LYS E 216 -19.62 21.72 20.05
CA LYS E 216 -19.70 23.18 20.09
C LYS E 216 -19.05 23.75 18.84
N LEU E 217 -19.52 24.93 18.46
CA LEU E 217 -19.02 25.65 17.30
C LEU E 217 -18.45 26.98 17.75
N ILE E 218 -17.21 27.26 17.36
CA ILE E 218 -16.54 28.50 17.73
C ILE E 218 -16.18 29.23 16.44
N THR E 219 -16.25 30.56 16.49
CA THR E 219 -15.92 31.41 15.36
C THR E 219 -14.88 32.43 15.81
N LYS E 220 -13.61 32.05 15.75
CA LYS E 220 -12.51 32.89 16.16
C LYS E 220 -12.00 33.71 14.99
N LYS E 221 -11.11 34.67 15.30
CA LYS E 221 -10.33 35.40 14.31
C LYS E 221 -8.88 35.34 14.78
N VAL E 222 -8.18 34.27 14.40
CA VAL E 222 -6.81 34.10 14.85
C VAL E 222 -5.93 35.16 14.20
N VAL E 223 -4.99 35.70 14.96
CA VAL E 223 -4.07 36.73 14.50
C VAL E 223 -2.74 36.07 14.19
N PHE E 224 -2.36 36.08 12.92
CA PHE E 224 -1.09 35.55 12.46
C PHE E 224 -0.11 36.70 12.21
N SER E 225 1.11 36.36 11.82
CA SER E 225 2.11 37.37 11.53
C SER E 225 1.65 38.28 10.40
N THR E 226 1.11 37.72 9.33
CA THR E 226 0.66 38.54 8.21
C THR E 226 -0.55 39.37 8.59
N GLY E 227 -1.53 38.76 9.24
CA GLY E 227 -2.74 39.47 9.60
C GLY E 227 -3.71 38.56 10.32
N SER E 228 -4.92 39.07 10.52
CA SER E 228 -5.95 38.33 11.23
C SER E 228 -6.74 37.49 10.22
N TYR E 229 -6.68 36.18 10.39
CA TYR E 229 -7.38 35.26 9.50
C TYR E 229 -8.64 34.73 10.15
N PRO E 230 -9.67 34.41 9.38
CA PRO E 230 -10.89 33.83 9.96
C PRO E 230 -10.66 32.38 10.34
N ARG E 231 -11.61 31.85 11.10
CA ARG E 231 -11.46 30.51 11.66
C ARG E 231 -12.81 30.06 12.20
N LEU E 232 -13.16 28.81 11.91
CA LEU E 232 -14.30 28.15 12.52
C LEU E 232 -13.84 26.81 13.03
N SER E 233 -14.11 26.53 14.31
CA SER E 233 -13.58 25.36 15.00
C SER E 233 -14.73 24.51 15.50
N LEU E 234 -15.19 23.59 14.65
CA LEU E 234 -16.15 22.59 15.09
C LEU E 234 -15.44 21.60 16.02
N SER E 235 -16.06 21.32 17.17
CA SER E 235 -15.45 20.49 18.20
C SER E 235 -16.43 19.43 18.66
N PHE E 236 -15.91 18.23 18.88
CA PHE E 236 -16.67 17.11 19.44
C PHE E 236 -15.96 16.63 20.68
N LYS E 237 -16.70 16.54 21.80
CA LYS E 237 -16.13 16.07 23.06
C LYS E 237 -16.48 14.60 23.22
N LEU E 238 -15.75 13.76 22.49
CA LEU E 238 -15.98 12.32 22.55
C LEU E 238 -15.72 11.80 23.96
N LYS E 239 -16.54 10.83 24.38
CA LYS E 239 -16.39 10.15 25.65
C LYS E 239 -16.23 8.66 25.40
N ARG E 240 -15.17 8.07 25.94
CA ARG E 240 -14.94 6.65 25.73
C ARG E 240 -16.08 5.84 26.35
N ASN E 241 -16.48 4.78 25.64
CA ASN E 241 -17.56 3.92 26.11
C ASN E 241 -16.95 2.85 27.00
N ILE E 242 -16.97 3.11 28.31
CA ILE E 242 -16.39 2.18 29.26
C ILE E 242 -17.14 0.85 29.28
N GLY E 243 -18.39 0.83 28.84
CA GLY E 243 -19.14 -0.41 28.85
C GLY E 243 -18.48 -1.51 28.03
N TYR E 244 -17.89 -1.13 26.90
CA TYR E 244 -17.21 -2.11 26.05
C TYR E 244 -15.90 -2.57 26.68
N PHE E 245 -15.07 -1.63 27.11
CA PHE E 245 -13.72 -1.98 27.56
C PHE E 245 -13.70 -2.57 28.97
N ILE E 246 -14.74 -2.36 29.76
CA ILE E 246 -14.77 -2.94 31.10
C ILE E 246 -14.80 -4.46 31.00
N LEU E 247 -15.51 -4.98 30.01
CA LEU E 247 -15.50 -6.42 29.77
C LEU E 247 -14.39 -6.84 28.83
N GLN E 248 -13.98 -5.97 27.89
CA GLN E 248 -12.93 -6.36 26.96
C GLN E 248 -11.59 -6.52 27.66
N THR E 249 -11.22 -5.56 28.50
CA THR E 249 -9.87 -5.45 29.06
C THR E 249 -9.84 -5.60 30.57
N TYR E 250 -10.64 -4.82 31.30
CA TYR E 250 -10.54 -4.84 32.76
C TYR E 250 -11.04 -6.15 33.35
N MET E 251 -12.15 -6.68 32.82
CA MET E 251 -12.75 -7.85 33.44
C MET E 251 -11.82 -9.06 33.45
N PRO E 252 -11.15 -9.43 32.37
CA PRO E 252 -10.21 -10.56 32.45
C PRO E 252 -9.12 -10.35 33.48
N SER E 253 -8.50 -9.16 33.51
CA SER E 253 -7.44 -8.92 34.46
C SER E 253 -7.94 -9.02 35.90
N ILE E 254 -9.10 -8.43 36.18
CA ILE E 254 -9.66 -8.49 37.53
C ILE E 254 -9.95 -9.93 37.90
N LEU E 255 -10.55 -10.69 36.98
CA LEU E 255 -10.87 -12.08 37.27
C LEU E 255 -9.61 -12.87 37.59
N ILE E 256 -8.55 -12.68 36.80
CA ILE E 256 -7.30 -13.38 37.07
C ILE E 256 -6.77 -12.99 38.44
N THR E 257 -6.93 -11.72 38.82
CA THR E 257 -6.50 -11.31 40.15
C THR E 257 -7.25 -12.08 41.22
N ILE E 258 -8.57 -12.26 41.03
CA ILE E 258 -9.34 -13.03 42.00
C ILE E 258 -8.79 -14.44 42.11
N LEU E 259 -8.43 -15.04 40.97
CA LEU E 259 -7.84 -16.38 40.99
C LEU E 259 -6.59 -16.41 41.84
N SER E 260 -5.80 -15.33 41.84
CA SER E 260 -4.60 -15.30 42.66
C SER E 260 -4.95 -15.45 44.13
N TRP E 261 -6.04 -14.82 44.58
CA TRP E 261 -6.45 -14.94 45.97
C TRP E 261 -6.72 -16.39 46.35
N VAL E 262 -7.19 -17.19 45.38
CA VAL E 262 -7.53 -18.59 45.67
C VAL E 262 -6.32 -19.36 46.16
N SER E 263 -5.11 -18.92 45.80
CA SER E 263 -3.91 -19.66 46.18
C SER E 263 -3.77 -19.77 47.69
N PHE E 264 -4.05 -18.67 48.42
CA PHE E 264 -3.79 -18.64 49.84
C PHE E 264 -4.57 -19.71 50.60
N TRP E 265 -5.73 -20.11 50.07
CA TRP E 265 -6.57 -21.07 50.77
C TRP E 265 -5.96 -22.45 50.86
N ILE E 266 -5.04 -22.80 49.95
CA ILE E 266 -4.73 -24.21 49.68
C ILE E 266 -4.19 -24.93 50.90
N ASN E 267 -3.00 -24.56 51.36
CA ASN E 267 -2.37 -25.22 52.49
C ASN E 267 -1.01 -24.59 52.72
N TYR E 268 -0.36 -25.02 53.80
CA TYR E 268 1.04 -24.71 54.05
C TYR E 268 1.90 -25.94 54.32
N ASP E 269 1.31 -27.05 54.77
CA ASP E 269 2.08 -28.28 54.96
C ASP E 269 2.59 -28.82 53.63
N ALA E 270 1.76 -28.77 52.59
CA ALA E 270 2.12 -29.24 51.25
C ALA E 270 1.48 -28.30 50.25
N SER E 271 2.29 -27.42 49.65
CA SER E 271 1.82 -26.34 48.79
C SER E 271 2.49 -26.38 47.42
N ALA E 272 2.99 -27.55 47.04
CA ALA E 272 3.54 -27.73 45.70
C ALA E 272 2.51 -27.42 44.63
N ALA E 273 1.23 -27.57 44.96
CA ALA E 273 0.18 -27.11 44.05
C ALA E 273 0.02 -25.60 44.09
N ARG E 274 0.20 -25.00 45.26
CA ARG E 274 0.06 -23.55 45.37
C ARG E 274 1.08 -22.83 44.50
N VAL E 275 2.31 -23.33 44.47
CA VAL E 275 3.32 -22.69 43.63
C VAL E 275 2.89 -22.73 42.16
N ALA E 276 2.38 -23.88 41.70
CA ALA E 276 1.97 -24.00 40.31
C ALA E 276 0.80 -23.06 40.00
N LEU E 277 -0.19 -23.04 40.88
CA LEU E 277 -1.35 -22.18 40.66
C LEU E 277 -0.93 -20.72 40.61
N GLY E 278 -0.07 -20.31 41.55
CA GLY E 278 0.37 -18.93 41.54
C GLY E 278 1.14 -18.58 40.28
N ILE E 279 2.07 -19.45 39.88
CA ILE E 279 2.96 -19.10 38.78
C ILE E 279 2.24 -19.14 37.43
N THR E 280 1.11 -19.85 37.33
CA THR E 280 0.35 -19.82 36.08
C THR E 280 -0.30 -18.45 35.84
N THR E 281 -0.67 -17.77 36.92
CA THR E 281 -1.45 -16.54 36.80
C THR E 281 -0.64 -15.45 36.09
N VAL E 282 0.65 -15.35 36.38
CA VAL E 282 1.45 -14.32 35.73
C VAL E 282 1.57 -14.60 34.24
N LEU E 283 1.65 -15.87 33.85
CA LEU E 283 1.64 -16.20 32.43
C LEU E 283 0.35 -15.75 31.79
N THR E 284 -0.78 -15.99 32.46
CA THR E 284 -2.05 -15.49 31.93
C THR E 284 -2.02 -13.98 31.77
N MET E 285 -1.48 -13.28 32.76
CA MET E 285 -1.37 -11.82 32.69
C MET E 285 -0.54 -11.41 31.48
N THR E 286 0.58 -12.09 31.26
CA THR E 286 1.45 -11.75 30.14
C THR E 286 0.74 -11.94 28.81
N THR E 287 0.00 -13.04 28.66
CA THR E 287 -0.74 -13.25 27.42
C THR E 287 -1.78 -12.16 27.20
N ILE E 288 -2.52 -11.83 28.26
CA ILE E 288 -3.53 -10.78 28.15
C ILE E 288 -2.87 -9.47 27.73
N ASN E 289 -1.76 -9.13 28.37
CA ASN E 289 -1.08 -7.87 28.07
C ASN E 289 -0.56 -7.86 26.64
N THR E 290 0.01 -8.98 26.18
CA THR E 290 0.54 -9.03 24.83
C THR E 290 -0.57 -8.79 23.80
N HIS E 291 -1.72 -9.43 24.01
CA HIS E 291 -2.82 -9.19 23.08
C HIS E 291 -3.33 -7.76 23.18
N LEU E 292 -3.30 -7.18 24.38
CA LEU E 292 -3.80 -5.82 24.55
C LEU E 292 -2.91 -4.79 23.87
N ARG E 293 -1.59 -4.97 23.95
CA ARG E 293 -0.67 -3.94 23.44
C ARG E 293 -0.83 -3.67 21.96
N GLU E 294 -1.39 -4.62 21.20
CA GLU E 294 -1.53 -4.43 19.76
C GLU E 294 -2.41 -3.22 19.45
N THR E 295 -3.51 -3.07 20.19
CA THR E 295 -4.46 -2.00 19.91
C THR E 295 -3.97 -0.64 20.38
N LEU E 296 -3.15 -0.60 21.42
CA LEU E 296 -2.82 0.66 22.09
C LEU E 296 -1.61 1.34 21.46
N PRO E 297 -1.48 2.66 21.66
CA PRO E 297 -0.24 3.35 21.26
C PRO E 297 0.85 3.18 22.30
N LYS E 298 1.96 3.89 22.13
CA LYS E 298 3.16 3.72 22.96
C LYS E 298 3.44 4.94 23.83
N ILE E 299 2.39 5.64 24.27
CA ILE E 299 2.61 6.85 25.07
C ILE E 299 3.32 6.46 26.35
N PRO E 300 4.33 7.21 26.80
CA PRO E 300 5.15 6.70 27.92
C PRO E 300 4.40 6.64 29.22
N TYR E 301 3.48 7.57 29.47
CA TYR E 301 2.74 7.54 30.71
C TYR E 301 1.91 6.26 30.78
N VAL E 302 1.75 5.76 32.01
CA VAL E 302 1.14 4.45 32.24
C VAL E 302 -0.28 4.35 31.70
N LYS E 303 -0.93 5.48 31.43
CA LYS E 303 -2.34 5.47 31.07
C LYS E 303 -3.16 4.86 32.20
N ALA E 304 -4.49 4.89 32.08
CA ALA E 304 -5.30 4.24 33.09
C ALA E 304 -5.23 2.72 32.97
N ILE E 305 -4.85 2.19 31.81
CA ILE E 305 -4.91 0.75 31.57
C ILE E 305 -3.63 0.06 32.00
N ASP E 306 -2.47 0.55 31.54
CA ASP E 306 -1.22 -0.14 31.84
C ASP E 306 -0.93 -0.07 33.33
N MET E 307 -1.29 1.04 33.97
CA MET E 307 -1.08 1.12 35.41
C MET E 307 -1.86 0.03 36.13
N TYR E 308 -3.12 -0.19 35.75
CA TYR E 308 -3.91 -1.21 36.41
C TYR E 308 -3.35 -2.60 36.12
N LEU E 309 -3.00 -2.86 34.86
CA LEU E 309 -2.48 -4.18 34.51
C LEU E 309 -1.18 -4.45 35.28
N MET E 310 -0.30 -3.46 35.34
CA MET E 310 0.96 -3.62 36.05
C MET E 310 0.74 -3.75 37.55
N GLY E 311 -0.24 -3.02 38.10
CA GLY E 311 -0.52 -3.15 39.52
C GLY E 311 -1.06 -4.53 39.86
N CYS E 312 -1.94 -5.06 39.02
CA CYS E 312 -2.42 -6.43 39.21
C CYS E 312 -1.26 -7.42 39.08
N PHE E 313 -0.37 -7.16 38.12
CA PHE E 313 0.83 -7.99 37.98
C PHE E 313 1.65 -7.96 39.26
N VAL E 314 1.81 -6.78 39.85
CA VAL E 314 2.56 -6.64 41.08
C VAL E 314 1.89 -7.41 42.21
N PHE E 315 0.55 -7.34 42.27
CA PHE E 315 -0.17 -8.03 43.33
C PHE E 315 0.01 -9.53 43.23
N VAL E 316 -0.14 -10.09 42.03
CA VAL E 316 0.02 -11.53 41.89
C VAL E 316 1.47 -11.94 42.13
N PHE E 317 2.42 -11.12 41.67
CA PHE E 317 3.82 -11.38 41.94
C PHE E 317 4.11 -11.38 43.42
N MET E 318 3.54 -10.43 44.16
CA MET E 318 3.72 -10.40 45.59
C MET E 318 3.04 -11.58 46.26
N ALA E 319 1.97 -12.09 45.66
CA ALA E 319 1.39 -13.34 46.18
C ALA E 319 2.38 -14.48 46.06
N LEU E 320 3.05 -14.57 44.91
CA LEU E 320 4.08 -15.59 44.75
C LEU E 320 5.19 -15.41 45.78
N LEU E 321 5.61 -14.16 45.98
CA LEU E 321 6.65 -13.88 46.97
C LEU E 321 6.19 -14.22 48.38
N GLU E 322 4.91 -13.98 48.68
CA GLU E 322 4.36 -14.36 49.97
C GLU E 322 4.46 -15.86 50.17
N TYR E 323 4.11 -16.63 49.14
CA TYR E 323 4.28 -18.08 49.24
C TYR E 323 5.72 -18.43 49.47
N ALA E 324 6.64 -17.78 48.76
CA ALA E 324 8.05 -18.05 48.94
C ALA E 324 8.48 -17.82 50.38
N LEU E 325 8.07 -16.68 50.94
CA LEU E 325 8.48 -16.33 52.29
C LEU E 325 7.94 -17.33 53.30
N VAL E 326 6.64 -17.64 53.21
CA VAL E 326 6.06 -18.55 54.20
C VAL E 326 6.66 -19.93 54.08
N ASN E 327 6.86 -20.42 52.85
CA ASN E 327 7.47 -21.73 52.67
C ASN E 327 8.88 -21.76 53.22
N TYR E 328 9.67 -20.71 52.98
CA TYR E 328 11.02 -20.67 53.51
C TYR E 328 11.01 -20.67 55.04
N ILE E 329 10.13 -19.88 55.65
CA ILE E 329 10.12 -19.77 57.10
C ILE E 329 9.72 -21.11 57.72
N PHE E 330 8.68 -21.75 57.18
CA PHE E 330 8.21 -22.99 57.78
C PHE E 330 9.29 -24.07 57.73
N PHE E 331 9.94 -24.23 56.58
CA PHE E 331 10.98 -25.25 56.44
C PHE E 331 12.29 -24.88 57.11
N GLY E 332 12.50 -23.59 57.39
CA GLY E 332 13.72 -23.15 58.04
C GLY E 332 13.85 -23.68 59.45
N ASP E 483 3.27 -20.21 65.05
CA ASP E 483 4.02 -19.15 64.40
C ASP E 483 3.78 -19.17 62.89
N VAL E 484 4.03 -20.32 62.27
CA VAL E 484 3.84 -20.45 60.83
C VAL E 484 2.36 -20.31 60.47
N ASN E 485 1.48 -20.92 61.27
CA ASN E 485 0.05 -20.82 61.00
C ASN E 485 -0.42 -19.38 61.06
N ALA E 486 0.08 -18.62 62.03
CA ALA E 486 -0.28 -17.20 62.13
C ALA E 486 0.18 -16.45 60.90
N ILE E 487 1.37 -16.76 60.39
CA ILE E 487 1.85 -16.13 59.16
C ILE E 487 0.89 -16.40 58.02
N ASP E 488 0.47 -17.67 57.90
CA ASP E 488 -0.47 -18.04 56.84
C ASP E 488 -1.74 -17.21 56.94
N ARG E 489 -2.36 -17.16 58.12
CA ARG E 489 -3.66 -16.52 58.24
C ARG E 489 -3.54 -15.01 58.09
N TRP E 490 -2.48 -14.41 58.62
CA TRP E 490 -2.30 -12.97 58.46
C TRP E 490 -2.13 -12.61 56.99
N SER E 491 -1.36 -13.41 56.24
CA SER E 491 -1.26 -13.16 54.80
C SER E 491 -2.63 -13.29 54.13
N ARG E 492 -3.39 -14.31 54.52
CA ARG E 492 -4.69 -14.54 53.91
C ARG E 492 -5.61 -13.34 54.10
N ILE E 493 -5.65 -12.78 55.31
CA ILE E 493 -6.52 -11.63 55.54
C ILE E 493 -5.93 -10.38 54.87
N PHE E 494 -4.60 -10.25 54.88
CA PHE E 494 -3.99 -9.02 54.39
C PHE E 494 -4.24 -8.82 52.90
N PHE E 495 -4.09 -9.88 52.10
CA PHE E 495 -4.13 -9.68 50.65
C PHE E 495 -5.46 -9.15 50.13
N PRO E 496 -6.61 -9.71 50.49
CA PRO E 496 -7.87 -9.16 49.97
C PRO E 496 -8.09 -7.70 50.33
N VAL E 497 -7.76 -7.30 51.56
CA VAL E 497 -8.06 -5.93 51.99
C VAL E 497 -7.15 -4.95 51.27
N VAL E 498 -5.86 -5.26 51.15
CA VAL E 498 -4.96 -4.33 50.48
C VAL E 498 -5.26 -4.28 48.99
N PHE E 499 -5.65 -5.40 48.38
CA PHE E 499 -6.06 -5.35 46.98
C PHE E 499 -7.32 -4.51 46.82
N SER E 500 -8.26 -4.64 47.76
CA SER E 500 -9.46 -3.81 47.71
C SER E 500 -9.11 -2.33 47.82
N PHE E 501 -8.15 -2.01 48.69
CA PHE E 501 -7.70 -0.62 48.79
C PHE E 501 -7.09 -0.16 47.48
N PHE E 502 -6.29 -1.00 46.84
CA PHE E 502 -5.72 -0.64 45.54
C PHE E 502 -6.82 -0.37 44.52
N ASN E 503 -7.80 -1.27 44.45
CA ASN E 503 -8.88 -1.11 43.48
C ASN E 503 -9.67 0.17 43.75
N ILE E 504 -9.98 0.42 45.02
CA ILE E 504 -10.73 1.62 45.39
C ILE E 504 -9.93 2.86 45.01
N VAL E 505 -8.64 2.88 45.33
CA VAL E 505 -7.81 4.04 45.03
C VAL E 505 -7.75 4.28 43.54
N TYR E 506 -7.56 3.22 42.76
CA TYR E 506 -7.43 3.38 41.31
C TYR E 506 -8.74 3.88 40.71
N TRP E 507 -9.86 3.27 41.08
CA TRP E 507 -11.15 3.69 40.54
C TRP E 507 -11.44 5.13 40.90
N LEU E 508 -11.20 5.51 42.17
CA LEU E 508 -11.45 6.88 42.59
C LEU E 508 -10.56 7.85 41.81
N TYR E 509 -9.29 7.50 41.62
CA TYR E 509 -8.37 8.42 40.96
C TYR E 509 -8.76 8.64 39.51
N TYR E 510 -9.10 7.57 38.78
CA TYR E 510 -9.33 7.72 37.35
C TYR E 510 -10.78 7.95 36.97
N VAL E 511 -11.74 7.64 37.85
CA VAL E 511 -13.13 7.87 37.49
C VAL E 511 -13.42 9.37 37.36
N ASN E 512 -12.81 10.19 38.22
CA ASN E 512 -13.01 11.63 38.17
C ASN E 512 -12.16 12.27 37.08
N GLU F 1 31.92 49.26 -8.90
CA GLU F 1 32.65 49.15 -7.61
C GLU F 1 31.76 49.58 -6.45
N ILE F 2 31.32 48.60 -5.66
CA ILE F 2 30.44 48.88 -4.53
C ILE F 2 31.28 49.45 -3.39
N GLN F 3 30.87 50.61 -2.89
CA GLN F 3 31.56 51.28 -1.79
C GLN F 3 30.54 51.74 -0.76
N LEU F 4 30.86 51.53 0.52
CA LEU F 4 30.00 51.95 1.63
C LEU F 4 30.59 53.21 2.25
N GLN F 5 30.27 54.34 1.63
CA GLN F 5 30.74 55.62 2.14
C GLN F 5 29.96 56.01 3.39
N GLN F 6 30.64 56.68 4.31
CA GLN F 6 30.05 57.14 5.57
C GLN F 6 30.23 58.64 5.71
N SER F 7 29.54 59.21 6.69
CA SER F 7 29.59 60.65 6.89
C SER F 7 31.01 61.11 7.23
N GLY F 8 31.54 60.66 8.36
CA GLY F 8 32.88 61.01 8.77
C GLY F 8 32.99 61.15 10.28
N PRO F 9 34.19 61.45 10.76
CA PRO F 9 34.38 61.58 12.21
C PRO F 9 33.50 62.69 12.79
N GLU F 10 33.01 62.45 14.00
CA GLU F 10 32.16 63.41 14.70
C GLU F 10 32.56 63.47 16.16
N LEU F 11 32.43 64.66 16.74
CA LEU F 11 32.69 64.89 18.15
C LEU F 11 31.56 65.73 18.72
N VAL F 12 31.11 65.37 19.92
CA VAL F 12 30.01 66.06 20.57
C VAL F 12 30.06 65.78 22.06
N LYS F 13 29.44 66.66 22.85
CA LYS F 13 29.46 66.52 24.29
C LYS F 13 28.55 65.37 24.72
N PRO F 14 28.73 64.85 25.94
CA PRO F 14 27.90 63.73 26.39
C PRO F 14 26.43 64.12 26.49
N GLY F 15 25.56 63.12 26.31
CA GLY F 15 24.14 63.30 26.47
C GLY F 15 23.43 63.91 25.27
N THR F 16 24.15 64.24 24.20
CA THR F 16 23.57 64.86 23.01
C THR F 16 23.48 63.82 21.91
N SER F 17 22.28 63.66 21.35
CA SER F 17 22.07 62.69 20.29
C SER F 17 22.85 63.07 19.03
N VAL F 18 23.33 62.05 18.32
CA VAL F 18 24.06 62.24 17.07
C VAL F 18 23.51 61.28 16.03
N LYS F 19 23.70 61.64 14.77
CA LYS F 19 23.27 60.83 13.64
C LYS F 19 24.43 60.64 12.67
N VAL F 20 24.57 59.43 12.15
CA VAL F 20 25.62 59.08 11.21
C VAL F 20 24.98 58.32 10.04
N SER F 21 25.40 58.67 8.83
CA SER F 21 24.84 58.10 7.61
C SER F 21 25.80 57.08 7.00
N CYS F 22 25.25 56.27 6.10
CA CYS F 22 26.00 55.22 5.42
C CYS F 22 25.51 55.15 3.99
N LYS F 23 26.31 55.64 3.05
CA LYS F 23 25.93 55.73 1.64
C LYS F 23 26.48 54.51 0.90
N ALA F 24 25.58 53.72 0.33
CA ALA F 24 25.96 52.58 -0.49
C ALA F 24 26.14 53.03 -1.94
N SER F 25 26.63 52.11 -2.78
CA SER F 25 26.84 52.41 -4.18
C SER F 25 26.88 51.12 -4.98
N GLY F 26 26.45 51.21 -6.23
CA GLY F 26 26.54 50.09 -7.16
C GLY F 26 25.39 49.10 -7.04
N TYR F 27 25.43 48.27 -6.00
CA TYR F 27 24.44 47.22 -5.88
C TYR F 27 23.08 47.80 -5.48
N SER F 28 22.03 47.05 -5.80
CA SER F 28 20.68 47.45 -5.43
C SER F 28 20.57 47.56 -3.92
N PHE F 29 20.26 48.77 -3.44
CA PHE F 29 20.29 49.02 -2.00
C PHE F 29 19.24 48.18 -1.28
N THR F 30 18.03 48.10 -1.81
CA THR F 30 16.94 47.46 -1.09
C THR F 30 17.11 45.95 -0.97
N ASP F 31 17.93 45.34 -1.82
CA ASP F 31 17.97 43.88 -1.88
C ASP F 31 18.53 43.28 -0.60
N TYR F 32 19.69 43.76 -0.15
CA TYR F 32 20.39 43.18 0.98
C TYR F 32 20.31 44.11 2.18
N ASN F 33 19.90 43.56 3.32
CA ASN F 33 19.77 44.37 4.51
C ASN F 33 21.12 44.87 4.99
N MET F 34 21.12 46.04 5.62
CA MET F 34 22.32 46.65 6.15
C MET F 34 22.48 46.30 7.63
N TYR F 35 23.74 46.21 8.07
CA TYR F 35 24.08 45.92 9.45
C TYR F 35 25.00 47.00 9.97
N TRP F 36 24.71 47.50 11.17
CA TRP F 36 25.52 48.50 11.84
C TRP F 36 26.26 47.86 13.00
N VAL F 37 27.57 48.01 13.03
CA VAL F 37 28.43 47.36 14.00
C VAL F 37 29.35 48.38 14.64
N LYS F 38 29.53 48.26 15.95
CA LYS F 38 30.34 49.17 16.75
C LYS F 38 31.59 48.43 17.21
N GLN F 39 32.73 49.12 17.18
CA GLN F 39 34.00 48.54 17.56
C GLN F 39 34.79 49.55 18.38
N SER F 40 34.90 49.29 19.69
CA SER F 40 35.75 50.09 20.54
C SER F 40 37.22 49.79 20.27
N HIS F 41 38.09 50.68 20.72
CA HIS F 41 39.51 50.56 20.42
C HIS F 41 40.07 49.25 20.95
N GLY F 42 40.57 48.41 20.04
CA GLY F 42 41.15 47.14 20.42
C GLY F 42 40.17 46.16 21.02
N LYS F 43 38.87 46.38 20.89
CA LYS F 43 37.85 45.51 21.44
C LYS F 43 37.10 44.80 20.32
N SER F 44 36.41 43.73 20.69
CA SER F 44 35.63 42.97 19.72
C SER F 44 34.51 43.85 19.15
N LEU F 45 34.32 43.77 17.84
CA LEU F 45 33.24 44.50 17.21
C LEU F 45 31.89 43.88 17.58
N GLU F 46 30.93 44.75 17.91
CA GLU F 46 29.60 44.34 18.32
C GLU F 46 28.56 44.91 17.38
N TRP F 47 27.55 44.10 17.07
CA TRP F 47 26.49 44.48 16.13
C TRP F 47 25.37 45.21 16.85
N ILE F 48 24.91 46.30 16.24
CA ILE F 48 23.89 47.14 16.83
C ILE F 48 22.51 46.68 16.38
N GLY F 49 22.26 46.72 15.08
CA GLY F 49 20.97 46.35 14.55
C GLY F 49 20.99 46.50 13.04
N TYR F 50 20.09 45.76 12.40
CA TYR F 50 19.99 45.74 10.95
C TYR F 50 18.61 46.18 10.50
N ILE F 51 18.58 46.98 9.44
CA ILE F 51 17.36 47.60 8.94
C ILE F 51 17.17 47.15 7.51
N ASP F 52 16.32 46.15 7.29
CA ASP F 52 15.96 45.72 5.95
C ASP F 52 15.32 46.91 5.24
N PRO F 53 15.99 47.54 4.26
CA PRO F 53 15.47 48.80 3.72
C PRO F 53 14.06 48.69 3.14
N TYR F 54 13.73 47.58 2.48
CA TYR F 54 12.49 47.54 1.70
C TYR F 54 11.27 47.81 2.56
N ASN F 55 11.14 47.09 3.67
CA ASN F 55 10.02 47.27 4.58
C ASN F 55 10.40 48.04 5.83
N ALA F 56 11.63 48.52 5.93
CA ALA F 56 12.11 49.33 7.05
C ALA F 56 12.07 48.60 8.38
N ASP F 57 11.84 47.29 8.38
CA ASP F 57 11.85 46.53 9.61
C ASP F 57 13.24 46.56 10.23
N THR F 58 13.30 46.44 11.55
CA THR F 58 14.55 46.51 12.28
C THR F 58 14.55 45.50 13.41
N THR F 59 15.75 45.12 13.85
CA THR F 59 15.92 44.24 15.00
C THR F 59 17.19 44.67 15.70
N TYR F 60 17.05 45.37 16.82
CA TYR F 60 18.17 45.95 17.52
C TYR F 60 18.75 44.97 18.54
N ASN F 61 20.04 45.11 18.79
CA ASN F 61 20.68 44.30 19.82
C ASN F 61 20.06 44.61 21.17
N ARG F 62 20.01 43.58 22.02
CA ARG F 62 19.37 43.74 23.32
C ARG F 62 20.04 44.84 24.13
N GLU F 63 21.37 44.90 24.08
CA GLU F 63 22.10 45.91 24.83
C GLU F 63 21.94 47.31 24.23
N PHE F 64 21.42 47.41 23.00
CA PHE F 64 21.22 48.70 22.35
C PHE F 64 19.75 48.93 22.00
N LYS F 65 18.85 48.20 22.64
CA LYS F 65 17.42 48.35 22.36
C LYS F 65 16.97 49.71 22.88
N GLY F 66 16.75 50.65 21.97
CA GLY F 66 16.39 52.01 22.29
C GLY F 66 17.55 52.97 22.31
N LYS F 67 18.79 52.46 22.41
CA LYS F 67 19.94 53.34 22.36
C LYS F 67 20.17 53.87 20.95
N ALA F 68 19.87 53.06 19.94
CA ALA F 68 20.06 53.43 18.55
C ALA F 68 18.77 53.22 17.78
N THR F 69 18.44 54.18 16.90
CA THR F 69 17.28 54.08 16.04
C THR F 69 17.74 54.16 14.59
N LEU F 70 17.43 53.13 13.81
CA LEU F 70 17.91 52.99 12.45
C LEU F 70 16.81 53.36 11.47
N THR F 71 17.13 54.23 10.51
CA THR F 71 16.22 54.64 9.46
C THR F 71 16.96 54.53 8.13
N VAL F 72 16.23 54.81 7.03
CA VAL F 72 16.78 54.65 5.69
C VAL F 72 16.00 55.54 4.76
N ASP F 73 16.68 56.04 3.73
CA ASP F 73 16.07 56.85 2.68
C ASP F 73 16.09 56.05 1.38
N LYS F 74 14.91 55.85 0.79
CA LYS F 74 14.83 55.10 -0.46
C LYS F 74 15.32 55.93 -1.64
N SER F 75 14.96 57.22 -1.68
CA SER F 75 15.39 58.08 -2.78
C SER F 75 16.90 58.14 -2.87
N SER F 76 17.54 58.66 -1.83
CA SER F 76 19.00 58.63 -1.71
C SER F 76 19.37 57.36 -0.97
N SER F 77 20.08 56.45 -1.66
CA SER F 77 20.34 55.12 -1.12
C SER F 77 21.36 55.26 0.00
N THR F 78 20.86 55.66 1.16
CA THR F 78 21.69 55.91 2.33
C THR F 78 20.98 55.36 3.56
N ALA F 79 21.75 54.73 4.45
CA ALA F 79 21.24 54.22 5.70
C ALA F 79 21.70 55.13 6.83
N PHE F 80 20.77 55.52 7.69
CA PHE F 80 21.02 56.46 8.77
C PHE F 80 20.97 55.76 10.11
N MET F 81 21.97 55.99 10.94
CA MET F 81 22.00 55.53 12.32
C MET F 81 21.98 56.75 13.23
N HIS F 82 21.12 56.71 14.25
CA HIS F 82 20.96 57.82 15.18
C HIS F 82 21.12 57.30 16.60
N LEU F 83 22.08 57.87 17.32
CA LEU F 83 22.34 57.52 18.72
C LEU F 83 21.78 58.60 19.63
N ASN F 84 21.21 58.17 20.76
CA ASN F 84 20.59 59.07 21.72
C ASN F 84 21.24 58.88 23.08
N SER F 85 21.39 59.99 23.81
CA SER F 85 21.96 59.99 25.16
C SER F 85 23.37 59.42 25.14
N LEU F 86 24.26 60.10 24.42
CA LEU F 86 25.64 59.65 24.32
C LEU F 86 26.34 59.73 25.67
N THR F 87 27.30 58.83 25.87
CA THR F 87 28.11 58.81 27.09
C THR F 87 29.56 58.60 26.69
N SER F 88 30.44 58.66 27.70
CA SER F 88 31.86 58.46 27.43
C SER F 88 32.14 57.04 26.96
N GLU F 89 31.48 56.05 27.56
CA GLU F 89 31.78 54.65 27.26
C GLU F 89 31.46 54.30 25.82
N ASP F 90 30.44 54.93 25.23
CA ASP F 90 30.02 54.57 23.89
C ASP F 90 30.98 55.05 22.81
N SER F 91 31.97 55.87 23.15
CA SER F 91 32.89 56.39 22.15
C SER F 91 33.64 55.26 21.47
N ALA F 92 33.54 55.20 20.15
CA ALA F 92 34.16 54.15 19.34
C ALA F 92 34.01 54.53 17.88
N VAL F 93 34.44 53.64 16.99
CA VAL F 93 34.24 53.79 15.55
C VAL F 93 33.10 52.88 15.13
N TYR F 94 32.17 53.42 14.36
CA TYR F 94 30.97 52.72 13.94
C TYR F 94 31.05 52.36 12.47
N TYR F 95 30.80 51.09 12.16
CA TYR F 95 30.88 50.56 10.81
C TYR F 95 29.51 50.08 10.35
N CYS F 96 29.21 50.32 9.08
CA CYS F 96 27.99 49.80 8.45
C CYS F 96 28.39 48.78 7.40
N ALA F 97 27.81 47.59 7.49
CA ALA F 97 28.17 46.46 6.65
C ALA F 97 26.96 46.04 5.80
N ARG F 98 27.18 45.05 4.94
CA ARG F 98 26.14 44.45 4.14
C ARG F 98 26.20 42.94 4.32
N LYS F 99 25.06 42.32 4.59
CA LYS F 99 24.98 40.87 4.71
C LYS F 99 24.57 40.31 3.36
N ARG F 100 25.57 39.98 2.53
CA ARG F 100 25.29 39.51 1.18
C ARG F 100 24.49 38.21 1.21
N ASN F 101 24.88 37.27 2.06
CA ASN F 101 24.19 36.00 2.21
C ASN F 101 24.11 35.70 3.70
N ASN F 102 23.68 34.49 4.04
CA ASN F 102 23.65 34.11 5.44
C ASN F 102 25.03 33.89 6.03
N PHE F 103 26.07 33.87 5.20
CA PHE F 103 27.39 33.46 5.66
C PHE F 103 28.26 34.64 6.07
N TYR F 104 28.45 35.63 5.20
CA TYR F 104 29.50 36.61 5.37
C TYR F 104 28.97 38.03 5.17
N PHE F 105 29.69 38.98 5.76
CA PHE F 105 29.44 40.41 5.55
C PHE F 105 30.38 40.88 4.45
N ASP F 106 29.83 41.03 3.24
CA ASP F 106 30.65 41.31 2.07
C ASP F 106 31.40 42.64 2.19
N TYR F 107 30.67 43.75 2.22
CA TYR F 107 31.26 45.08 2.19
C TYR F 107 31.10 45.76 3.54
N TRP F 108 32.11 46.56 3.90
CA TRP F 108 32.14 47.28 5.17
C TRP F 108 32.44 48.75 4.89
N GLY F 109 31.93 49.61 5.77
CA GLY F 109 32.09 51.04 5.59
C GLY F 109 33.50 51.50 5.88
N GLN F 110 33.75 52.76 5.52
CA GLN F 110 35.07 53.34 5.76
C GLN F 110 35.38 53.42 7.25
N GLY F 111 34.40 53.80 8.05
CA GLY F 111 34.59 53.93 9.51
C GLY F 111 34.26 55.34 9.96
N THR F 112 33.49 55.44 11.03
CA THR F 112 33.05 56.72 11.58
C THR F 112 33.46 56.82 13.05
N PRO F 113 34.58 57.46 13.36
CA PRO F 113 34.95 57.61 14.78
C PRO F 113 33.93 58.43 15.55
N LEU F 114 33.72 58.06 16.82
CA LEU F 114 32.83 58.78 17.72
C LEU F 114 33.60 59.12 18.99
N THR F 115 33.52 60.38 19.41
CA THR F 115 34.22 60.86 20.59
C THR F 115 33.23 61.55 21.52
N VAL F 116 33.28 61.18 22.80
CA VAL F 116 32.40 61.76 23.82
C VAL F 116 33.29 62.20 24.98
N SER F 117 33.62 63.49 25.01
CA SER F 117 34.49 64.03 26.05
C SER F 117 33.70 64.35 27.31
N GLU G 1 -21.03 -14.90 -55.86
CA GLU G 1 -20.64 -15.34 -54.49
C GLU G 1 -19.20 -15.81 -54.46
N ILE G 2 -18.80 -16.39 -53.32
CA ILE G 2 -17.43 -16.88 -53.17
C ILE G 2 -17.26 -18.14 -54.00
N GLN G 3 -16.19 -18.19 -54.80
CA GLN G 3 -15.87 -19.35 -55.61
C GLN G 3 -14.40 -19.70 -55.40
N LEU G 4 -14.14 -20.96 -55.10
CA LEU G 4 -12.78 -21.47 -54.89
C LEU G 4 -12.48 -22.45 -56.03
N GLN G 5 -11.84 -21.94 -57.07
CA GLN G 5 -11.53 -22.73 -58.27
C GLN G 5 -10.11 -23.28 -58.16
N GLN G 6 -9.98 -24.59 -58.31
CA GLN G 6 -8.70 -25.28 -58.23
C GLN G 6 -8.30 -25.82 -59.60
N SER G 7 -7.03 -26.21 -59.70
CA SER G 7 -6.52 -26.75 -60.95
C SER G 7 -7.17 -28.11 -61.24
N GLY G 8 -7.22 -28.45 -62.52
CA GLY G 8 -7.87 -29.66 -62.96
C GLY G 8 -7.08 -30.90 -62.60
N PRO G 9 -7.66 -32.07 -62.86
CA PRO G 9 -6.97 -33.32 -62.50
C PRO G 9 -5.69 -33.48 -63.28
N GLU G 10 -4.71 -34.13 -62.64
CA GLU G 10 -3.40 -34.35 -63.23
C GLU G 10 -2.92 -35.76 -62.91
N LEU G 11 -2.12 -36.31 -63.81
CA LEU G 11 -1.47 -37.60 -63.63
C LEU G 11 0.03 -37.42 -63.87
N VAL G 12 0.84 -38.04 -63.02
CA VAL G 12 2.29 -37.85 -63.07
C VAL G 12 2.97 -39.12 -62.57
N LYS G 13 4.19 -39.35 -63.04
CA LYS G 13 4.99 -40.46 -62.57
C LYS G 13 5.52 -40.16 -61.17
N PRO G 14 5.89 -41.17 -60.40
CA PRO G 14 6.45 -40.92 -59.07
C PRO G 14 7.73 -40.10 -59.14
N GLY G 15 7.91 -39.23 -58.15
CA GLY G 15 9.13 -38.48 -57.97
C GLY G 15 9.16 -37.12 -58.63
N THR G 16 8.26 -36.84 -59.55
CA THR G 16 8.23 -35.57 -60.26
C THR G 16 7.29 -34.59 -59.56
N SER G 17 7.76 -33.37 -59.35
CA SER G 17 6.98 -32.39 -58.60
C SER G 17 5.77 -31.93 -59.40
N VAL G 18 4.78 -31.41 -58.68
CA VAL G 18 3.55 -30.91 -59.28
C VAL G 18 3.15 -29.60 -58.60
N LYS G 19 2.29 -28.85 -59.29
CA LYS G 19 1.78 -27.58 -58.79
C LYS G 19 0.27 -27.57 -58.95
N VAL G 20 -0.44 -27.24 -57.87
CA VAL G 20 -1.89 -27.14 -57.87
C VAL G 20 -2.28 -25.80 -57.26
N SER G 21 -3.18 -25.09 -57.92
CA SER G 21 -3.57 -23.74 -57.53
C SER G 21 -4.95 -23.75 -56.88
N CYS G 22 -5.31 -22.59 -56.34
CA CYS G 22 -6.60 -22.41 -55.66
C CYS G 22 -6.96 -20.94 -55.77
N LYS G 23 -7.91 -20.63 -56.63
CA LYS G 23 -8.29 -19.25 -56.94
C LYS G 23 -9.53 -18.87 -56.16
N ALA G 24 -9.44 -17.76 -55.42
CA ALA G 24 -10.56 -17.17 -54.70
C ALA G 24 -10.83 -15.78 -55.25
N SER G 25 -12.10 -15.47 -55.51
CA SER G 25 -12.46 -14.23 -56.17
C SER G 25 -13.50 -13.44 -55.38
N GLY G 26 -14.37 -14.15 -54.65
CA GLY G 26 -15.48 -13.46 -54.00
C GLY G 26 -15.03 -12.45 -52.95
N TYR G 27 -14.05 -12.82 -52.14
CA TYR G 27 -13.60 -12.02 -51.02
C TYR G 27 -12.16 -11.56 -51.24
N SER G 28 -11.79 -10.49 -50.54
CA SER G 28 -10.42 -10.01 -50.59
C SER G 28 -9.48 -11.10 -50.10
N PHE G 29 -8.49 -11.45 -50.93
CA PHE G 29 -7.72 -12.66 -50.68
C PHE G 29 -6.95 -12.59 -49.38
N THR G 30 -6.33 -11.45 -49.08
CA THR G 30 -5.40 -11.37 -47.97
C THR G 30 -6.05 -11.52 -46.60
N ASP G 31 -7.39 -11.45 -46.52
CA ASP G 31 -8.04 -11.35 -45.22
C ASP G 31 -7.88 -12.64 -44.42
N TYR G 32 -8.17 -13.79 -45.03
CA TYR G 32 -8.34 -15.04 -44.31
C TYR G 32 -7.29 -16.06 -44.71
N ASN G 33 -6.84 -16.85 -43.73
CA ASN G 33 -5.87 -17.89 -44.01
C ASN G 33 -6.45 -18.92 -44.97
N MET G 34 -5.62 -19.38 -45.89
CA MET G 34 -6.01 -20.40 -46.86
C MET G 34 -5.45 -21.74 -46.41
N TYR G 35 -6.33 -22.69 -46.12
CA TYR G 35 -5.94 -24.02 -45.67
C TYR G 35 -5.94 -24.99 -46.85
N TRP G 36 -5.04 -25.97 -46.78
CA TRP G 36 -4.95 -27.03 -47.76
C TRP G 36 -5.12 -28.37 -47.06
N VAL G 37 -5.97 -29.23 -47.60
CA VAL G 37 -6.33 -30.49 -46.98
C VAL G 37 -6.21 -31.60 -48.01
N LYS G 38 -5.96 -32.82 -47.53
CA LYS G 38 -5.86 -34.01 -48.37
C LYS G 38 -6.84 -35.05 -47.87
N GLN G 39 -7.37 -35.83 -48.81
CA GLN G 39 -8.32 -36.90 -48.48
C GLN G 39 -8.08 -38.04 -49.47
N SER G 40 -7.41 -39.09 -49.01
CA SER G 40 -7.25 -40.27 -49.83
C SER G 40 -8.60 -40.97 -50.00
N HIS G 41 -8.69 -41.79 -51.04
CA HIS G 41 -9.97 -42.39 -51.42
C HIS G 41 -10.56 -43.17 -50.25
N GLY G 42 -11.81 -42.84 -49.91
CA GLY G 42 -12.51 -43.54 -48.86
C GLY G 42 -11.99 -43.26 -47.47
N LYS G 43 -11.17 -42.24 -47.28
CA LYS G 43 -10.57 -41.92 -45.99
C LYS G 43 -10.98 -40.53 -45.54
N SER G 44 -10.48 -40.13 -44.38
CA SER G 44 -10.86 -38.87 -43.77
C SER G 44 -10.04 -37.72 -44.35
N LEU G 45 -10.47 -36.51 -44.03
CA LEU G 45 -9.72 -35.32 -44.40
C LEU G 45 -8.44 -35.24 -43.58
N GLU G 46 -7.36 -34.81 -44.23
CA GLU G 46 -6.05 -34.69 -43.59
C GLU G 46 -5.52 -33.29 -43.85
N TRP G 47 -5.18 -32.57 -42.79
CA TRP G 47 -4.70 -31.21 -42.91
C TRP G 47 -3.24 -31.20 -43.36
N ILE G 48 -2.94 -30.39 -44.37
CA ILE G 48 -1.59 -30.28 -44.91
C ILE G 48 -0.91 -29.07 -44.29
N GLY G 49 -1.49 -27.90 -44.47
CA GLY G 49 -0.92 -26.68 -43.94
C GLY G 49 -1.70 -25.49 -44.44
N TYR G 50 -1.49 -24.36 -43.78
CA TYR G 50 -2.18 -23.13 -44.10
C TYR G 50 -1.17 -22.02 -44.35
N ILE G 51 -1.54 -21.12 -45.26
CA ILE G 51 -0.70 -19.98 -45.64
C ILE G 51 -1.48 -18.71 -45.31
N ASP G 52 -0.85 -17.81 -44.58
CA ASP G 52 -1.42 -16.49 -44.34
C ASP G 52 -1.04 -15.59 -45.51
N PRO G 53 -1.96 -15.32 -46.45
CA PRO G 53 -1.54 -14.66 -47.69
C PRO G 53 -0.88 -13.31 -47.49
N TYR G 54 -1.29 -12.54 -46.48
CA TYR G 54 -0.82 -11.17 -46.35
C TYR G 54 0.70 -11.12 -46.15
N ASN G 55 1.21 -11.87 -45.17
CA ASN G 55 2.63 -11.91 -44.88
C ASN G 55 3.27 -13.24 -45.26
N ALA G 56 2.54 -14.11 -45.95
CA ALA G 56 3.07 -15.38 -46.45
C ALA G 56 3.57 -16.29 -45.33
N ASP G 57 3.20 -16.03 -44.09
CA ASP G 57 3.59 -16.92 -43.00
C ASP G 57 2.92 -18.27 -43.20
N THR G 58 3.72 -19.33 -43.13
CA THR G 58 3.28 -20.66 -43.53
C THR G 58 3.53 -21.65 -42.41
N THR G 59 2.63 -22.63 -42.29
CA THR G 59 2.76 -23.71 -41.33
C THR G 59 2.28 -24.99 -41.98
N TYR G 60 3.01 -26.08 -41.72
CA TYR G 60 2.73 -27.37 -42.34
C TYR G 60 2.56 -28.43 -41.25
N ASN G 61 1.78 -29.45 -41.58
CA ASN G 61 1.65 -30.59 -40.69
C ASN G 61 2.98 -31.34 -40.61
N ARG G 62 3.22 -31.98 -39.47
CA ARG G 62 4.51 -32.63 -39.25
C ARG G 62 4.77 -33.70 -40.31
N GLU G 63 3.75 -34.51 -40.63
CA GLU G 63 3.93 -35.55 -41.64
C GLU G 63 4.29 -34.94 -42.99
N PHE G 64 3.70 -33.79 -43.32
CA PHE G 64 3.98 -33.10 -44.56
C PHE G 64 5.10 -32.08 -44.44
N LYS G 65 5.86 -32.10 -43.33
CA LYS G 65 6.94 -31.15 -43.16
C LYS G 65 7.99 -31.39 -44.24
N GLY G 66 8.06 -30.49 -45.21
CA GLY G 66 8.94 -30.64 -46.35
C GLY G 66 8.37 -31.43 -47.50
N LYS G 67 7.17 -32.01 -47.34
CA LYS G 67 6.53 -32.76 -48.40
C LYS G 67 5.76 -31.86 -49.37
N ALA G 68 5.17 -30.78 -48.86
CA ALA G 68 4.41 -29.84 -49.67
C ALA G 68 4.87 -28.43 -49.35
N THR G 69 5.06 -27.62 -50.38
CA THR G 69 5.48 -26.24 -50.24
C THR G 69 4.33 -25.34 -50.65
N LEU G 70 3.80 -24.59 -49.68
CA LEU G 70 2.69 -23.68 -49.91
C LEU G 70 3.22 -22.31 -50.25
N THR G 71 2.83 -21.79 -51.42
CA THR G 71 3.19 -20.44 -51.83
C THR G 71 1.94 -19.75 -52.37
N VAL G 72 1.94 -18.44 -52.27
CA VAL G 72 0.76 -17.63 -52.59
C VAL G 72 1.18 -16.52 -53.54
N ASP G 73 0.21 -16.05 -54.33
CA ASP G 73 0.39 -14.95 -55.27
C ASP G 73 -0.73 -13.94 -55.00
N LYS G 74 -0.47 -12.98 -54.13
CA LYS G 74 -1.49 -11.99 -53.78
C LYS G 74 -1.96 -11.23 -55.01
N SER G 75 -1.06 -10.97 -55.95
CA SER G 75 -1.44 -10.26 -57.17
C SER G 75 -2.48 -11.06 -57.95
N SER G 76 -2.29 -12.37 -58.06
CA SER G 76 -3.24 -13.24 -58.74
C SER G 76 -4.38 -13.70 -57.85
N SER G 77 -4.29 -13.46 -56.54
CA SER G 77 -5.31 -13.93 -55.60
C SER G 77 -5.48 -15.44 -55.70
N THR G 78 -4.36 -16.15 -55.78
CA THR G 78 -4.35 -17.61 -55.88
C THR G 78 -3.35 -18.19 -54.88
N ALA G 79 -3.68 -19.36 -54.36
CA ALA G 79 -2.81 -20.10 -53.46
C ALA G 79 -2.34 -21.37 -54.14
N PHE G 80 -1.03 -21.58 -54.16
CA PHE G 80 -0.43 -22.72 -54.81
C PHE G 80 0.14 -23.69 -53.78
N MET G 81 0.04 -24.98 -54.07
CA MET G 81 0.68 -26.02 -53.29
C MET G 81 1.61 -26.80 -54.22
N HIS G 82 2.89 -26.83 -53.87
CA HIS G 82 3.91 -27.50 -54.65
C HIS G 82 4.33 -28.77 -53.92
N LEU G 83 4.05 -29.93 -54.54
CA LEU G 83 4.44 -31.22 -53.99
C LEU G 83 5.65 -31.74 -54.73
N ASN G 84 6.52 -32.43 -53.99
CA ASN G 84 7.77 -32.96 -54.53
C ASN G 84 7.98 -34.37 -54.02
N SER G 85 8.77 -35.14 -54.76
CA SER G 85 9.10 -36.52 -54.40
C SER G 85 7.82 -37.33 -54.21
N LEU G 86 7.04 -37.42 -55.29
CA LEU G 86 5.74 -38.06 -55.23
C LEU G 86 5.88 -39.57 -55.11
N THR G 87 5.00 -40.17 -54.29
CA THR G 87 4.99 -41.60 -54.09
C THR G 87 3.57 -42.14 -54.26
N SER G 88 3.39 -43.44 -54.01
CA SER G 88 2.07 -44.06 -54.18
C SER G 88 1.06 -43.46 -53.21
N GLU G 89 1.47 -43.22 -51.96
CA GLU G 89 0.54 -42.72 -50.96
C GLU G 89 -0.02 -41.35 -51.34
N ASP G 90 0.74 -40.56 -52.10
CA ASP G 90 0.32 -39.21 -52.43
C ASP G 90 -0.90 -39.18 -53.33
N SER G 91 -1.30 -40.29 -53.93
CA SER G 91 -2.50 -40.34 -54.76
C SER G 91 -3.72 -40.09 -53.88
N ALA G 92 -4.37 -38.95 -54.08
CA ALA G 92 -5.53 -38.57 -53.28
C ALA G 92 -6.19 -37.37 -53.95
N VAL G 93 -7.18 -36.79 -53.28
CA VAL G 93 -7.88 -35.60 -53.73
C VAL G 93 -7.62 -34.49 -52.72
N TYR G 94 -7.16 -33.34 -53.20
CA TYR G 94 -6.78 -32.22 -52.34
C TYR G 94 -7.77 -31.07 -52.52
N TYR G 95 -8.32 -30.59 -51.40
CA TYR G 95 -9.16 -29.41 -51.38
C TYR G 95 -8.40 -28.27 -50.71
N CYS G 96 -8.82 -27.05 -51.02
CA CYS G 96 -8.32 -25.85 -50.34
C CYS G 96 -9.50 -25.19 -49.63
N ALA G 97 -9.38 -25.02 -48.32
CA ALA G 97 -10.44 -24.49 -47.51
C ALA G 97 -10.28 -22.98 -47.33
N ARG G 98 -11.07 -22.40 -46.42
CA ARG G 98 -10.99 -20.97 -46.16
C ARG G 98 -11.53 -20.75 -44.75
N LYS G 99 -10.63 -20.45 -43.81
CA LYS G 99 -10.99 -20.38 -42.40
C LYS G 99 -11.58 -19.01 -42.09
N ARG G 100 -12.90 -18.95 -41.92
CA ARG G 100 -13.54 -17.68 -41.59
C ARG G 100 -13.16 -17.21 -40.19
N ASN G 101 -13.14 -18.12 -39.22
CA ASN G 101 -12.80 -17.79 -37.86
C ASN G 101 -12.32 -19.06 -37.18
N ASN G 102 -12.23 -19.04 -35.84
CA ASN G 102 -11.71 -20.19 -35.12
C ASN G 102 -12.62 -21.41 -35.20
N PHE G 103 -13.84 -21.27 -35.69
CA PHE G 103 -14.82 -22.36 -35.62
C PHE G 103 -14.82 -23.23 -36.88
N TYR G 104 -15.09 -22.64 -38.03
CA TYR G 104 -15.47 -23.40 -39.21
C TYR G 104 -14.69 -22.96 -40.44
N PHE G 105 -14.53 -23.91 -41.38
CA PHE G 105 -13.97 -23.64 -42.69
C PHE G 105 -15.12 -23.26 -43.61
N ASP G 106 -15.22 -21.97 -43.94
CA ASP G 106 -16.42 -21.46 -44.59
C ASP G 106 -16.63 -22.09 -45.96
N TYR G 107 -15.61 -22.03 -46.82
CA TYR G 107 -15.73 -22.45 -48.21
C TYR G 107 -14.65 -23.47 -48.54
N TRP G 108 -14.97 -24.35 -49.48
CA TRP G 108 -14.08 -25.44 -49.88
C TRP G 108 -13.93 -25.45 -51.40
N GLY G 109 -12.75 -25.82 -51.85
CA GLY G 109 -12.48 -25.91 -53.26
C GLY G 109 -13.19 -27.08 -53.89
N GLN G 110 -13.18 -27.09 -55.23
CA GLN G 110 -13.83 -28.15 -55.97
C GLN G 110 -13.16 -29.51 -55.76
N GLY G 111 -11.90 -29.53 -55.30
CA GLY G 111 -11.19 -30.78 -55.12
C GLY G 111 -10.45 -31.19 -56.37
N THR G 112 -9.13 -31.38 -56.25
CA THR G 112 -8.28 -31.68 -57.39
C THR G 112 -7.90 -33.15 -57.39
N PRO G 113 -8.32 -33.96 -58.36
CA PRO G 113 -7.84 -35.35 -58.42
C PRO G 113 -6.37 -35.41 -58.77
N LEU G 114 -5.59 -36.09 -57.94
CA LEU G 114 -4.18 -36.32 -58.17
C LEU G 114 -3.91 -37.82 -58.12
N THR G 115 -3.39 -38.37 -59.22
CA THR G 115 -3.09 -39.78 -59.34
C THR G 115 -1.63 -39.95 -59.76
N VAL G 116 -0.96 -40.90 -59.13
CA VAL G 116 0.46 -41.16 -59.38
C VAL G 116 0.60 -42.60 -59.84
N SER G 117 1.31 -42.79 -60.96
CA SER G 117 1.52 -44.12 -61.52
C SER G 117 2.59 -44.07 -62.61
N TYR H 1 -1.31 -34.47 -31.92
CA TYR H 1 -2.54 -33.69 -32.25
C TYR H 1 -3.76 -34.25 -31.54
N ILE H 2 -4.90 -33.61 -31.73
CA ILE H 2 -6.16 -34.06 -31.14
C ILE H 2 -6.83 -35.00 -32.14
N VAL H 3 -7.18 -36.19 -31.68
CA VAL H 3 -7.74 -37.24 -32.53
C VAL H 3 -9.25 -37.28 -32.34
N MET H 4 -9.99 -37.16 -33.44
CA MET H 4 -11.44 -37.26 -33.43
C MET H 4 -11.85 -38.70 -33.63
N THR H 5 -12.95 -39.10 -32.98
CA THR H 5 -13.42 -40.48 -33.00
C THR H 5 -14.91 -40.49 -33.30
N GLN H 6 -15.26 -40.70 -34.57
CA GLN H 6 -16.65 -40.86 -34.99
C GLN H 6 -17.11 -42.24 -34.56
N SER H 7 -17.74 -42.32 -33.39
CA SER H 7 -18.11 -43.62 -32.82
C SER H 7 -19.03 -44.42 -33.72
N PRO H 8 -20.12 -43.87 -34.26
CA PRO H 8 -20.92 -44.65 -35.21
C PRO H 8 -20.24 -44.76 -36.56
N LYS H 9 -19.84 -45.97 -36.94
CA LYS H 9 -19.04 -46.16 -38.14
C LYS H 9 -19.90 -45.94 -39.39
N SER H 10 -21.08 -46.55 -39.44
CA SER H 10 -21.96 -46.41 -40.61
C SER H 10 -23.39 -46.69 -40.14
N MET H 11 -24.17 -45.64 -39.97
CA MET H 11 -25.57 -45.76 -39.59
C MET H 11 -26.44 -45.83 -40.83
N SER H 12 -27.42 -46.74 -40.80
CA SER H 12 -28.40 -46.89 -41.87
C SER H 12 -29.79 -46.79 -41.26
N MET H 13 -30.61 -45.89 -41.82
CA MET H 13 -31.94 -45.64 -41.28
C MET H 13 -32.85 -45.14 -42.39
N SER H 14 -34.12 -45.54 -42.32
CA SER H 14 -35.09 -45.12 -43.31
C SER H 14 -35.44 -43.65 -43.12
N LEU H 15 -36.10 -43.08 -44.13
CA LEU H 15 -36.45 -41.67 -44.09
C LEU H 15 -37.42 -41.40 -42.94
N GLY H 16 -37.41 -40.15 -42.48
CA GLY H 16 -38.33 -39.72 -41.44
C GLY H 16 -38.11 -40.42 -40.12
N GLU H 17 -36.87 -40.50 -39.67
CA GLU H 17 -36.57 -41.09 -38.37
C GLU H 17 -35.35 -40.41 -37.79
N ARG H 18 -35.21 -40.53 -36.47
CA ARG H 18 -34.16 -39.84 -35.74
C ARG H 18 -32.86 -40.65 -35.75
N VAL H 19 -31.76 -40.00 -36.09
CA VAL H 19 -30.43 -40.60 -36.06
C VAL H 19 -29.46 -39.58 -35.50
N THR H 20 -28.56 -40.05 -34.61
CA THR H 20 -27.58 -39.20 -33.96
C THR H 20 -26.18 -39.73 -34.25
N LEU H 21 -25.29 -38.84 -34.67
CA LEU H 21 -23.91 -39.18 -35.01
C LEU H 21 -23.00 -38.61 -33.92
N SER H 22 -22.35 -39.49 -33.17
CA SER H 22 -21.48 -39.06 -32.09
C SER H 22 -20.12 -38.65 -32.64
N CYS H 23 -19.38 -37.90 -31.82
CA CYS H 23 -18.05 -37.41 -32.21
C CYS H 23 -17.27 -37.13 -30.93
N ARG H 24 -16.24 -37.91 -30.68
CA ARG H 24 -15.43 -37.81 -29.47
C ARG H 24 -14.06 -37.23 -29.81
N ALA H 25 -13.64 -36.25 -29.02
CA ALA H 25 -12.32 -35.64 -29.15
C ALA H 25 -11.42 -36.18 -28.04
N SER H 26 -10.20 -36.56 -28.41
CA SER H 26 -9.29 -37.17 -27.45
C SER H 26 -8.98 -36.21 -26.30
N GLU H 27 -8.71 -34.95 -26.62
CA GLU H 27 -8.38 -33.93 -25.64
C GLU H 27 -9.44 -32.84 -25.66
N TYR H 28 -9.34 -31.93 -24.68
CA TYR H 28 -10.26 -30.82 -24.60
C TYR H 28 -10.25 -30.03 -25.91
N VAL H 29 -11.44 -29.73 -26.42
CA VAL H 29 -11.58 -28.97 -27.65
C VAL H 29 -12.54 -27.81 -27.45
N GLY H 30 -12.94 -27.56 -26.21
CA GLY H 30 -13.85 -26.47 -25.94
C GLY H 30 -15.14 -26.65 -26.73
N SER H 31 -15.52 -25.60 -27.44
CA SER H 31 -16.72 -25.61 -28.28
C SER H 31 -16.39 -25.43 -29.75
N TYR H 32 -15.15 -25.67 -30.14
CA TYR H 32 -14.72 -25.50 -31.54
C TYR H 32 -14.79 -26.87 -32.22
N VAL H 33 -16.01 -27.28 -32.55
CA VAL H 33 -16.22 -28.57 -33.22
C VAL H 33 -17.25 -28.40 -34.31
N SER H 34 -16.80 -28.25 -35.55
CA SER H 34 -17.69 -28.09 -36.68
C SER H 34 -18.13 -29.45 -37.21
N TRP H 35 -19.19 -29.43 -38.03
CA TRP H 35 -19.69 -30.61 -38.72
C TRP H 35 -19.80 -30.30 -40.20
N TYR H 36 -19.41 -31.26 -41.04
CA TYR H 36 -19.43 -31.08 -42.48
C TYR H 36 -20.11 -32.27 -43.14
N GLN H 37 -20.76 -32.00 -44.27
CA GLN H 37 -21.44 -33.01 -45.07
C GLN H 37 -20.79 -33.04 -46.44
N GLN H 38 -20.38 -34.23 -46.87
CA GLN H 38 -19.69 -34.41 -48.14
C GLN H 38 -20.50 -35.38 -48.99
N LYS H 39 -21.21 -34.85 -49.98
CA LYS H 39 -21.88 -35.70 -50.94
C LYS H 39 -20.85 -36.37 -51.85
N PRO H 40 -21.19 -37.50 -52.45
CA PRO H 40 -20.23 -38.18 -53.32
C PRO H 40 -19.76 -37.26 -54.45
N GLU H 41 -18.45 -37.28 -54.69
CA GLU H 41 -17.84 -36.50 -55.76
C GLU H 41 -18.18 -35.02 -55.64
N GLN H 42 -18.21 -34.52 -54.40
CA GLN H 42 -18.49 -33.11 -54.13
C GLN H 42 -17.65 -32.65 -52.95
N SER H 43 -17.37 -31.35 -52.90
CA SER H 43 -16.61 -30.80 -51.81
C SER H 43 -17.46 -30.75 -50.55
N PRO H 44 -16.84 -30.80 -49.36
CA PRO H 44 -17.63 -30.70 -48.14
C PRO H 44 -18.34 -29.37 -48.02
N LYS H 45 -19.50 -29.38 -47.38
CA LYS H 45 -20.28 -28.19 -47.10
C LYS H 45 -20.57 -28.14 -45.61
N LEU H 46 -20.33 -26.98 -45.00
CA LEU H 46 -20.51 -26.85 -43.56
C LEU H 46 -21.98 -26.94 -43.19
N LEU H 47 -22.27 -27.56 -42.06
CA LEU H 47 -23.61 -27.64 -41.51
C LEU H 47 -23.73 -26.99 -40.14
N ILE H 48 -22.87 -27.36 -39.21
CA ILE H 48 -22.90 -26.83 -37.84
C ILE H 48 -21.49 -26.40 -37.48
N TYR H 49 -21.37 -25.18 -36.97
CA TYR H 49 -20.13 -24.66 -36.41
C TYR H 49 -20.32 -24.44 -34.91
N GLY H 50 -19.28 -23.94 -34.28
CA GLY H 50 -19.31 -23.87 -32.82
C GLY H 50 -19.55 -25.26 -32.28
N ALA H 51 -20.51 -25.37 -31.35
CA ALA H 51 -20.95 -26.66 -30.84
C ALA H 51 -22.38 -26.99 -31.25
N SER H 52 -23.25 -25.98 -31.34
CA SER H 52 -24.64 -26.18 -31.72
C SER H 52 -25.14 -25.16 -32.73
N ASN H 53 -24.44 -24.06 -32.94
CA ASN H 53 -24.91 -23.04 -33.88
C ASN H 53 -25.05 -23.64 -35.28
N ARG H 54 -26.12 -23.28 -35.96
CA ARG H 54 -26.42 -23.78 -37.29
C ARG H 54 -25.96 -22.76 -38.33
N TYR H 55 -25.19 -23.22 -39.30
CA TYR H 55 -24.75 -22.36 -40.39
C TYR H 55 -25.95 -21.93 -41.23
N THR H 56 -25.84 -20.75 -41.82
CA THR H 56 -26.94 -20.20 -42.60
C THR H 56 -27.23 -21.09 -43.81
N GLY H 57 -28.50 -21.14 -44.19
CA GLY H 57 -28.92 -21.94 -45.32
C GLY H 57 -29.07 -23.42 -45.04
N VAL H 58 -28.99 -23.83 -43.78
CA VAL H 58 -29.09 -25.24 -43.41
C VAL H 58 -30.53 -25.53 -42.98
N PRO H 59 -31.13 -26.65 -43.40
CA PRO H 59 -32.46 -26.99 -42.89
C PRO H 59 -32.46 -27.16 -41.38
N ASP H 60 -33.59 -26.81 -40.76
CA ASP H 60 -33.68 -26.82 -39.31
C ASP H 60 -33.47 -28.21 -38.71
N ARG H 61 -33.74 -29.27 -39.48
CA ARG H 61 -33.66 -30.61 -38.91
C ARG H 61 -32.26 -30.92 -38.38
N PHE H 62 -31.22 -30.36 -38.99
CA PHE H 62 -29.87 -30.52 -38.47
C PHE H 62 -29.73 -29.79 -37.15
N ALA H 63 -29.19 -30.48 -36.15
CA ALA H 63 -29.00 -29.89 -34.84
C ALA H 63 -27.87 -30.61 -34.13
N GLY H 64 -26.96 -29.84 -33.54
CA GLY H 64 -25.81 -30.37 -32.84
C GLY H 64 -25.89 -30.12 -31.34
N SER H 65 -24.86 -30.59 -30.65
CA SER H 65 -24.72 -30.41 -29.22
C SER H 65 -23.38 -30.99 -28.81
N GLY H 66 -22.95 -30.62 -27.59
CA GLY H 66 -21.70 -31.11 -27.06
C GLY H 66 -20.95 -30.07 -26.26
N SER H 67 -20.48 -30.44 -25.08
CA SER H 67 -19.87 -29.48 -24.17
C SER H 67 -18.35 -29.43 -24.32
N ALA H 68 -17.65 -30.49 -23.93
CA ALA H 68 -16.19 -30.48 -23.92
C ALA H 68 -15.60 -31.47 -24.92
N THR H 69 -16.03 -32.71 -24.85
CA THR H 69 -15.49 -33.78 -25.68
C THR H 69 -16.55 -34.55 -26.44
N ASP H 70 -17.72 -34.78 -25.83
CA ASP H 70 -18.79 -35.54 -26.45
C ASP H 70 -19.63 -34.59 -27.30
N PHE H 71 -19.61 -34.80 -28.62
CA PHE H 71 -20.36 -33.98 -29.55
C PHE H 71 -21.24 -34.89 -30.39
N THR H 72 -22.49 -34.47 -30.59
CA THR H 72 -23.48 -35.27 -31.30
C THR H 72 -24.20 -34.40 -32.33
N LEU H 73 -24.44 -34.98 -33.50
CA LEU H 73 -25.20 -34.34 -34.57
C LEU H 73 -26.45 -35.17 -34.81
N THR H 74 -27.61 -34.55 -34.61
CA THR H 74 -28.89 -35.25 -34.64
C THR H 74 -29.71 -34.77 -35.84
N ILE H 75 -30.25 -35.71 -36.60
CA ILE H 75 -31.15 -35.42 -37.71
C ILE H 75 -32.56 -35.79 -37.28
N THR H 76 -33.44 -34.79 -37.19
CA THR H 76 -34.78 -35.05 -36.71
C THR H 76 -35.54 -36.00 -37.62
N SER H 77 -35.44 -35.80 -38.94
CA SER H 77 -36.18 -36.61 -39.89
C SER H 77 -35.32 -36.76 -41.14
N VAL H 78 -34.65 -37.90 -41.28
CA VAL H 78 -33.78 -38.13 -42.42
C VAL H 78 -34.61 -38.11 -43.70
N GLN H 79 -34.09 -37.46 -44.72
CA GLN H 79 -34.74 -37.34 -46.02
C GLN H 79 -33.85 -37.97 -47.09
N ALA H 80 -34.30 -37.88 -48.34
CA ALA H 80 -33.57 -38.46 -49.46
C ALA H 80 -32.30 -37.69 -49.80
N GLU H 81 -32.12 -36.48 -49.26
CA GLU H 81 -30.94 -35.67 -49.51
C GLU H 81 -29.97 -35.66 -48.34
N ASP H 82 -30.22 -36.46 -47.31
CA ASP H 82 -29.36 -36.54 -46.13
C ASP H 82 -28.38 -37.71 -46.19
N LEU H 83 -28.32 -38.41 -47.32
CA LEU H 83 -27.45 -39.58 -47.45
C LEU H 83 -26.09 -39.13 -47.96
N ALA H 84 -25.12 -39.05 -47.05
CA ALA H 84 -23.76 -38.66 -47.39
C ALA H 84 -22.88 -38.91 -46.18
N ASP H 85 -21.58 -38.77 -46.37
CA ASP H 85 -20.63 -38.91 -45.29
C ASP H 85 -20.59 -37.63 -44.46
N TYR H 86 -20.45 -37.79 -43.14
CA TYR H 86 -20.44 -36.67 -42.21
C TYR H 86 -19.17 -36.74 -41.37
N HIS H 87 -18.39 -35.66 -41.39
CA HIS H 87 -17.15 -35.55 -40.63
C HIS H 87 -17.27 -34.39 -39.65
N CYS H 88 -16.72 -34.59 -38.45
CA CYS H 88 -16.63 -33.53 -37.45
C CYS H 88 -15.18 -33.09 -37.36
N GLY H 89 -14.94 -31.80 -37.61
CA GLY H 89 -13.59 -31.28 -37.64
C GLY H 89 -13.36 -30.19 -36.62
N GLN H 90 -12.55 -30.48 -35.60
CA GLN H 90 -12.27 -29.51 -34.57
C GLN H 90 -11.27 -28.46 -35.07
N THR H 91 -11.18 -27.35 -34.34
CA THR H 91 -10.20 -26.32 -34.63
C THR H 91 -9.60 -25.72 -33.38
N TYR H 92 -9.83 -26.30 -32.19
CA TYR H 92 -9.24 -25.75 -30.97
C TYR H 92 -7.73 -25.76 -31.06
N ASN H 93 -7.14 -26.91 -31.37
CA ASN H 93 -5.75 -27.02 -31.76
C ASN H 93 -5.68 -26.97 -33.29
N TYR H 94 -4.56 -27.40 -33.87
CA TYR H 94 -4.50 -27.51 -35.32
C TYR H 94 -5.60 -28.45 -35.80
N PRO H 95 -6.17 -28.21 -36.99
CA PRO H 95 -7.34 -29.00 -37.41
C PRO H 95 -7.03 -30.49 -37.50
N THR H 96 -8.01 -31.29 -37.07
CA THR H 96 -7.94 -32.75 -37.21
C THR H 96 -9.37 -33.26 -37.33
N PHE H 97 -9.69 -33.88 -38.46
CA PHE H 97 -11.05 -34.29 -38.75
C PHE H 97 -11.32 -35.70 -38.23
N GLY H 98 -12.54 -36.17 -38.45
CA GLY H 98 -12.95 -37.50 -38.05
C GLY H 98 -12.99 -38.47 -39.22
N GLY H 99 -13.25 -39.74 -38.89
CA GLY H 99 -13.24 -40.78 -39.90
C GLY H 99 -14.30 -40.54 -40.98
N GLY H 100 -15.51 -40.20 -40.56
CA GLY H 100 -16.60 -39.96 -41.49
C GLY H 100 -17.63 -41.06 -41.49
N THR H 101 -18.75 -40.84 -40.80
CA THR H 101 -19.81 -41.84 -40.73
C THR H 101 -20.68 -41.77 -41.97
N LYS H 102 -21.04 -42.95 -42.48
CA LYS H 102 -21.83 -43.05 -43.70
C LYS H 102 -23.31 -43.20 -43.36
N LEU H 103 -24.16 -42.51 -44.10
CA LEU H 103 -25.61 -42.53 -43.91
C LEU H 103 -26.25 -43.18 -45.12
N GLU H 104 -27.15 -44.13 -44.87
CA GLU H 104 -27.81 -44.88 -45.92
C GLU H 104 -29.30 -45.02 -45.59
N ILE H 105 -30.06 -45.56 -46.53
CA ILE H 105 -31.50 -45.72 -46.38
C ILE H 105 -31.78 -46.61 -45.18
N TYR I 1 23.00 35.42 23.26
CA TYR I 1 23.66 35.27 21.94
C TYR I 1 24.78 34.25 22.02
N ILE I 2 25.46 34.04 20.89
CA ILE I 2 26.55 33.08 20.80
C ILE I 2 27.86 33.81 21.02
N VAL I 3 28.73 33.26 21.85
CA VAL I 3 30.01 33.87 22.19
C VAL I 3 31.09 33.20 21.34
N MET I 4 31.98 34.01 20.77
CA MET I 4 33.06 33.53 19.92
C MET I 4 34.35 33.63 20.72
N THR I 5 34.83 32.48 21.22
CA THR I 5 36.02 32.43 22.06
C THR I 5 37.24 32.23 21.18
N GLN I 6 37.87 33.34 20.80
CA GLN I 6 39.11 33.29 20.04
C GLN I 6 40.25 32.88 20.95
N SER I 7 40.65 31.62 20.87
CA SER I 7 41.69 31.12 21.76
C SER I 7 43.02 31.85 21.60
N PRO I 8 43.55 32.08 20.39
CA PRO I 8 44.85 32.74 20.28
C PRO I 8 44.72 34.25 20.44
N LYS I 9 45.21 34.76 21.56
CA LYS I 9 45.21 36.22 21.76
C LYS I 9 46.09 36.89 20.72
N SER I 10 47.28 36.34 20.47
CA SER I 10 48.20 36.87 19.48
C SER I 10 49.38 35.92 19.37
N MET I 11 50.09 36.01 18.25
CA MET I 11 51.26 35.18 17.99
C MET I 11 52.39 36.04 17.47
N SER I 12 53.61 35.57 17.69
CA SER I 12 54.83 36.23 17.22
C SER I 12 55.56 35.36 16.21
N MET I 13 54.81 34.64 15.40
CA MET I 13 55.40 33.76 14.41
C MET I 13 56.22 34.56 13.40
N SER I 14 57.33 33.96 12.95
CA SER I 14 58.21 34.61 12.00
C SER I 14 57.63 34.50 10.59
N LEU I 15 58.17 35.32 9.69
CA LEU I 15 57.69 35.35 8.31
C LEU I 15 57.95 34.01 7.64
N GLY I 16 57.08 33.67 6.69
CA GLY I 16 57.21 32.42 5.96
C GLY I 16 57.12 31.20 6.84
N GLU I 17 56.29 31.25 7.88
CA GLU I 17 56.14 30.15 8.82
C GLU I 17 54.66 29.79 8.92
N ARG I 18 54.40 28.51 9.21
CA ARG I 18 53.03 28.07 9.43
C ARG I 18 52.44 28.77 10.64
N VAL I 19 51.26 29.36 10.47
CA VAL I 19 50.56 30.05 11.54
C VAL I 19 49.09 29.62 11.51
N THR I 20 48.55 29.36 12.69
CA THR I 20 47.20 28.83 12.84
C THR I 20 46.46 29.61 13.91
N LEU I 21 45.13 29.54 13.85
CA LEU I 21 44.27 30.19 14.83
C LEU I 21 43.09 29.27 15.11
N SER I 22 42.38 29.56 16.20
CA SER I 22 41.22 28.78 16.61
C SER I 22 40.07 29.73 16.95
N CYS I 23 38.86 29.37 16.53
CA CYS I 23 37.65 30.16 16.77
C CYS I 23 36.59 29.24 17.36
N ARG I 24 36.60 29.09 18.68
CA ARG I 24 35.66 28.23 19.36
C ARG I 24 34.29 28.90 19.44
N ALA I 25 33.24 28.08 19.44
CA ALA I 25 31.87 28.54 19.58
C ALA I 25 31.21 27.80 20.73
N SER I 26 30.47 28.54 21.56
CA SER I 26 29.89 27.94 22.75
C SER I 26 28.78 26.95 22.40
N GLU I 27 27.89 27.33 21.49
CA GLU I 27 26.79 26.49 21.05
C GLU I 27 26.88 26.24 19.55
N TYR I 28 26.05 25.31 19.08
CA TYR I 28 26.05 24.91 17.68
C TYR I 28 25.88 26.13 16.78
N VAL I 29 26.73 26.21 15.75
CA VAL I 29 26.65 27.29 14.78
C VAL I 29 26.70 26.73 13.37
N GLY I 30 26.50 25.42 13.22
CA GLY I 30 26.50 24.83 11.89
C GLY I 30 27.83 25.04 11.22
N SER I 31 27.82 25.71 10.07
CA SER I 31 29.03 26.01 9.34
C SER I 31 29.00 27.42 8.78
N TYR I 32 28.34 28.34 9.47
CA TYR I 32 28.16 29.71 8.99
C TYR I 32 29.27 30.65 9.46
N VAL I 33 30.29 30.12 10.13
CA VAL I 33 31.36 30.98 10.64
C VAL I 33 32.07 31.67 9.48
N SER I 34 32.54 32.89 9.74
CA SER I 34 33.33 33.64 8.77
C SER I 34 34.52 34.25 9.50
N TRP I 35 35.59 34.49 8.75
CA TRP I 35 36.81 35.08 9.26
C TRP I 35 37.04 36.41 8.57
N TYR I 36 37.55 37.39 9.32
CA TYR I 36 37.80 38.72 8.81
C TYR I 36 39.19 39.18 9.22
N GLN I 37 39.81 39.96 8.33
CA GLN I 37 41.13 40.53 8.57
C GLN I 37 41.01 42.05 8.61
N GLN I 38 41.52 42.64 9.67
CA GLN I 38 41.40 44.09 9.91
C GLN I 38 42.80 44.67 10.10
N LYS I 39 43.35 45.26 9.05
CA LYS I 39 44.57 46.02 9.19
C LYS I 39 44.30 47.30 9.96
N PRO I 40 45.30 47.83 10.68
CA PRO I 40 45.05 49.03 11.48
C PRO I 40 44.60 50.20 10.62
N GLU I 41 43.65 50.97 11.15
CA GLU I 41 43.06 52.10 10.43
C GLU I 41 42.37 51.65 9.15
N GLN I 42 41.87 50.42 9.12
CA GLN I 42 41.17 49.87 7.97
C GLN I 42 40.01 49.02 8.46
N SER I 43 38.95 48.96 7.65
CA SER I 43 37.79 48.16 8.00
C SER I 43 38.12 46.69 7.85
N PRO I 44 37.33 45.81 8.48
CA PRO I 44 37.57 44.37 8.34
C PRO I 44 37.44 43.93 6.89
N LYS I 45 38.22 42.91 6.54
CA LYS I 45 38.24 42.34 5.19
C LYS I 45 37.95 40.85 5.28
N LEU I 46 37.03 40.39 4.43
CA LEU I 46 36.61 38.99 4.46
C LEU I 46 37.68 38.10 3.83
N LEU I 47 38.03 37.02 4.53
CA LEU I 47 38.97 36.03 4.00
C LEU I 47 38.28 34.70 3.71
N ILE I 48 37.63 34.10 4.69
CA ILE I 48 37.00 32.80 4.55
C ILE I 48 35.52 32.95 4.91
N TYR I 49 34.67 32.27 4.16
CA TYR I 49 33.23 32.28 4.39
C TYR I 49 32.73 30.85 4.39
N GLY I 50 31.63 30.64 5.08
CA GLY I 50 31.09 29.28 5.18
C GLY I 50 32.09 28.32 5.76
N ALA I 51 32.80 28.73 6.81
CA ALA I 51 33.78 27.90 7.49
C ALA I 51 35.03 27.69 6.63
N SER I 52 34.88 27.04 5.48
CA SER I 52 36.01 26.62 4.64
C SER I 52 36.12 27.39 3.34
N ASN I 53 35.01 27.70 2.68
CA ASN I 53 35.07 28.28 1.35
C ASN I 53 35.74 29.65 1.39
N ARG I 54 36.68 29.85 0.49
CA ARG I 54 37.50 31.07 0.47
C ARG I 54 36.86 32.12 -0.43
N TYR I 55 36.80 33.35 0.06
CA TYR I 55 36.17 34.42 -0.69
C TYR I 55 36.98 34.75 -1.94
N THR I 56 36.28 35.25 -2.95
CA THR I 56 36.92 35.58 -4.22
C THR I 56 37.85 36.78 -4.05
N GLY I 57 38.92 36.78 -4.84
CA GLY I 57 39.90 37.83 -4.77
C GLY I 57 40.84 37.74 -3.60
N VAL I 58 40.78 36.64 -2.85
CA VAL I 58 41.61 36.45 -1.66
C VAL I 58 42.82 35.62 -2.05
N PRO I 59 44.02 35.91 -1.55
CA PRO I 59 45.16 35.03 -1.82
C PRO I 59 44.91 33.63 -1.30
N ASP I 60 45.41 32.63 -2.04
CA ASP I 60 45.18 31.24 -1.72
C ASP I 60 45.90 30.79 -0.45
N ARG I 61 46.79 31.62 0.11
CA ARG I 61 47.55 31.21 1.28
C ARG I 61 46.63 30.88 2.45
N PHE I 62 45.59 31.68 2.66
CA PHE I 62 44.65 31.43 3.73
C PHE I 62 43.83 30.17 3.44
N ALA I 63 43.54 29.41 4.48
CA ALA I 63 42.81 28.16 4.30
C ALA I 63 42.01 27.89 5.58
N GLY I 64 40.69 28.05 5.49
CA GLY I 64 39.82 27.73 6.61
C GLY I 64 39.54 26.25 6.73
N SER I 65 39.06 25.86 7.92
CA SER I 65 38.70 24.48 8.16
C SER I 65 37.86 24.42 9.43
N GLY I 66 37.33 23.24 9.70
CA GLY I 66 36.67 22.98 10.96
C GLY I 66 35.16 22.82 10.80
N SER I 67 34.56 22.04 11.69
CA SER I 67 33.14 21.77 11.73
C SER I 67 32.46 22.70 12.75
N ALA I 68 31.20 22.41 13.05
CA ALA I 68 30.48 23.16 14.06
C ALA I 68 31.17 23.04 15.41
N THR I 69 31.23 24.15 16.15
CA THR I 69 31.83 24.24 17.48
C THR I 69 33.34 24.03 17.46
N ASP I 70 33.97 24.05 16.28
CA ASP I 70 35.42 23.95 16.19
C ASP I 70 35.85 24.54 14.86
N PHE I 71 36.42 25.73 14.89
CA PHE I 71 36.80 26.45 13.69
C PHE I 71 38.23 26.95 13.81
N THR I 72 39.01 26.75 12.76
CA THR I 72 40.41 27.14 12.75
C THR I 72 40.75 27.78 11.42
N LEU I 73 41.64 28.78 11.47
CA LEU I 73 42.16 29.43 10.29
C LEU I 73 43.67 29.25 10.28
N THR I 74 44.22 28.84 9.15
CA THR I 74 45.64 28.58 9.00
C THR I 74 46.16 29.26 7.75
N ILE I 75 47.43 29.65 7.81
CA ILE I 75 48.15 30.20 6.66
C ILE I 75 49.47 29.45 6.54
N THR I 76 49.74 28.91 5.35
CA THR I 76 50.93 28.09 5.15
C THR I 76 52.20 28.90 5.40
N SER I 77 52.32 30.06 4.73
CA SER I 77 53.53 30.87 4.80
C SER I 77 53.10 32.33 4.91
N VAL I 78 53.09 32.86 6.13
CA VAL I 78 52.74 34.25 6.33
C VAL I 78 53.74 35.14 5.61
N GLN I 79 53.23 36.17 4.95
CA GLN I 79 54.04 37.16 4.24
C GLN I 79 53.99 38.48 4.99
N ALA I 80 54.74 39.46 4.49
CA ALA I 80 54.81 40.75 5.15
C ALA I 80 53.46 41.44 5.16
N GLU I 81 52.75 41.41 4.03
CA GLU I 81 51.46 42.09 3.91
C GLU I 81 50.32 41.32 4.56
N ASP I 82 50.56 40.10 5.04
CA ASP I 82 49.52 39.27 5.63
C ASP I 82 49.54 39.30 7.16
N LEU I 83 49.87 40.45 7.75
CA LEU I 83 49.84 40.62 9.20
C LEU I 83 48.81 41.69 9.54
N ALA I 84 47.86 41.34 10.39
CA ALA I 84 46.77 42.24 10.78
C ALA I 84 46.01 41.59 11.93
N ASP I 85 44.90 42.20 12.31
CA ASP I 85 44.06 41.69 13.38
C ASP I 85 43.04 40.70 12.82
N TYR I 86 42.98 39.53 13.43
CA TYR I 86 42.10 38.46 12.99
C TYR I 86 41.04 38.21 14.06
N HIS I 87 39.77 38.37 13.67
CA HIS I 87 38.65 38.04 14.53
C HIS I 87 37.59 37.34 13.70
N CYS I 88 37.11 36.21 14.19
CA CYS I 88 36.11 35.44 13.48
C CYS I 88 34.72 35.98 13.78
N GLY I 89 33.71 35.33 13.21
CA GLY I 89 32.33 35.69 13.48
C GLY I 89 31.42 34.55 13.04
N GLN I 90 30.22 34.55 13.59
CA GLN I 90 29.23 33.54 13.27
C GLN I 90 27.90 34.22 12.95
N THR I 91 27.17 33.64 12.01
CA THR I 91 25.86 34.16 11.61
C THR I 91 24.77 33.11 11.70
N TYR I 92 25.01 32.00 12.41
CA TYR I 92 23.95 31.03 12.64
C TYR I 92 22.81 31.61 13.46
N ASN I 93 23.06 32.73 14.13
CA ASN I 93 22.05 33.46 14.88
C ASN I 93 22.31 34.94 14.58
N TYR I 94 21.80 35.82 15.41
CA TYR I 94 22.19 37.22 15.28
C TYR I 94 23.72 37.30 15.38
N PRO I 95 24.37 38.12 14.56
CA PRO I 95 25.83 38.02 14.46
C PRO I 95 26.53 38.36 15.76
N THR I 96 27.58 37.60 16.05
CA THR I 96 28.47 37.85 17.17
C THR I 96 29.91 37.57 16.73
N PHE I 97 30.82 38.44 17.14
CA PHE I 97 32.21 38.37 16.73
C PHE I 97 33.11 38.18 17.93
N GLY I 98 34.21 37.46 17.73
CA GLY I 98 35.21 37.27 18.76
C GLY I 98 36.23 38.41 18.77
N GLY I 99 37.12 38.35 19.75
CA GLY I 99 38.15 39.35 19.87
C GLY I 99 39.17 39.26 18.75
N GLY I 100 39.87 40.37 18.54
CA GLY I 100 40.89 40.41 17.53
C GLY I 100 42.08 39.55 17.87
N THR I 101 42.91 39.30 16.85
CA THR I 101 44.12 38.51 17.02
C THR I 101 45.17 39.03 16.05
N LYS I 102 46.27 39.53 16.58
CA LYS I 102 47.29 40.19 15.78
C LYS I 102 48.38 39.19 15.37
N LEU I 103 49.17 39.58 14.37
CA LEU I 103 50.32 38.83 13.92
C LEU I 103 51.56 39.72 14.01
N GLU I 104 52.64 39.17 14.56
CA GLU I 104 53.89 39.90 14.72
C GLU I 104 55.05 38.97 14.40
N ILE I 105 56.16 39.56 13.99
CA ILE I 105 57.37 38.80 13.66
C ILE I 105 58.21 38.60 14.92
#